data_4HS4
#
_entry.id   4HS4
#
_cell.length_a   90.422
_cell.length_b   92.146
_cell.length_c   188.013
_cell.angle_alpha   90.00
_cell.angle_beta   90.00
_cell.angle_gamma   90.00
#
_symmetry.space_group_name_H-M   'P 21 21 21'
#
loop_
_entity.id
_entity.type
_entity.pdbx_description
1 polymer 'Chromate reductase'
2 non-polymer 'FLAVIN MONONUCLEOTIDE'
3 water water
#
_entity_poly.entity_id   1
_entity_poly.type   'polypeptide(L)'
_entity_poly.pdbx_seq_one_letter_code
;MTTTSPLHFVTLLGSLRKASFNAAVARALPEIAPEGIAITPLGSIGTFPHYSQDVQEEGFPAPVLTMAQQIATADAVVIV
TPEYNYSVPGVLKNAIDWLSRVSPQPLAGKPVALVTASPGMIGGARAQNHLRQSLVFLDAYVLNRPEAMIGQVTGKVDAQ
TLELSDVATREFLARQLDALAALARTLSPRAITHHHHHH
;
_entity_poly.pdbx_strand_id   A,B,C,D,E,F,G,H
#
loop_
_chem_comp.id
_chem_comp.type
_chem_comp.name
_chem_comp.formula
FMN non-polymer 'FLAVIN MONONUCLEOTIDE' 'C17 H21 N4 O9 P'
#
# COMPACT_ATOMS: atom_id res chain seq x y z
N SER A 5 2.69 20.09 -47.89
CA SER A 5 1.72 19.02 -48.12
C SER A 5 1.39 18.26 -46.81
N PRO A 6 0.31 18.68 -46.13
CA PRO A 6 -0.06 18.09 -44.83
C PRO A 6 -0.72 16.71 -44.98
N LEU A 7 -0.23 15.69 -44.28
CA LEU A 7 -0.81 14.35 -44.32
C LEU A 7 -1.57 14.00 -43.03
N HIS A 8 -2.59 13.15 -43.15
CA HIS A 8 -3.33 12.64 -41.99
C HIS A 8 -3.29 11.10 -41.94
N PHE A 9 -2.73 10.53 -40.87
CA PHE A 9 -2.71 9.07 -40.72
C PHE A 9 -3.67 8.65 -39.59
N VAL A 10 -4.25 7.47 -39.71
CA VAL A 10 -5.03 6.92 -38.60
C VAL A 10 -4.40 5.65 -38.08
N THR A 11 -4.58 5.38 -36.78
CA THR A 11 -3.97 4.19 -36.17
C THR A 11 -5.04 3.19 -35.81
N LEU A 12 -4.76 1.93 -36.14
CA LEU A 12 -5.62 0.81 -35.82
C LEU A 12 -4.92 -0.05 -34.77
N LEU A 13 -5.58 -0.27 -33.63
CA LEU A 13 -4.93 -0.92 -32.49
C LEU A 13 -5.41 -2.36 -32.31
N GLY A 14 -4.47 -3.30 -32.19
CA GLY A 14 -4.80 -4.71 -32.16
C GLY A 14 -4.97 -5.37 -30.80
N SER A 15 -4.82 -4.60 -29.73
CA SER A 15 -4.97 -5.12 -28.36
C SER A 15 -6.07 -4.36 -27.62
N LEU A 16 -6.86 -5.07 -26.82
CA LEU A 16 -7.97 -4.45 -26.11
C LEU A 16 -7.64 -4.12 -24.65
N ARG A 17 -6.58 -4.70 -24.10
CA ARG A 17 -6.33 -4.55 -22.67
C ARG A 17 -5.83 -3.14 -22.31
N LYS A 18 -6.15 -2.72 -21.09
CA LYS A 18 -5.87 -1.34 -20.67
C LYS A 18 -4.39 -1.05 -20.68
N ALA A 19 -3.64 -2.01 -20.15
CA ALA A 19 -2.20 -1.87 -20.02
C ALA A 19 -1.41 -2.36 -21.24
N SER A 20 -2.05 -2.38 -22.41
CA SER A 20 -1.40 -2.87 -23.64
C SER A 20 -0.15 -2.05 -23.98
N PHE A 21 0.94 -2.75 -24.24
CA PHE A 21 2.17 -2.11 -24.68
C PHE A 21 2.02 -1.55 -26.07
N ASN A 22 1.28 -2.26 -26.91
CA ASN A 22 1.01 -1.78 -28.27
C ASN A 22 0.15 -0.51 -28.25
N ALA A 23 -0.77 -0.43 -27.29
CA ALA A 23 -1.56 0.80 -27.14
C ALA A 23 -0.64 1.97 -26.78
N ALA A 24 0.30 1.69 -25.87
CA ALA A 24 1.31 2.68 -25.48
C ALA A 24 2.08 3.16 -26.70
N VAL A 25 2.49 2.24 -27.55
CA VAL A 25 3.18 2.65 -28.76
C VAL A 25 2.27 3.48 -29.67
N ALA A 26 1.03 3.01 -29.85
CA ALA A 26 0.11 3.71 -30.74
C ALA A 26 -0.17 5.15 -30.27
N ARG A 27 -0.31 5.34 -28.95
CA ARG A 27 -0.57 6.69 -28.41
C ARG A 27 0.61 7.65 -28.61
N ALA A 28 1.83 7.11 -28.70
CA ALA A 28 3.02 7.94 -28.87
C ALA A 28 3.18 8.44 -30.29
N LEU A 29 2.58 7.74 -31.25
CA LEU A 29 2.81 8.09 -32.66
C LEU A 29 2.49 9.54 -33.04
N PRO A 30 1.36 10.11 -32.53
CA PRO A 30 1.12 11.49 -32.99
C PRO A 30 2.14 12.54 -32.53
N GLU A 31 2.75 12.39 -31.35
CA GLU A 31 3.79 13.34 -30.91
C GLU A 31 5.12 13.04 -31.60
N ILE A 32 5.33 11.77 -31.96
CA ILE A 32 6.50 11.28 -32.69
C ILE A 32 6.47 11.75 -34.16
N ALA A 33 5.27 11.97 -34.69
CA ALA A 33 5.05 12.29 -36.11
C ALA A 33 5.89 13.49 -36.56
N PRO A 34 6.65 13.31 -37.66
CA PRO A 34 7.44 14.38 -38.26
C PRO A 34 6.57 15.50 -38.78
N GLU A 35 7.16 16.68 -39.01
CA GLU A 35 6.40 17.84 -39.44
C GLU A 35 5.69 17.55 -40.75
N GLY A 36 4.43 17.99 -40.85
CA GLY A 36 3.65 17.72 -42.03
C GLY A 36 2.74 16.50 -41.90
N ILE A 37 2.79 15.84 -40.75
CA ILE A 37 1.99 14.64 -40.51
C ILE A 37 1.21 14.68 -39.20
N ALA A 38 -0.11 14.58 -39.30
CA ALA A 38 -0.95 14.48 -38.13
C ALA A 38 -1.48 13.07 -38.03
N ILE A 39 -1.51 12.53 -36.81
CA ILE A 39 -1.92 11.15 -36.58
C ILE A 39 -3.01 11.08 -35.48
N THR A 40 -4.11 10.39 -35.78
CA THR A 40 -5.22 10.21 -34.83
C THR A 40 -5.62 8.75 -34.70
N PRO A 41 -6.10 8.32 -33.52
CA PRO A 41 -6.51 6.93 -33.30
C PRO A 41 -7.90 6.61 -33.89
N LEU A 42 -8.05 5.42 -34.47
CA LEU A 42 -9.37 4.94 -34.85
C LEU A 42 -10.14 4.52 -33.60
N GLY A 43 -11.44 4.23 -33.78
CA GLY A 43 -12.23 3.66 -32.70
C GLY A 43 -11.75 2.27 -32.36
N SER A 44 -12.24 1.72 -31.25
CA SER A 44 -11.79 0.40 -30.81
C SER A 44 -12.38 -0.73 -31.67
N ILE A 45 -11.57 -1.75 -31.94
CA ILE A 45 -12.06 -2.92 -32.68
C ILE A 45 -12.95 -3.78 -31.80
N GLY A 46 -12.92 -3.52 -30.49
CA GLY A 46 -13.69 -4.27 -29.52
C GLY A 46 -15.18 -4.04 -29.62
N THR A 47 -15.57 -2.97 -30.32
CA THR A 47 -16.98 -2.63 -30.51
C THR A 47 -17.63 -3.40 -31.68
N PHE A 48 -16.80 -4.05 -32.51
CA PHE A 48 -17.30 -4.82 -33.65
C PHE A 48 -17.90 -6.14 -33.18
N PRO A 49 -19.04 -6.56 -33.75
CA PRO A 49 -19.44 -7.92 -33.43
C PRO A 49 -18.60 -8.89 -34.25
N HIS A 50 -18.67 -10.18 -33.94
CA HIS A 50 -17.99 -11.18 -34.76
C HIS A 50 -18.52 -11.06 -36.18
N TYR A 51 -17.66 -11.23 -37.18
CA TYR A 51 -18.16 -11.19 -38.55
C TYR A 51 -19.13 -12.33 -38.82
N SER A 52 -20.23 -11.98 -39.48
CA SER A 52 -21.18 -12.97 -39.97
C SER A 52 -21.92 -12.36 -41.15
N GLN A 53 -22.02 -13.12 -42.24
CA GLN A 53 -22.73 -12.61 -43.42
C GLN A 53 -24.20 -12.36 -43.09
N ASP A 54 -24.76 -13.15 -42.19
CA ASP A 54 -26.14 -12.94 -41.73
C ASP A 54 -26.31 -11.56 -41.10
N VAL A 55 -25.34 -11.16 -40.28
CA VAL A 55 -25.39 -9.82 -39.69
C VAL A 55 -25.24 -8.74 -40.75
N GLN A 56 -24.33 -8.98 -41.70
CA GLN A 56 -24.08 -8.05 -42.79
C GLN A 56 -25.32 -7.77 -43.64
N GLU A 57 -26.08 -8.82 -43.97
CA GLU A 57 -27.32 -8.66 -44.73
C GLU A 57 -28.30 -7.73 -44.04
N GLU A 58 -28.40 -7.88 -42.73
CA GLU A 58 -29.28 -7.05 -41.92
C GLU A 58 -28.81 -5.60 -41.95
N GLY A 59 -27.49 -5.41 -42.13
CA GLY A 59 -26.88 -4.10 -42.18
C GLY A 59 -25.52 -4.09 -41.49
N PHE A 60 -24.61 -3.28 -42.03
CA PHE A 60 -23.28 -3.17 -41.43
C PHE A 60 -23.37 -2.51 -40.06
N PRO A 61 -22.67 -3.08 -39.07
CA PRO A 61 -22.65 -2.42 -37.76
C PRO A 61 -22.12 -1.01 -37.92
N ALA A 62 -22.73 -0.04 -37.23
CA ALA A 62 -22.31 1.36 -37.32
C ALA A 62 -20.80 1.61 -37.08
N PRO A 63 -20.19 0.97 -36.05
CA PRO A 63 -18.76 1.24 -35.88
C PRO A 63 -17.90 0.79 -37.07
N VAL A 64 -18.36 -0.24 -37.81
CA VAL A 64 -17.63 -0.69 -39.00
C VAL A 64 -17.67 0.40 -40.08
N LEU A 65 -18.85 0.96 -40.35
CA LEU A 65 -18.99 2.02 -41.35
C LEU A 65 -18.23 3.29 -40.94
N THR A 66 -18.24 3.60 -39.65
CA THR A 66 -17.50 4.76 -39.15
C THR A 66 -15.99 4.61 -39.40
N MET A 67 -15.45 3.44 -39.07
CA MET A 67 -14.01 3.20 -39.27
C MET A 67 -13.65 3.19 -40.76
N ALA A 68 -14.47 2.54 -41.58
CA ALA A 68 -14.20 2.49 -43.01
C ALA A 68 -14.09 3.89 -43.60
N GLN A 69 -14.95 4.80 -43.14
CA GLN A 69 -14.94 6.17 -43.65
C GLN A 69 -13.70 6.92 -43.16
N GLN A 70 -13.30 6.71 -41.91
CA GLN A 70 -12.07 7.35 -41.44
C GLN A 70 -10.87 6.82 -42.19
N ILE A 71 -10.85 5.51 -42.46
CA ILE A 71 -9.74 4.94 -43.22
C ILE A 71 -9.75 5.48 -44.65
N ALA A 72 -10.94 5.49 -45.27
CA ALA A 72 -11.09 5.99 -46.63
C ALA A 72 -10.55 7.42 -46.83
N THR A 73 -10.78 8.29 -45.84
CA THR A 73 -10.34 9.69 -45.96
C THR A 73 -8.92 9.91 -45.48
N ALA A 74 -8.36 8.95 -44.73
CA ALA A 74 -6.98 9.10 -44.25
C ALA A 74 -6.01 8.93 -45.40
N ASP A 75 -4.82 9.53 -45.26
CA ASP A 75 -3.77 9.37 -46.26
C ASP A 75 -3.02 8.05 -46.09
N ALA A 76 -3.06 7.50 -44.88
CA ALA A 76 -2.42 6.23 -44.61
C ALA A 76 -2.91 5.64 -43.30
N VAL A 77 -2.64 4.35 -43.11
CA VAL A 77 -3.01 3.68 -41.89
C VAL A 77 -1.77 3.10 -41.23
N VAL A 78 -1.66 3.25 -39.92
CA VAL A 78 -0.63 2.53 -39.20
C VAL A 78 -1.34 1.52 -38.32
N ILE A 79 -1.06 0.24 -38.55
CA ILE A 79 -1.63 -0.83 -37.75
C ILE A 79 -0.64 -1.22 -36.68
N VAL A 80 -1.04 -1.11 -35.41
CA VAL A 80 -0.15 -1.42 -34.29
C VAL A 80 -0.73 -2.62 -33.53
N THR A 81 0.00 -3.73 -33.46
CA THR A 81 -0.61 -4.94 -32.92
C THR A 81 0.36 -5.90 -32.28
N PRO A 82 -0.09 -6.63 -31.27
CA PRO A 82 0.74 -7.76 -30.83
C PRO A 82 0.58 -8.95 -31.77
N GLU A 83 1.35 -9.99 -31.47
CA GLU A 83 1.28 -11.27 -32.15
C GLU A 83 0.74 -12.29 -31.15
N TYR A 84 -0.32 -12.99 -31.53
CA TYR A 84 -0.87 -14.06 -30.71
C TYR A 84 -0.70 -15.37 -31.45
N ASN A 85 -0.08 -16.35 -30.80
CA ASN A 85 0.02 -17.69 -31.37
C ASN A 85 0.58 -17.70 -32.79
N TYR A 86 1.69 -16.99 -32.99
CA TYR A 86 2.39 -16.94 -34.27
C TYR A 86 1.55 -16.35 -35.41
N SER A 87 0.56 -15.53 -35.08
CA SER A 87 -0.26 -14.91 -36.12
C SER A 87 -0.89 -13.62 -35.59
N VAL A 88 -1.86 -13.10 -36.32
CA VAL A 88 -2.51 -11.87 -35.89
C VAL A 88 -3.63 -12.18 -34.91
N PRO A 89 -3.82 -11.30 -33.92
CA PRO A 89 -4.91 -11.49 -32.95
C PRO A 89 -6.25 -11.62 -33.68
N GLY A 90 -7.05 -12.59 -33.24
CA GLY A 90 -8.36 -12.84 -33.84
C GLY A 90 -9.25 -11.62 -33.88
N VAL A 91 -9.26 -10.86 -32.79
CA VAL A 91 -10.07 -9.64 -32.75
C VAL A 91 -9.66 -8.65 -33.84
N LEU A 92 -8.36 -8.52 -34.08
CA LEU A 92 -7.89 -7.59 -35.10
C LEU A 92 -8.26 -8.08 -36.49
N LYS A 93 -8.02 -9.37 -36.73
CA LYS A 93 -8.40 -9.99 -38.00
C LYS A 93 -9.92 -9.83 -38.24
N ASN A 94 -10.68 -9.95 -37.15
CA ASN A 94 -12.13 -9.78 -37.25
C ASN A 94 -12.48 -8.39 -37.78
N ALA A 95 -11.73 -7.39 -37.35
CA ALA A 95 -11.94 -6.03 -37.82
C ALA A 95 -11.65 -5.88 -39.31
N ILE A 96 -10.54 -6.48 -39.73
CA ILE A 96 -10.16 -6.50 -41.14
C ILE A 96 -11.23 -7.22 -41.95
N ASP A 97 -11.74 -8.33 -41.43
CA ASP A 97 -12.78 -9.09 -42.13
C ASP A 97 -13.99 -8.18 -42.38
N TRP A 98 -14.41 -7.45 -41.36
CA TRP A 98 -15.54 -6.51 -41.51
C TRP A 98 -15.26 -5.40 -42.53
N LEU A 99 -14.09 -4.74 -42.39
CA LEU A 99 -13.70 -3.65 -43.29
C LEU A 99 -13.64 -4.11 -44.74
N SER A 100 -13.19 -5.34 -44.96
CA SER A 100 -13.00 -5.86 -46.31
C SER A 100 -14.30 -6.00 -47.09
N ARG A 101 -15.43 -6.00 -46.38
CA ARG A 101 -16.72 -6.21 -47.03
C ARG A 101 -17.45 -4.89 -47.35
N VAL A 102 -16.93 -3.77 -46.85
CA VAL A 102 -17.54 -2.46 -47.10
C VAL A 102 -17.31 -2.05 -48.55
N SER A 103 -18.29 -1.38 -49.16
CA SER A 103 -18.14 -0.81 -50.50
C SER A 103 -18.22 0.72 -50.47
N PRO A 104 -17.20 1.39 -51.04
CA PRO A 104 -16.01 0.75 -51.61
C PRO A 104 -15.11 0.21 -50.50
N GLN A 105 -14.25 -0.74 -50.80
CA GLN A 105 -13.45 -1.31 -49.72
C GLN A 105 -12.28 -0.38 -49.39
N PRO A 106 -12.25 0.07 -48.13
CA PRO A 106 -11.46 1.23 -47.72
C PRO A 106 -9.94 1.03 -47.77
N LEU A 107 -9.47 -0.21 -47.76
CA LEU A 107 -8.02 -0.41 -47.74
C LEU A 107 -7.41 -0.50 -49.15
N ALA A 108 -8.25 -0.59 -50.19
CA ALA A 108 -7.72 -0.69 -51.56
C ALA A 108 -6.96 0.57 -51.95
N GLY A 109 -5.69 0.40 -52.32
CA GLY A 109 -4.87 1.54 -52.69
C GLY A 109 -4.38 2.36 -51.50
N LYS A 110 -4.69 1.92 -50.28
CA LYS A 110 -4.30 2.66 -49.08
C LYS A 110 -2.85 2.34 -48.66
N PRO A 111 -2.03 3.39 -48.44
CA PRO A 111 -0.70 3.14 -47.88
C PRO A 111 -0.84 2.68 -46.42
N VAL A 112 -0.10 1.64 -46.05
CA VAL A 112 -0.21 1.09 -44.70
C VAL A 112 1.18 0.80 -44.15
N ALA A 113 1.39 1.13 -42.88
CA ALA A 113 2.60 0.69 -42.18
C ALA A 113 2.20 -0.21 -41.02
N LEU A 114 3.04 -1.19 -40.73
CA LEU A 114 2.78 -2.14 -39.65
C LEU A 114 3.75 -1.91 -38.50
N VAL A 115 3.24 -1.98 -37.28
CA VAL A 115 4.07 -1.89 -36.10
C VAL A 115 3.65 -2.97 -35.13
N THR A 116 4.61 -3.75 -34.64
CA THR A 116 4.29 -4.75 -33.63
C THR A 116 5.24 -4.62 -32.45
N ALA A 117 4.70 -4.77 -31.24
CA ALA A 117 5.50 -4.73 -30.01
C ALA A 117 5.29 -6.01 -29.21
N SER A 118 6.38 -6.52 -28.65
CA SER A 118 6.35 -7.79 -27.92
C SER A 118 7.34 -7.79 -26.77
N PRO A 119 7.02 -8.53 -25.69
CA PRO A 119 8.00 -8.70 -24.61
C PRO A 119 9.19 -9.58 -25.02
N GLY A 120 9.03 -10.38 -26.08
CA GLY A 120 10.07 -11.31 -26.48
C GLY A 120 11.12 -10.64 -27.35
N MET A 121 11.67 -11.39 -28.31
CA MET A 121 12.74 -10.88 -29.17
C MET A 121 12.33 -10.77 -30.65
N ILE A 122 11.41 -11.63 -31.06
CA ILE A 122 10.93 -11.64 -32.44
C ILE A 122 10.14 -10.37 -32.76
N GLY A 123 9.40 -9.87 -31.78
CA GLY A 123 8.72 -8.59 -31.92
C GLY A 123 7.59 -8.54 -32.92
N GLY A 124 6.95 -9.69 -33.16
CA GLY A 124 5.76 -9.74 -34.00
C GLY A 124 5.94 -9.93 -35.50
N ALA A 125 7.07 -10.52 -35.90
CA ALA A 125 7.37 -10.75 -37.32
C ALA A 125 6.34 -11.61 -38.04
N ARG A 126 5.86 -12.64 -37.34
CA ARG A 126 4.91 -13.60 -37.92
C ARG A 126 3.52 -12.99 -38.14
N ALA A 127 3.08 -12.19 -37.17
CA ALA A 127 1.83 -11.48 -37.28
C ALA A 127 1.88 -10.52 -38.46
N GLN A 128 3.00 -9.83 -38.62
CA GLN A 128 3.16 -8.91 -39.74
C GLN A 128 3.15 -9.64 -41.10
N ASN A 129 3.79 -10.80 -41.15
CA ASN A 129 3.75 -11.66 -42.35
C ASN A 129 2.30 -12.02 -42.74
N HIS A 130 1.53 -12.55 -41.80
CA HIS A 130 0.13 -12.92 -42.08
C HIS A 130 -0.72 -11.69 -42.42
N LEU A 131 -0.47 -10.58 -41.73
CA LEU A 131 -1.18 -9.33 -42.02
C LEU A 131 -0.89 -8.82 -43.44
N ARG A 132 0.39 -8.85 -43.82
CA ARG A 132 0.80 -8.48 -45.19
C ARG A 132 0.07 -9.33 -46.23
N GLN A 133 -0.02 -10.63 -45.97
CA GLN A 133 -0.70 -11.54 -46.90
C GLN A 133 -2.16 -11.13 -47.12
N SER A 134 -2.89 -10.82 -46.04
CA SER A 134 -4.27 -10.34 -46.16
C SER A 134 -4.36 -9.01 -46.86
N LEU A 135 -3.42 -8.12 -46.54
CA LEU A 135 -3.42 -6.78 -47.12
C LEU A 135 -3.14 -6.80 -48.63
N VAL A 136 -2.38 -7.77 -49.09
CA VAL A 136 -2.18 -7.93 -50.54
C VAL A 136 -3.54 -8.17 -51.22
N PHE A 137 -4.30 -9.08 -50.64
CA PHE A 137 -5.61 -9.42 -51.17
C PHE A 137 -6.52 -8.19 -51.22
N LEU A 138 -6.36 -7.30 -50.25
CA LEU A 138 -7.18 -6.09 -50.20
C LEU A 138 -6.59 -4.93 -50.98
N ASP A 139 -5.53 -5.21 -51.73
CA ASP A 139 -4.89 -4.21 -52.59
C ASP A 139 -4.35 -2.98 -51.85
N ALA A 140 -3.95 -3.15 -50.59
CA ALA A 140 -3.30 -2.06 -49.86
C ALA A 140 -1.84 -1.97 -50.28
N TYR A 141 -1.23 -0.82 -50.06
CA TYR A 141 0.20 -0.68 -50.31
C TYR A 141 0.94 -0.67 -48.99
N VAL A 142 1.47 -1.81 -48.57
CA VAL A 142 2.13 -1.80 -47.28
C VAL A 142 3.63 -1.54 -47.36
N LEU A 143 4.07 -0.61 -46.54
CA LEU A 143 5.47 -0.14 -46.50
C LEU A 143 6.40 -1.33 -46.36
N ASN A 144 7.39 -1.45 -47.24
CA ASN A 144 8.37 -2.53 -47.13
C ASN A 144 9.38 -2.31 -46.00
N ARG A 145 9.88 -1.08 -45.92
CA ARG A 145 11.00 -0.69 -45.05
C ARG A 145 10.79 0.73 -44.55
N PRO A 146 11.21 1.01 -43.31
CA PRO A 146 11.76 0.05 -42.34
C PRO A 146 10.64 -0.74 -41.65
N GLU A 147 10.97 -1.97 -41.28
CA GLU A 147 10.05 -2.84 -40.56
C GLU A 147 10.13 -2.57 -39.07
N ALA A 148 8.99 -2.41 -38.43
CA ALA A 148 8.96 -2.04 -37.02
C ALA A 148 8.49 -3.17 -36.15
N MET A 149 9.43 -3.95 -35.65
CA MET A 149 9.16 -4.98 -34.66
C MET A 149 9.86 -4.58 -33.36
N ILE A 150 9.07 -4.18 -32.38
CA ILE A 150 9.65 -3.69 -31.15
C ILE A 150 9.72 -4.81 -30.12
N GLY A 151 10.91 -5.39 -29.95
CA GLY A 151 11.08 -6.46 -28.98
C GLY A 151 11.36 -5.88 -27.61
N GLN A 152 11.27 -6.72 -26.57
CA GLN A 152 11.56 -6.32 -25.20
C GLN A 152 10.87 -5.01 -24.81
N VAL A 153 9.59 -4.89 -25.15
CA VAL A 153 8.89 -3.63 -25.01
C VAL A 153 8.72 -3.23 -23.54
N THR A 154 8.80 -4.21 -22.64
CA THR A 154 8.59 -3.95 -21.21
C THR A 154 9.55 -2.90 -20.67
N GLY A 155 10.79 -2.90 -21.16
CA GLY A 155 11.79 -1.93 -20.71
C GLY A 155 11.86 -0.69 -21.56
N LYS A 156 10.93 -0.59 -22.50
CA LYS A 156 10.88 0.55 -23.40
C LYS A 156 9.70 1.47 -23.11
N VAL A 157 8.66 0.92 -22.50
CA VAL A 157 7.59 1.76 -21.99
C VAL A 157 7.58 1.62 -20.49
N ASP A 158 7.40 2.74 -19.81
CA ASP A 158 7.46 2.70 -18.37
C ASP A 158 6.10 2.35 -17.80
N ALA A 159 6.11 1.37 -16.90
CA ALA A 159 4.90 0.92 -16.24
C ALA A 159 4.34 2.05 -15.38
N GLN A 160 3.12 1.87 -14.91
CA GLN A 160 2.41 2.86 -14.09
C GLN A 160 2.03 4.11 -14.89
N THR A 161 2.87 4.51 -15.84
CA THR A 161 2.59 5.71 -16.59
C THR A 161 2.21 5.48 -18.05
N LEU A 162 2.18 4.22 -18.49
CA LEU A 162 1.54 3.90 -19.77
C LEU A 162 2.28 4.39 -21.03
N GLU A 163 3.31 5.22 -20.85
CA GLU A 163 3.91 5.93 -21.98
C GLU A 163 5.19 5.32 -22.54
N LEU A 164 5.36 5.42 -23.87
CA LEU A 164 6.58 4.98 -24.54
C LEU A 164 7.67 6.03 -24.33
N SER A 165 8.71 5.66 -23.59
CA SER A 165 9.75 6.59 -23.21
C SER A 165 11.07 6.34 -23.94
N ASP A 166 11.25 5.13 -24.45
CA ASP A 166 12.49 4.74 -25.11
C ASP A 166 12.83 5.63 -26.30
N VAL A 167 13.89 6.42 -26.17
CA VAL A 167 14.25 7.41 -27.19
C VAL A 167 14.66 6.74 -28.52
N ALA A 168 15.34 5.61 -28.44
CA ALA A 168 15.74 4.87 -29.65
C ALA A 168 14.52 4.38 -30.43
N THR A 169 13.52 3.89 -29.70
CA THR A 169 12.29 3.39 -30.33
C THR A 169 11.55 4.53 -31.02
N ARG A 170 11.46 5.67 -30.34
CA ARG A 170 10.82 6.85 -30.90
C ARG A 170 11.45 7.33 -32.20
N GLU A 171 12.78 7.35 -32.23
CA GLU A 171 13.48 7.76 -33.45
C GLU A 171 13.23 6.77 -34.59
N PHE A 172 13.23 5.48 -34.30
CA PHE A 172 12.97 4.45 -35.32
C PHE A 172 11.57 4.61 -35.90
N LEU A 173 10.58 4.79 -35.02
CA LEU A 173 9.19 4.95 -35.43
C LEU A 173 8.98 6.22 -36.24
N ALA A 174 9.66 7.31 -35.86
CA ALA A 174 9.58 8.56 -36.62
C ALA A 174 10.10 8.37 -38.03
N ARG A 175 11.22 7.65 -38.15
CA ARG A 175 11.77 7.39 -39.48
C ARG A 175 10.80 6.49 -40.27
N GLN A 176 10.15 5.55 -39.59
CA GLN A 176 9.16 4.74 -40.32
C GLN A 176 8.01 5.61 -40.82
N LEU A 177 7.57 6.54 -39.97
CA LEU A 177 6.49 7.44 -40.37
C LEU A 177 6.90 8.31 -41.56
N ASP A 178 8.16 8.75 -41.59
CA ASP A 178 8.69 9.50 -42.73
C ASP A 178 8.60 8.68 -44.02
N ALA A 179 8.96 7.40 -43.95
CA ALA A 179 8.90 6.50 -45.10
C ALA A 179 7.46 6.29 -45.55
N LEU A 180 6.53 6.21 -44.60
CA LEU A 180 5.11 6.04 -44.97
C LEU A 180 4.60 7.27 -45.69
N ALA A 181 4.98 8.44 -45.19
CA ALA A 181 4.61 9.69 -45.84
C ALA A 181 5.12 9.72 -47.28
N ALA A 182 6.37 9.30 -47.48
CA ALA A 182 6.94 9.28 -48.82
C ALA A 182 6.18 8.32 -49.74
N LEU A 183 5.83 7.14 -49.20
CA LEU A 183 5.07 6.15 -49.96
C LEU A 183 3.72 6.75 -50.34
N ALA A 184 3.06 7.36 -49.37
CA ALA A 184 1.75 7.99 -49.61
C ALA A 184 1.80 9.08 -50.68
N ARG A 185 2.82 9.94 -50.61
CA ARG A 185 2.94 11.02 -51.59
C ARG A 185 3.31 10.50 -52.98
N THR A 186 4.10 9.43 -53.01
CA THR A 186 4.47 8.80 -54.29
C THR A 186 3.28 8.20 -55.01
N LEU A 187 2.40 7.54 -54.27
CA LEU A 187 1.26 6.86 -54.84
C LEU A 187 0.11 7.80 -55.19
N SER A 188 0.10 8.99 -54.60
CA SER A 188 -0.96 9.96 -54.84
C SER A 188 -0.88 10.51 -56.27
N SER B 5 8.78 25.25 9.46
CA SER B 5 8.53 24.13 8.55
C SER B 5 9.73 23.19 8.56
N PRO B 6 9.64 22.09 9.33
CA PRO B 6 10.83 21.25 9.44
C PRO B 6 11.15 20.55 8.12
N LEU B 7 11.93 21.23 7.30
CA LEU B 7 12.37 20.72 6.01
C LEU B 7 13.11 19.40 6.19
N HIS B 8 12.99 18.52 5.19
CA HIS B 8 13.69 17.26 5.20
C HIS B 8 14.63 17.15 4.02
N PHE B 9 15.92 17.01 4.34
CA PHE B 9 16.96 16.83 3.34
C PHE B 9 17.38 15.38 3.42
N VAL B 10 17.75 14.81 2.28
CA VAL B 10 18.33 13.49 2.27
C VAL B 10 19.73 13.58 1.68
N THR B 11 20.62 12.72 2.13
CA THR B 11 22.01 12.70 1.67
C THR B 11 22.31 11.46 0.85
N LEU B 12 22.98 11.66 -0.28
CA LEU B 12 23.42 10.56 -1.16
C LEU B 12 24.93 10.49 -1.08
N LEU B 13 25.45 9.32 -0.71
CA LEU B 13 26.88 9.16 -0.42
C LEU B 13 27.59 8.43 -1.54
N GLY B 14 28.71 8.99 -1.99
CA GLY B 14 29.39 8.46 -3.17
C GLY B 14 30.52 7.48 -2.95
N SER B 15 30.83 7.17 -1.68
CA SER B 15 31.90 6.22 -1.38
C SER B 15 31.38 5.06 -0.55
N LEU B 16 31.88 3.85 -0.83
CA LEU B 16 31.41 2.63 -0.17
C LEU B 16 32.29 2.19 1.00
N ARG B 17 33.49 2.74 1.11
CA ARG B 17 34.43 2.24 2.12
C ARG B 17 34.10 2.68 3.55
N LYS B 18 34.51 1.85 4.50
CA LYS B 18 34.16 2.01 5.91
C LYS B 18 34.68 3.32 6.49
N ALA B 19 35.95 3.61 6.19
CA ALA B 19 36.63 4.80 6.69
C ALA B 19 36.53 6.02 5.75
N SER B 20 35.49 6.05 4.91
CA SER B 20 35.35 7.13 3.94
C SER B 20 35.32 8.50 4.59
N PHE B 21 36.14 9.42 4.08
CA PHE B 21 36.10 10.79 4.56
C PHE B 21 34.81 11.48 4.16
N ASN B 22 34.33 11.17 2.95
CA ASN B 22 33.05 11.73 2.49
C ASN B 22 31.90 11.21 3.35
N ALA B 23 31.98 9.96 3.80
CA ALA B 23 30.97 9.44 4.74
C ALA B 23 31.00 10.23 6.06
N ALA B 24 32.21 10.51 6.54
CA ALA B 24 32.37 11.32 7.75
C ALA B 24 31.73 12.69 7.58
N VAL B 25 31.92 13.31 6.42
CA VAL B 25 31.28 14.60 6.18
C VAL B 25 29.75 14.47 6.16
N ALA B 26 29.25 13.43 5.50
CA ALA B 26 27.81 13.22 5.38
C ALA B 26 27.13 13.03 6.73
N ARG B 27 27.77 12.26 7.59
CA ARG B 27 27.23 12.01 8.93
C ARG B 27 27.23 13.27 9.81
N ALA B 28 28.12 14.21 9.49
CA ALA B 28 28.22 15.43 10.29
C ALA B 28 27.05 16.39 10.01
N LEU B 29 26.45 16.25 8.82
CA LEU B 29 25.43 17.20 8.38
C LEU B 29 24.20 17.36 9.31
N PRO B 30 23.66 16.25 9.85
CA PRO B 30 22.47 16.51 10.69
C PRO B 30 22.74 17.26 12.01
N GLU B 31 23.94 17.11 12.58
CA GLU B 31 24.28 17.88 13.78
C GLU B 31 24.62 19.32 13.41
N ILE B 32 25.17 19.50 12.22
CA ILE B 32 25.52 20.83 11.71
C ILE B 32 24.24 21.59 11.34
N ALA B 33 23.23 20.84 10.92
CA ALA B 33 21.99 21.40 10.41
C ALA B 33 21.32 22.36 11.39
N PRO B 34 20.98 23.56 10.92
CA PRO B 34 20.23 24.54 11.71
C PRO B 34 18.81 24.05 12.01
N GLU B 35 18.19 24.67 13.01
CA GLU B 35 16.84 24.28 13.43
C GLU B 35 15.85 24.43 12.27
N GLY B 36 14.96 23.46 12.12
CA GLY B 36 14.02 23.47 11.00
C GLY B 36 14.45 22.61 9.84
N ILE B 37 15.62 21.99 9.94
CA ILE B 37 16.11 21.13 8.87
C ILE B 37 16.50 19.78 9.45
N ALA B 38 15.83 18.74 8.99
CA ALA B 38 16.17 17.39 9.40
C ALA B 38 16.89 16.75 8.22
N ILE B 39 17.93 15.98 8.52
CA ILE B 39 18.73 15.38 7.45
C ILE B 39 18.83 13.89 7.65
N THR B 40 18.43 13.11 6.64
CA THR B 40 18.59 11.65 6.78
C THR B 40 19.29 11.06 5.56
N PRO B 41 20.10 10.03 5.81
CA PRO B 41 20.84 9.40 4.71
C PRO B 41 19.93 8.48 3.88
N LEU B 42 20.14 8.48 2.58
CA LEU B 42 19.48 7.53 1.70
C LEU B 42 20.12 6.16 1.90
N GLY B 43 19.52 5.13 1.31
CA GLY B 43 20.13 3.81 1.35
C GLY B 43 21.43 3.81 0.58
N SER B 44 22.19 2.74 0.70
CA SER B 44 23.50 2.67 0.07
C SER B 44 23.45 2.46 -1.44
N ILE B 45 24.35 3.12 -2.18
CA ILE B 45 24.40 2.91 -3.63
C ILE B 45 25.00 1.55 -3.94
N GLY B 46 25.63 0.93 -2.93
CA GLY B 46 26.24 -0.38 -3.11
C GLY B 46 25.22 -1.49 -3.28
N THR B 47 23.98 -1.21 -2.92
CA THR B 47 22.91 -2.19 -3.05
C THR B 47 22.30 -2.20 -4.47
N PHE B 48 22.66 -1.21 -5.30
CA PHE B 48 22.14 -1.17 -6.68
C PHE B 48 22.90 -2.15 -7.56
N PRO B 49 22.18 -2.86 -8.45
CA PRO B 49 22.98 -3.58 -9.45
C PRO B 49 23.47 -2.57 -10.52
N HIS B 50 24.38 -3.02 -11.38
CA HIS B 50 24.80 -2.20 -12.52
C HIS B 50 23.58 -1.91 -13.38
N TYR B 51 23.49 -0.69 -13.90
CA TYR B 51 22.37 -0.39 -14.76
C TYR B 51 22.39 -1.26 -16.02
N SER B 52 21.23 -1.81 -16.36
CA SER B 52 21.07 -2.49 -17.64
C SER B 52 19.59 -2.40 -18.00
N GLN B 53 19.31 -2.06 -19.24
CA GLN B 53 17.93 -1.99 -19.69
C GLN B 53 17.26 -3.36 -19.57
N ASP B 54 18.04 -4.41 -19.76
CA ASP B 54 17.54 -5.79 -19.56
C ASP B 54 17.09 -6.04 -18.12
N VAL B 55 17.87 -5.56 -17.16
CA VAL B 55 17.44 -5.66 -15.76
C VAL B 55 16.18 -4.83 -15.55
N GLN B 56 16.14 -3.62 -16.12
CA GLN B 56 14.96 -2.76 -16.00
C GLN B 56 13.72 -3.48 -16.59
N GLU B 57 13.90 -4.22 -17.69
CA GLU B 57 12.79 -4.99 -18.30
C GLU B 57 12.10 -5.88 -17.28
N GLU B 58 12.89 -6.61 -16.51
CA GLU B 58 12.37 -7.51 -15.49
C GLU B 58 11.78 -6.75 -14.31
N GLY B 59 12.24 -5.53 -14.10
CA GLY B 59 11.75 -4.69 -13.01
C GLY B 59 12.83 -3.84 -12.35
N PHE B 60 12.42 -2.67 -11.88
CA PHE B 60 13.34 -1.81 -11.14
C PHE B 60 13.71 -2.50 -9.84
N PRO B 61 15.00 -2.51 -9.50
CA PRO B 61 15.43 -3.06 -8.22
C PRO B 61 14.72 -2.31 -7.10
N ALA B 62 14.28 -3.01 -6.07
CA ALA B 62 13.59 -2.37 -4.95
C ALA B 62 14.34 -1.14 -4.36
N PRO B 63 15.67 -1.25 -4.11
CA PRO B 63 16.34 -0.08 -3.52
C PRO B 63 16.33 1.16 -4.44
N VAL B 64 16.26 0.95 -5.76
CA VAL B 64 16.16 2.08 -6.69
C VAL B 64 14.85 2.81 -6.47
N LEU B 65 13.75 2.06 -6.43
CA LEU B 65 12.44 2.67 -6.21
C LEU B 65 12.32 3.36 -4.85
N THR B 66 12.91 2.75 -3.83
CA THR B 66 12.90 3.34 -2.49
C THR B 66 13.64 4.66 -2.49
N MET B 67 14.82 4.69 -3.09
CA MET B 67 15.62 5.91 -3.11
C MET B 67 14.91 6.99 -3.90
N ALA B 68 14.34 6.63 -5.06
CA ALA B 68 13.60 7.59 -5.89
C ALA B 68 12.46 8.22 -5.11
N GLN B 69 11.75 7.41 -4.31
CA GLN B 69 10.60 7.96 -3.58
C GLN B 69 11.06 8.88 -2.45
N GLN B 70 12.14 8.50 -1.79
CA GLN B 70 12.69 9.32 -0.72
C GLN B 70 13.22 10.66 -1.24
N ILE B 71 13.83 10.61 -2.41
CA ILE B 71 14.28 11.86 -3.04
C ILE B 71 13.07 12.69 -3.43
N ALA B 72 12.11 12.05 -4.07
CA ALA B 72 10.88 12.70 -4.52
C ALA B 72 10.16 13.43 -3.39
N THR B 73 10.12 12.81 -2.21
CA THR B 73 9.42 13.41 -1.08
C THR B 73 10.27 14.39 -0.29
N ALA B 74 11.59 14.33 -0.47
CA ALA B 74 12.49 15.23 0.26
C ALA B 74 12.38 16.67 -0.25
N ASP B 75 12.70 17.65 0.59
CA ASP B 75 12.69 19.04 0.13
C ASP B 75 13.97 19.37 -0.64
N ALA B 76 15.03 18.61 -0.39
CA ALA B 76 16.29 18.81 -1.09
C ALA B 76 17.21 17.60 -0.92
N VAL B 77 18.23 17.54 -1.78
CA VAL B 77 19.22 16.47 -1.72
C VAL B 77 20.61 17.08 -1.53
N VAL B 78 21.40 16.47 -0.67
CA VAL B 78 22.82 16.83 -0.58
C VAL B 78 23.61 15.62 -1.06
N ILE B 79 24.38 15.78 -2.13
CA ILE B 79 25.21 14.69 -2.62
C ILE B 79 26.64 14.87 -2.11
N VAL B 80 27.13 13.88 -1.37
CA VAL B 80 28.48 13.94 -0.80
C VAL B 80 29.34 12.85 -1.42
N THR B 81 30.42 13.24 -2.12
CA THR B 81 31.17 12.27 -2.87
C THR B 81 32.63 12.61 -3.08
N PRO B 82 33.48 11.57 -3.15
CA PRO B 82 34.86 11.80 -3.60
C PRO B 82 34.91 11.96 -5.11
N GLU B 83 36.11 12.24 -5.60
CA GLU B 83 36.36 12.34 -7.02
C GLU B 83 37.30 11.19 -7.43
N TYR B 84 36.89 10.40 -8.43
CA TYR B 84 37.75 9.34 -8.98
C TYR B 84 38.15 9.64 -10.43
N ASN B 85 39.44 9.61 -10.71
CA ASN B 85 39.95 9.80 -12.07
C ASN B 85 39.39 11.05 -12.76
N TYR B 86 39.46 12.18 -12.05
CA TYR B 86 39.02 13.48 -12.53
C TYR B 86 37.51 13.52 -12.84
N SER B 87 36.73 12.64 -12.21
CA SER B 87 35.29 12.61 -12.46
C SER B 87 34.50 12.03 -11.27
N VAL B 88 33.24 11.71 -11.49
CA VAL B 88 32.43 11.14 -10.40
C VAL B 88 32.64 9.61 -10.34
N PRO B 89 32.64 9.05 -9.12
CA PRO B 89 32.79 7.60 -8.99
C PRO B 89 31.75 6.85 -9.82
N GLY B 90 32.19 5.80 -10.51
CA GLY B 90 31.28 4.98 -11.30
C GLY B 90 30.08 4.49 -10.52
N VAL B 91 30.32 4.06 -9.28
CA VAL B 91 29.23 3.56 -8.42
C VAL B 91 28.16 4.62 -8.23
N LEU B 92 28.60 5.85 -7.99
CA LEU B 92 27.63 6.93 -7.76
C LEU B 92 26.91 7.25 -9.05
N LYS B 93 27.68 7.35 -10.14
CA LYS B 93 27.09 7.61 -11.46
C LYS B 93 26.06 6.51 -11.78
N ASN B 94 26.39 5.27 -11.42
CA ASN B 94 25.46 4.16 -11.66
C ASN B 94 24.13 4.36 -10.94
N ALA B 95 24.19 4.91 -9.73
CA ALA B 95 22.97 5.21 -8.99
C ALA B 95 22.16 6.30 -9.69
N ILE B 96 22.83 7.36 -10.15
CA ILE B 96 22.16 8.41 -10.90
C ILE B 96 21.51 7.85 -12.16
N ASP B 97 22.22 6.95 -12.84
CA ASP B 97 21.71 6.32 -14.06
C ASP B 97 20.38 5.60 -13.77
N TRP B 98 20.34 4.84 -12.66
CA TRP B 98 19.11 4.15 -12.24
C TRP B 98 18.00 5.14 -11.90
N LEU B 99 18.31 6.16 -11.10
CA LEU B 99 17.29 7.15 -10.70
C LEU B 99 16.69 7.86 -11.92
N SER B 100 17.52 8.14 -12.91
CA SER B 100 17.10 8.90 -14.09
C SER B 100 16.06 8.10 -14.90
N ARG B 101 15.98 6.80 -14.64
CA ARG B 101 15.07 5.96 -15.42
C ARG B 101 13.71 5.78 -14.75
N VAL B 102 13.61 6.21 -13.50
CA VAL B 102 12.35 6.11 -12.75
C VAL B 102 11.36 7.17 -13.25
N SER B 103 10.08 6.80 -13.31
CA SER B 103 9.00 7.74 -13.61
C SER B 103 8.08 7.88 -12.42
N PRO B 104 7.82 9.13 -11.99
CA PRO B 104 8.43 10.34 -12.56
C PRO B 104 9.87 10.42 -12.09
N GLN B 105 10.74 11.13 -12.81
CA GLN B 105 12.14 11.10 -12.39
C GLN B 105 12.38 12.07 -11.25
N PRO B 106 12.86 11.51 -10.13
CA PRO B 106 12.79 12.15 -8.82
C PRO B 106 13.65 13.41 -8.67
N LEU B 107 14.64 13.60 -9.54
CA LEU B 107 15.52 14.78 -9.40
C LEU B 107 14.99 16.00 -10.15
N ALA B 108 13.95 15.82 -10.96
CA ALA B 108 13.37 16.95 -11.71
C ALA B 108 12.82 18.01 -10.75
N GLY B 109 13.30 19.24 -10.87
CA GLY B 109 12.81 20.32 -10.01
C GLY B 109 13.38 20.26 -8.60
N LYS B 110 14.23 19.28 -8.35
CA LYS B 110 14.75 19.07 -6.99
C LYS B 110 15.91 19.98 -6.64
N PRO B 111 15.81 20.70 -5.51
CA PRO B 111 16.98 21.48 -5.06
C PRO B 111 18.09 20.52 -4.64
N VAL B 112 19.32 20.77 -5.07
CA VAL B 112 20.45 19.87 -4.79
C VAL B 112 21.71 20.66 -4.41
N ALA B 113 22.41 20.20 -3.38
CA ALA B 113 23.71 20.75 -3.04
C ALA B 113 24.76 19.68 -3.19
N LEU B 114 25.94 20.09 -3.63
CA LEU B 114 27.03 19.15 -3.84
C LEU B 114 28.12 19.39 -2.81
N VAL B 115 28.64 18.30 -2.25
CA VAL B 115 29.77 18.38 -1.33
C VAL B 115 30.78 17.32 -1.74
N THR B 116 32.04 17.73 -1.90
CA THR B 116 33.10 16.78 -2.21
C THR B 116 34.28 16.92 -1.27
N ALA B 117 34.84 15.80 -0.86
CA ALA B 117 36.03 15.80 -0.02
C ALA B 117 37.14 15.00 -0.68
N SER B 118 38.39 15.49 -0.59
CA SER B 118 39.53 14.84 -1.22
C SER B 118 40.81 15.03 -0.42
N PRO B 119 41.73 14.04 -0.48
CA PRO B 119 43.01 14.22 0.20
C PRO B 119 43.84 15.26 -0.52
N GLY B 120 43.55 15.50 -1.79
CA GLY B 120 44.36 16.41 -2.55
C GLY B 120 43.89 17.82 -2.30
N MET B 121 44.09 18.69 -3.29
CA MET B 121 43.80 20.10 -3.11
C MET B 121 42.62 20.58 -3.94
N ILE B 122 42.39 19.91 -5.05
CA ILE B 122 41.30 20.26 -5.94
C ILE B 122 39.99 20.04 -5.18
N GLY B 123 39.98 19.06 -4.28
CA GLY B 123 38.88 18.85 -3.36
C GLY B 123 37.59 18.42 -4.04
N GLY B 124 37.74 17.78 -5.19
CA GLY B 124 36.63 17.20 -5.92
C GLY B 124 35.89 18.16 -6.84
N ALA B 125 36.55 19.24 -7.24
CA ALA B 125 35.94 20.22 -8.13
C ALA B 125 35.55 19.61 -9.48
N ARG B 126 36.35 18.69 -10.00
CA ARG B 126 36.06 18.11 -11.31
C ARG B 126 34.83 17.22 -11.25
N ALA B 127 34.70 16.46 -10.16
CA ALA B 127 33.52 15.63 -9.93
C ALA B 127 32.24 16.47 -9.86
N GLN B 128 32.31 17.61 -9.18
CA GLN B 128 31.16 18.51 -9.08
C GLN B 128 30.75 19.05 -10.45
N ASN B 129 31.74 19.37 -11.26
CA ASN B 129 31.51 19.81 -12.65
C ASN B 129 30.69 18.79 -13.44
N HIS B 130 31.19 17.56 -13.49
CA HIS B 130 30.52 16.48 -14.22
C HIS B 130 29.14 16.14 -13.64
N LEU B 131 29.04 16.15 -12.32
CA LEU B 131 27.78 15.89 -11.62
C LEU B 131 26.75 16.95 -12.01
N ARG B 132 27.16 18.22 -12.00
CA ARG B 132 26.30 19.33 -12.43
C ARG B 132 25.79 19.14 -13.85
N GLN B 133 26.68 18.68 -14.74
CA GLN B 133 26.29 18.48 -16.15
C GLN B 133 25.16 17.44 -16.27
N SER B 134 25.28 16.34 -15.50
CA SER B 134 24.23 15.32 -15.48
C SER B 134 22.94 15.89 -14.89
N LEU B 135 23.11 16.68 -13.84
CA LEU B 135 21.98 17.25 -13.13
C LEU B 135 21.24 18.27 -13.99
N VAL B 136 21.94 18.91 -14.93
CA VAL B 136 21.25 19.77 -15.90
C VAL B 136 20.27 18.94 -16.74
N PHE B 137 20.76 17.80 -17.24
CA PHE B 137 19.90 16.90 -17.99
C PHE B 137 18.69 16.42 -17.18
N LEU B 138 18.90 16.18 -15.88
CA LEU B 138 17.81 15.69 -15.02
C LEU B 138 16.95 16.82 -14.45
N ASP B 139 17.19 18.05 -14.94
CA ASP B 139 16.37 19.21 -14.56
C ASP B 139 16.37 19.50 -13.07
N ALA B 140 17.48 19.18 -12.40
CA ALA B 140 17.61 19.53 -10.98
C ALA B 140 18.00 21.01 -10.83
N TYR B 141 17.73 21.56 -9.67
CA TYR B 141 18.15 22.92 -9.34
C TYR B 141 19.33 22.83 -8.39
N VAL B 142 20.55 22.88 -8.92
CA VAL B 142 21.69 22.73 -8.04
C VAL B 142 22.30 24.06 -7.57
N LEU B 143 22.48 24.13 -6.25
CA LEU B 143 23.01 25.30 -5.58
C LEU B 143 24.30 25.76 -6.21
N ASN B 144 24.35 27.04 -6.60
CA ASN B 144 25.57 27.65 -7.12
C ASN B 144 26.56 27.96 -6.02
N ARG B 145 26.06 28.51 -4.92
CA ARG B 145 26.89 29.06 -3.85
C ARG B 145 26.25 28.81 -2.48
N PRO B 146 27.07 28.59 -1.45
CA PRO B 146 28.54 28.48 -1.52
C PRO B 146 28.94 27.07 -1.96
N GLU B 147 30.06 26.98 -2.67
CA GLU B 147 30.54 25.69 -3.14
C GLU B 147 31.37 24.99 -2.07
N ALA B 148 31.10 23.71 -1.85
CA ALA B 148 31.76 22.98 -0.78
C ALA B 148 32.72 21.95 -1.35
N MET B 149 33.95 22.39 -1.58
CA MET B 149 35.02 21.49 -2.00
C MET B 149 36.05 21.42 -0.88
N ILE B 150 36.06 20.29 -0.21
CA ILE B 150 36.88 20.09 0.96
C ILE B 150 38.19 19.41 0.57
N GLY B 151 39.25 20.19 0.44
CA GLY B 151 40.55 19.63 0.08
C GLY B 151 41.30 19.26 1.33
N GLN B 152 42.37 18.48 1.20
CA GLN B 152 43.20 18.06 2.34
C GLN B 152 42.36 17.55 3.50
N VAL B 153 41.40 16.67 3.18
CA VAL B 153 40.40 16.25 4.16
C VAL B 153 40.99 15.39 5.28
N THR B 154 42.15 14.78 5.06
CA THR B 154 42.73 13.88 6.06
C THR B 154 42.93 14.55 7.41
N GLY B 155 43.34 15.82 7.39
CA GLY B 155 43.58 16.57 8.62
C GLY B 155 42.38 17.34 9.12
N LYS B 156 41.23 17.14 8.49
CA LYS B 156 39.99 17.84 8.84
C LYS B 156 39.01 16.96 9.58
N VAL B 157 39.17 15.64 9.48
CA VAL B 157 38.44 14.73 10.34
C VAL B 157 39.49 14.02 11.21
N ASP B 158 39.19 13.84 12.50
CA ASP B 158 40.22 13.26 13.36
C ASP B 158 40.22 11.75 13.24
N ALA B 159 41.42 11.17 13.11
CA ALA B 159 41.53 9.72 13.04
C ALA B 159 41.04 9.14 14.37
N GLN B 160 40.85 7.83 14.38
CA GLN B 160 40.34 7.11 15.54
C GLN B 160 38.87 7.37 15.87
N THR B 161 38.37 8.59 15.66
CA THR B 161 36.98 8.89 16.01
C THR B 161 36.02 9.25 14.87
N LEU B 162 36.53 9.27 13.63
CA LEU B 162 35.65 9.33 12.45
C LEU B 162 34.93 10.67 12.20
N GLU B 163 35.00 11.63 13.13
CA GLU B 163 34.13 12.81 13.05
C GLU B 163 34.79 14.04 12.39
N LEU B 164 33.98 14.83 11.71
CA LEU B 164 34.43 16.07 11.08
C LEU B 164 34.69 17.13 12.16
N SER B 165 35.94 17.52 12.31
CA SER B 165 36.32 18.42 13.40
C SER B 165 36.71 19.83 12.95
N ASP B 166 37.16 19.99 11.70
CA ASP B 166 37.61 21.29 11.20
C ASP B 166 36.47 22.31 11.29
N VAL B 167 36.64 23.26 12.20
CA VAL B 167 35.59 24.24 12.52
C VAL B 167 35.21 25.10 11.32
N ALA B 168 36.19 25.44 10.48
CA ALA B 168 35.93 26.23 9.30
C ALA B 168 35.02 25.48 8.32
N THR B 169 35.25 24.17 8.17
CA THR B 169 34.44 23.34 7.29
C THR B 169 32.99 23.19 7.80
N ARG B 170 32.82 22.92 9.10
CA ARG B 170 31.48 22.80 9.67
C ARG B 170 30.65 24.07 9.49
N GLU B 171 31.29 25.21 9.74
CA GLU B 171 30.63 26.50 9.59
C GLU B 171 30.24 26.70 8.13
N PHE B 172 31.14 26.30 7.25
CA PHE B 172 30.93 26.42 5.82
C PHE B 172 29.75 25.55 5.37
N LEU B 173 29.70 24.31 5.86
CA LEU B 173 28.64 23.36 5.50
C LEU B 173 27.29 23.84 6.01
N ALA B 174 27.28 24.41 7.22
CA ALA B 174 26.07 24.98 7.82
C ALA B 174 25.49 26.09 6.97
N ARG B 175 26.36 26.94 6.45
CA ARG B 175 25.93 28.05 5.63
C ARG B 175 25.36 27.50 4.31
N GLN B 176 25.99 26.45 3.79
CA GLN B 176 25.51 25.79 2.58
C GLN B 176 24.11 25.20 2.79
N LEU B 177 23.90 24.59 3.94
CA LEU B 177 22.60 24.01 4.24
C LEU B 177 21.53 25.10 4.31
N ASP B 178 21.89 26.25 4.87
CA ASP B 178 20.98 27.40 4.91
C ASP B 178 20.62 27.89 3.50
N ALA B 179 21.63 28.02 2.65
CA ALA B 179 21.40 28.46 1.29
C ALA B 179 20.54 27.44 0.56
N LEU B 180 20.77 26.16 0.82
CA LEU B 180 19.97 25.12 0.18
C LEU B 180 18.51 25.23 0.62
N ALA B 181 18.29 25.47 1.91
CA ALA B 181 16.94 25.70 2.44
C ALA B 181 16.29 26.90 1.76
N ALA B 182 17.04 27.99 1.63
CA ALA B 182 16.53 29.20 0.99
C ALA B 182 16.14 28.94 -0.46
N LEU B 183 16.96 28.15 -1.16
CA LEU B 183 16.66 27.78 -2.54
C LEU B 183 15.37 26.97 -2.60
N ALA B 184 15.26 25.98 -1.71
CA ALA B 184 14.07 25.11 -1.67
C ALA B 184 12.79 25.91 -1.44
N ARG B 185 12.83 26.85 -0.50
CA ARG B 185 11.65 27.66 -0.19
C ARG B 185 11.32 28.62 -1.33
N THR B 186 12.35 29.11 -2.02
CA THR B 186 12.18 30.00 -3.17
C THR B 186 11.46 29.30 -4.32
N LEU B 187 11.81 28.04 -4.57
CA LEU B 187 11.25 27.30 -5.70
C LEU B 187 9.85 26.80 -5.40
N SER B 188 9.47 26.79 -4.13
CA SER B 188 8.14 26.36 -3.74
C SER B 188 7.12 27.39 -4.24
N SER C 5 0.50 18.44 8.56
CA SER C 5 1.79 17.87 8.93
C SER C 5 1.88 16.37 8.61
N PRO C 6 2.51 16.04 7.47
CA PRO C 6 2.61 14.67 6.94
C PRO C 6 3.52 13.81 7.81
N LEU C 7 3.13 12.55 8.07
CA LEU C 7 3.98 11.67 8.87
C LEU C 7 4.83 10.73 8.03
N HIS C 8 6.01 10.43 8.56
CA HIS C 8 6.94 9.51 7.91
C HIS C 8 7.27 8.31 8.80
N PHE C 9 6.90 7.11 8.34
CA PHE C 9 7.21 5.88 9.08
C PHE C 9 8.26 5.07 8.33
N VAL C 10 9.13 4.38 9.07
CA VAL C 10 10.07 3.45 8.47
C VAL C 10 9.81 2.03 8.95
N THR C 11 10.08 1.05 8.10
CA THR C 11 9.79 -0.34 8.46
C THR C 11 11.05 -1.16 8.66
N LEU C 12 11.07 -1.95 9.74
CA LEU C 12 12.20 -2.83 10.06
C LEU C 12 11.75 -4.28 9.91
N LEU C 13 12.47 -5.05 9.10
CA LEU C 13 12.04 -6.39 8.75
C LEU C 13 12.87 -7.48 9.43
N GLY C 14 12.18 -8.43 10.07
CA GLY C 14 12.87 -9.45 10.87
C GLY C 14 13.19 -10.78 10.21
N SER C 15 12.85 -10.93 8.93
CA SER C 15 13.19 -12.16 8.19
C SER C 15 14.08 -11.88 6.99
N LEU C 16 15.01 -12.78 6.72
CA LEU C 16 15.97 -12.59 5.62
C LEU C 16 15.61 -13.33 4.33
N ARG C 17 14.71 -14.30 4.41
CA ARG C 17 14.45 -15.16 3.25
C ARG C 17 13.61 -14.44 2.18
N LYS C 18 13.81 -14.80 0.92
CA LYS C 18 13.14 -14.08 -0.17
C LYS C 18 11.63 -14.22 -0.13
N ALA C 19 11.15 -15.43 0.14
CA ALA C 19 9.71 -15.65 0.13
C ALA C 19 9.06 -15.34 1.49
N SER C 20 9.74 -14.52 2.30
CA SER C 20 9.25 -14.19 3.63
C SER C 20 7.84 -13.63 3.61
N PHE C 21 6.97 -14.20 4.43
CA PHE C 21 5.62 -13.68 4.55
C PHE C 21 5.62 -12.33 5.26
N ASN C 22 6.52 -12.13 6.22
CA ASN C 22 6.59 -10.83 6.88
C ASN C 22 7.06 -9.74 5.92
N ALA C 23 7.95 -10.09 5.00
CA ALA C 23 8.41 -9.14 3.97
C ALA C 23 7.23 -8.69 3.11
N ALA C 24 6.36 -9.64 2.74
CA ALA C 24 5.16 -9.34 1.99
C ALA C 24 4.28 -8.34 2.73
N VAL C 25 4.09 -8.57 4.03
CA VAL C 25 3.31 -7.65 4.84
C VAL C 25 3.98 -6.27 4.87
N ALA C 26 5.29 -6.24 5.05
CA ALA C 26 6.03 -4.98 5.11
C ALA C 26 5.92 -4.18 3.82
N ARG C 27 6.05 -4.87 2.69
CA ARG C 27 5.96 -4.24 1.37
C ARG C 27 4.56 -3.69 1.12
N ALA C 28 3.57 -4.26 1.79
CA ALA C 28 2.19 -3.79 1.59
C ALA C 28 1.91 -2.46 2.31
N LEU C 29 2.66 -2.19 3.37
CA LEU C 29 2.39 -1.03 4.21
C LEU C 29 2.41 0.33 3.47
N PRO C 30 3.38 0.55 2.56
CA PRO C 30 3.29 1.87 1.93
C PRO C 30 2.07 2.06 1.02
N GLU C 31 1.55 1.00 0.41
CA GLU C 31 0.33 1.15 -0.40
C GLU C 31 -0.90 1.26 0.48
N ILE C 32 -0.84 0.60 1.64
CA ILE C 32 -1.92 0.61 2.61
C ILE C 32 -1.99 1.96 3.33
N ALA C 33 -0.85 2.65 3.38
CA ALA C 33 -0.75 3.86 4.20
C ALA C 33 -1.84 4.87 3.91
N PRO C 34 -2.61 5.21 4.96
CA PRO C 34 -3.67 6.21 4.91
C PRO C 34 -3.09 7.58 4.58
N GLU C 35 -3.96 8.49 4.14
CA GLU C 35 -3.51 9.82 3.72
C GLU C 35 -2.78 10.59 4.81
N GLY C 36 -1.68 11.24 4.45
CA GLY C 36 -0.88 11.97 5.43
C GLY C 36 0.28 11.17 5.98
N ILE C 37 0.43 9.93 5.53
CA ILE C 37 1.48 9.04 6.03
C ILE C 37 2.28 8.42 4.87
N ALA C 38 3.59 8.64 4.87
CA ALA C 38 4.46 7.99 3.90
C ALA C 38 5.30 6.93 4.61
N ILE C 39 5.47 5.78 3.99
CA ILE C 39 6.18 4.68 4.61
C ILE C 39 7.28 4.11 3.71
N THR C 40 8.50 4.02 4.24
CA THR C 40 9.63 3.47 3.50
C THR C 40 10.37 2.38 4.30
N PRO C 41 10.89 1.38 3.61
CA PRO C 41 11.62 0.29 4.26
C PRO C 41 13.02 0.71 4.68
N LEU C 42 13.49 0.23 5.83
CA LEU C 42 14.88 0.39 6.21
C LEU C 42 15.72 -0.60 5.41
N GLY C 43 17.04 -0.45 5.48
CA GLY C 43 17.95 -1.41 4.87
C GLY C 43 17.84 -2.75 5.56
N SER C 44 18.47 -3.78 4.99
CA SER C 44 18.36 -5.13 5.55
C SER C 44 19.16 -5.29 6.86
N ILE C 45 18.61 -6.05 7.80
CA ILE C 45 19.34 -6.34 9.04
C ILE C 45 20.45 -7.35 8.77
N GLY C 46 20.39 -7.98 7.60
CA GLY C 46 21.40 -8.98 7.23
C GLY C 46 22.77 -8.38 6.95
N THR C 47 22.82 -7.06 6.76
CA THR C 47 24.08 -6.37 6.50
C THR C 47 24.86 -6.08 7.78
N PHE C 48 24.23 -6.22 8.94
CA PHE C 48 24.91 -5.98 10.21
C PHE C 48 25.83 -7.16 10.55
N PRO C 49 27.03 -6.87 11.08
CA PRO C 49 27.77 -8.00 11.63
C PRO C 49 27.17 -8.35 12.99
N HIS C 50 27.55 -9.49 13.54
CA HIS C 50 27.14 -9.86 14.89
C HIS C 50 27.60 -8.79 15.83
N TYR C 51 26.79 -8.42 16.82
CA TYR C 51 27.27 -7.42 17.75
C TYR C 51 28.53 -7.90 18.46
N SER C 52 29.49 -6.99 18.55
CA SER C 52 30.69 -7.20 19.34
C SER C 52 31.21 -5.85 19.80
N GLN C 53 31.50 -5.74 21.08
CA GLN C 53 32.01 -4.48 21.60
C GLN C 53 33.36 -4.14 20.98
N ASP C 54 34.16 -5.16 20.69
CA ASP C 54 35.44 -4.97 19.99
C ASP C 54 35.22 -4.34 18.61
N VAL C 55 34.21 -4.82 17.89
CA VAL C 55 33.89 -4.22 16.60
C VAL C 55 33.42 -2.77 16.80
N GLN C 56 32.60 -2.56 17.82
CA GLN C 56 32.13 -1.22 18.12
C GLN C 56 33.30 -0.28 18.41
N GLU C 57 34.29 -0.76 19.17
CA GLU C 57 35.48 0.03 19.53
C GLU C 57 36.20 0.56 18.30
N GLU C 58 36.35 -0.29 17.29
CA GLU C 58 36.98 0.08 16.04
C GLU C 58 36.14 1.09 15.25
N GLY C 59 34.84 1.08 15.47
CA GLY C 59 33.92 1.98 14.80
C GLY C 59 32.61 1.30 14.48
N PHE C 60 31.51 2.05 14.53
CA PHE C 60 30.21 1.49 14.20
C PHE C 60 30.12 1.10 12.73
N PRO C 61 29.56 -0.10 12.46
CA PRO C 61 29.34 -0.46 11.05
C PRO C 61 28.49 0.59 10.36
N ALA C 62 28.86 0.95 9.13
CA ALA C 62 28.11 1.95 8.38
C ALA C 62 26.60 1.68 8.30
N PRO C 63 26.21 0.42 8.02
CA PRO C 63 24.75 0.24 7.94
C PRO C 63 24.06 0.52 9.28
N VAL C 64 24.76 0.33 10.39
CA VAL C 64 24.17 0.63 11.70
C VAL C 64 23.89 2.11 11.87
N LEU C 65 24.90 2.95 11.61
CA LEU C 65 24.77 4.41 11.72
C LEU C 65 23.74 4.96 10.76
N THR C 66 23.69 4.40 9.56
CA THR C 66 22.69 4.80 8.59
C THR C 66 21.30 4.50 9.11
N MET C 67 21.10 3.29 9.62
CA MET C 67 19.77 2.90 10.11
C MET C 67 19.34 3.74 11.31
N ALA C 68 20.27 3.96 12.24
CA ALA C 68 19.96 4.73 13.43
C ALA C 68 19.48 6.13 13.09
N GLN C 69 20.13 6.77 12.12
CA GLN C 69 19.75 8.12 11.72
C GLN C 69 18.41 8.10 11.01
N GLN C 70 18.18 7.05 10.22
CA GLN C 70 16.91 6.91 9.55
C GLN C 70 15.78 6.73 10.56
N ILE C 71 16.04 5.98 11.63
CA ILE C 71 15.04 5.81 12.68
C ILE C 71 14.86 7.16 13.42
N ALA C 72 15.97 7.83 13.72
CA ALA C 72 15.92 9.11 14.44
C ALA C 72 15.02 10.16 13.81
N THR C 73 15.06 10.29 12.49
CA THR C 73 14.26 11.32 11.82
C THR C 73 12.84 10.86 11.51
N ALA C 74 12.60 9.56 11.62
CA ALA C 74 11.26 9.03 11.34
C ALA C 74 10.28 9.42 12.44
N ASP C 75 9.01 9.52 12.09
CA ASP C 75 7.96 9.84 13.05
C ASP C 75 7.57 8.60 13.85
N ALA C 76 7.82 7.44 13.25
CA ALA C 76 7.52 6.16 13.92
C ALA C 76 8.23 5.04 13.20
N VAL C 77 8.33 3.90 13.88
CA VAL C 77 8.92 2.68 13.31
C VAL C 77 7.87 1.58 13.33
N VAL C 78 7.77 0.81 12.25
CA VAL C 78 6.98 -0.42 12.27
C VAL C 78 7.90 -1.62 12.13
N ILE C 79 7.91 -2.49 13.15
CA ILE C 79 8.72 -3.69 13.10
C ILE C 79 7.85 -4.87 12.70
N VAL C 80 8.21 -5.52 11.59
CA VAL C 80 7.47 -6.65 11.07
C VAL C 80 8.38 -7.86 11.14
N THR C 81 8.01 -8.86 11.94
CA THR C 81 8.93 -9.96 12.20
C THR C 81 8.23 -11.28 12.50
N PRO C 82 8.85 -12.40 12.12
CA PRO C 82 8.32 -13.68 12.56
C PRO C 82 8.74 -13.95 14.00
N GLU C 83 8.27 -15.07 14.53
CA GLU C 83 8.63 -15.52 15.86
C GLU C 83 9.48 -16.77 15.73
N TYR C 84 10.67 -16.77 16.32
CA TYR C 84 11.50 -17.97 16.32
C TYR C 84 11.67 -18.53 17.74
N ASN C 85 11.33 -19.81 17.93
CA ASN C 85 11.56 -20.49 19.21
C ASN C 85 10.99 -19.70 20.38
N TYR C 86 9.73 -19.29 20.23
CA TYR C 86 8.98 -18.54 21.25
C TYR C 86 9.59 -17.19 21.60
N SER C 87 10.37 -16.61 20.70
CA SER C 87 10.98 -15.32 20.98
C SER C 87 11.29 -14.57 19.68
N VAL C 88 12.08 -13.49 19.76
CA VAL C 88 12.38 -12.75 18.55
C VAL C 88 13.55 -13.39 17.81
N PRO C 89 13.53 -13.35 16.46
CA PRO C 89 14.62 -13.91 15.67
C PRO C 89 15.95 -13.31 16.11
N GLY C 90 16.97 -14.14 16.24
CA GLY C 90 18.28 -13.69 16.66
C GLY C 90 18.80 -12.55 15.78
N VAL C 91 18.61 -12.67 14.46
CA VAL C 91 19.08 -11.62 13.54
C VAL C 91 18.47 -10.26 13.86
N LEU C 92 17.18 -10.26 14.14
CA LEU C 92 16.49 -9.01 14.45
C LEU C 92 16.97 -8.44 15.78
N LYS C 93 17.07 -9.30 16.79
CA LYS C 93 17.56 -8.85 18.10
C LYS C 93 18.97 -8.27 17.97
N ASN C 94 19.77 -8.89 17.11
CA ASN C 94 21.11 -8.41 16.85
C ASN C 94 21.10 -6.99 16.29
N ALA C 95 20.13 -6.69 15.41
CA ALA C 95 20.02 -5.34 14.88
C ALA C 95 19.64 -4.36 16.00
N ILE C 96 18.70 -4.78 16.86
CA ILE C 96 18.30 -3.96 18.01
C ILE C 96 19.50 -3.70 18.92
N ASP C 97 20.31 -4.74 19.15
CA ASP C 97 21.48 -4.62 20.01
C ASP C 97 22.42 -3.52 19.48
N TRP C 98 22.72 -3.57 18.18
CA TRP C 98 23.59 -2.55 17.56
C TRP C 98 23.02 -1.14 17.68
N LEU C 99 21.75 -0.99 17.32
CA LEU C 99 21.07 0.30 17.40
C LEU C 99 21.06 0.89 18.80
N SER C 100 20.91 0.01 19.79
CA SER C 100 20.81 0.43 21.19
C SER C 100 22.11 1.04 21.69
N ARG C 101 23.21 0.82 20.97
CA ARG C 101 24.52 1.27 21.40
C ARG C 101 24.93 2.61 20.77
N VAL C 102 24.14 3.08 19.82
CA VAL C 102 24.38 4.37 19.16
C VAL C 102 24.03 5.50 20.10
N SER C 103 24.83 6.58 20.07
CA SER C 103 24.54 7.81 20.81
C SER C 103 24.25 8.97 19.85
N PRO C 104 23.10 9.63 20.02
CA PRO C 104 22.07 9.26 20.99
C PRO C 104 21.31 8.02 20.48
N GLN C 105 20.71 7.24 21.37
CA GLN C 105 20.07 6.01 20.92
C GLN C 105 18.68 6.28 20.33
N PRO C 106 18.52 5.92 19.05
CA PRO C 106 17.46 6.40 18.16
C PRO C 106 16.06 5.96 18.53
N LEU C 107 15.93 4.94 19.37
CA LEU C 107 14.60 4.43 19.74
C LEU C 107 14.01 5.10 20.98
N ALA C 108 14.83 5.86 21.69
CA ALA C 108 14.31 6.57 22.87
C ALA C 108 13.27 7.59 22.43
N GLY C 109 12.05 7.47 22.98
CA GLY C 109 10.97 8.36 22.63
C GLY C 109 10.30 8.07 21.30
N LYS C 110 10.74 7.01 20.63
CA LYS C 110 10.19 6.70 19.31
C LYS C 110 8.91 5.87 19.36
N PRO C 111 7.85 6.34 18.70
CA PRO C 111 6.64 5.53 18.56
C PRO C 111 6.93 4.31 17.68
N VAL C 112 6.49 3.14 18.14
CA VAL C 112 6.78 1.88 17.45
C VAL C 112 5.53 1.01 17.39
N ALA C 113 5.27 0.40 16.24
CA ALA C 113 4.22 -0.61 16.16
C ALA C 113 4.84 -1.95 15.80
N LEU C 114 4.26 -3.02 16.34
CA LEU C 114 4.73 -4.35 16.10
C LEU C 114 3.73 -5.11 15.24
N VAL C 115 4.26 -5.84 14.27
CA VAL C 115 3.47 -6.67 13.40
C VAL C 115 4.16 -8.00 13.25
N THR C 116 3.41 -9.08 13.43
CA THR C 116 3.98 -10.41 13.22
C THR C 116 3.10 -11.24 12.28
N ALA C 117 3.73 -11.95 11.37
CA ALA C 117 3.01 -12.81 10.46
C ALA C 117 3.48 -14.24 10.66
N SER C 118 2.54 -15.17 10.70
CA SER C 118 2.84 -16.57 10.94
C SER C 118 1.86 -17.44 10.17
N PRO C 119 2.32 -18.60 9.71
CA PRO C 119 1.46 -19.58 9.03
C PRO C 119 0.48 -20.26 9.98
N GLY C 120 0.73 -20.18 11.28
CA GLY C 120 -0.04 -20.91 12.28
C GLY C 120 -1.35 -20.32 12.79
N MET C 121 -1.34 -19.78 14.02
CA MET C 121 -2.55 -19.26 14.64
C MET C 121 -2.29 -18.37 15.87
N ILE C 122 -1.20 -18.60 16.61
CA ILE C 122 -0.86 -17.71 17.72
C ILE C 122 -0.44 -16.37 17.13
N GLY C 123 0.24 -16.45 15.99
CA GLY C 123 0.61 -15.26 15.24
C GLY C 123 1.70 -14.38 15.84
N GLY C 124 2.61 -14.97 16.61
CA GLY C 124 3.76 -14.20 17.09
C GLY C 124 3.64 -13.40 18.38
N ALA C 125 2.71 -13.80 19.25
CA ALA C 125 2.49 -13.06 20.49
C ALA C 125 3.72 -13.04 21.40
N ARG C 126 4.47 -14.13 21.41
CA ARG C 126 5.65 -14.26 22.27
C ARG C 126 6.81 -13.40 21.80
N ALA C 127 7.03 -13.34 20.48
CA ALA C 127 8.07 -12.48 19.94
C ALA C 127 7.78 -11.05 20.31
N GLN C 128 6.51 -10.67 20.16
CA GLN C 128 6.06 -9.35 20.49
C GLN C 128 6.22 -9.01 21.97
N ASN C 129 5.91 -9.99 22.82
CA ASN C 129 6.12 -9.82 24.25
C ASN C 129 7.58 -9.50 24.56
N HIS C 130 8.48 -10.34 24.07
CA HIS C 130 9.91 -10.13 24.31
C HIS C 130 10.42 -8.83 23.69
N LEU C 131 9.94 -8.54 22.49
CA LEU C 131 10.33 -7.31 21.80
C LEU C 131 9.90 -6.08 22.60
N ARG C 132 8.66 -6.07 23.08
CA ARG C 132 8.17 -4.96 23.93
C ARG C 132 9.04 -4.76 25.15
N GLN C 133 9.44 -5.86 25.78
CA GLN C 133 10.27 -5.77 26.97
C GLN C 133 11.60 -5.04 26.68
N SER C 134 12.25 -5.36 25.57
CA SER C 134 13.47 -4.64 25.19
C SER C 134 13.18 -3.19 24.87
N LEU C 135 12.06 -2.96 24.18
CA LEU C 135 11.71 -1.60 23.75
C LEU C 135 11.38 -0.68 24.93
N VAL C 136 10.83 -1.26 25.99
CA VAL C 136 10.63 -0.50 27.23
C VAL C 136 11.98 -0.04 27.77
N PHE C 137 12.95 -0.95 27.82
CA PHE C 137 14.30 -0.62 28.27
C PHE C 137 14.92 0.49 27.45
N LEU C 138 14.63 0.50 26.13
CA LEU C 138 15.17 1.51 25.23
C LEU C 138 14.29 2.76 25.18
N ASP C 139 13.31 2.81 26.08
CA ASP C 139 12.41 3.97 26.20
C ASP C 139 11.59 4.28 24.94
N ALA C 140 11.26 3.25 24.16
CA ALA C 140 10.36 3.43 23.02
C ALA C 140 8.92 3.48 23.50
N TYR C 141 8.03 4.06 22.68
CA TYR C 141 6.59 4.09 22.97
C TYR C 141 5.91 3.11 22.04
N VAL C 142 5.64 1.90 22.55
CA VAL C 142 5.10 0.86 21.69
C VAL C 142 3.58 0.83 21.74
N LEU C 143 2.98 0.89 20.56
CA LEU C 143 1.53 0.91 20.41
C LEU C 143 0.90 -0.23 21.20
N ASN C 144 -0.04 0.08 22.08
CA ASN C 144 -0.78 -0.94 22.83
C ASN C 144 -1.79 -1.66 21.94
N ARG C 145 -2.54 -0.89 21.15
CA ARG C 145 -3.70 -1.36 20.39
C ARG C 145 -3.83 -0.68 19.03
N PRO C 146 -4.31 -1.40 18.00
CA PRO C 146 -4.66 -2.82 17.99
C PRO C 146 -3.42 -3.68 17.81
N GLU C 147 -3.45 -4.89 18.36
CA GLU C 147 -2.33 -5.78 18.22
C GLU C 147 -2.40 -6.51 16.89
N ALA C 148 -1.27 -6.59 16.21
CA ALA C 148 -1.24 -7.13 14.86
C ALA C 148 -0.50 -8.47 14.81
N MET C 149 -1.24 -9.54 15.04
CA MET C 149 -0.73 -10.89 14.88
C MET C 149 -1.48 -11.57 13.74
N ILE C 150 -0.81 -11.73 12.61
CA ILE C 150 -1.44 -12.26 11.41
C ILE C 150 -1.20 -13.76 11.24
N GLY C 151 -2.21 -14.56 11.58
CA GLY C 151 -2.13 -16.01 11.45
C GLY C 151 -2.57 -16.52 10.08
N GLN C 152 -2.30 -17.79 9.81
CA GLN C 152 -2.69 -18.43 8.55
C GLN C 152 -2.25 -17.60 7.35
N VAL C 153 -1.04 -17.07 7.39
CA VAL C 153 -0.63 -16.08 6.41
C VAL C 153 -0.43 -16.68 5.02
N THR C 154 -0.18 -17.99 4.95
CA THR C 154 0.12 -18.64 3.68
C THR C 154 -0.97 -18.41 2.64
N GLY C 155 -2.22 -18.41 3.09
CA GLY C 155 -3.35 -18.19 2.21
C GLY C 155 -3.79 -16.74 2.13
N LYS C 156 -3.03 -15.85 2.75
CA LYS C 156 -3.36 -14.43 2.76
C LYS C 156 -2.44 -13.65 1.83
N VAL C 157 -1.30 -14.24 1.52
CA VAL C 157 -0.43 -13.70 0.48
C VAL C 157 -0.41 -14.66 -0.71
N ASP C 158 -0.45 -14.08 -1.91
CA ASP C 158 -0.52 -14.89 -3.11
C ASP C 158 0.85 -15.35 -3.56
N ALA C 159 0.98 -16.65 -3.85
CA ALA C 159 2.24 -17.18 -4.33
C ALA C 159 2.51 -16.57 -5.70
N GLN C 160 3.76 -16.67 -6.15
CA GLN C 160 4.19 -16.13 -7.43
C GLN C 160 4.16 -14.60 -7.51
N THR C 161 3.22 -13.95 -6.82
CA THR C 161 3.09 -12.50 -6.92
C THR C 161 3.54 -11.76 -5.68
N LEU C 162 4.00 -12.51 -4.68
CA LEU C 162 4.72 -11.92 -3.56
C LEU C 162 3.86 -11.04 -2.64
N GLU C 163 2.66 -10.68 -3.10
CA GLU C 163 1.91 -9.63 -2.44
C GLU C 163 0.85 -10.15 -1.48
N LEU C 164 0.64 -9.38 -0.42
CA LEU C 164 -0.41 -9.64 0.55
C LEU C 164 -1.74 -9.34 -0.13
N SER C 165 -2.58 -10.35 -0.25
CA SER C 165 -3.80 -10.21 -1.04
C SER C 165 -5.04 -10.09 -0.18
N ASP C 166 -4.97 -10.63 1.05
CA ASP C 166 -6.11 -10.60 1.94
C ASP C 166 -6.57 -9.17 2.23
N VAL C 167 -7.74 -8.85 1.70
CA VAL C 167 -8.31 -7.51 1.81
C VAL C 167 -8.61 -7.15 3.27
N ALA C 168 -9.05 -8.14 4.04
CA ALA C 168 -9.34 -7.93 5.45
C ALA C 168 -8.06 -7.61 6.23
N THR C 169 -6.98 -8.28 5.87
CA THR C 169 -5.67 -8.04 6.51
C THR C 169 -5.20 -6.63 6.21
N ARG C 170 -5.34 -6.21 4.95
CA ARG C 170 -4.95 -4.88 4.52
C ARG C 170 -5.65 -3.78 5.28
N GLU C 171 -6.96 -3.92 5.47
CA GLU C 171 -7.75 -2.92 6.18
C GLU C 171 -7.33 -2.89 7.64
N PHE C 172 -7.06 -4.07 8.21
CA PHE C 172 -6.61 -4.11 9.59
C PHE C 172 -5.31 -3.35 9.79
N LEU C 173 -4.36 -3.58 8.89
CA LEU C 173 -3.07 -2.92 8.98
C LEU C 173 -3.23 -1.40 8.86
N ALA C 174 -4.17 -0.97 8.01
CA ALA C 174 -4.46 0.45 7.87
C ALA C 174 -4.94 1.04 9.20
N ARG C 175 -5.80 0.32 9.91
CA ARG C 175 -6.26 0.82 11.20
C ARG C 175 -5.11 0.92 12.19
N GLN C 176 -4.20 -0.04 12.16
CA GLN C 176 -3.03 0.01 13.04
C GLN C 176 -2.14 1.21 12.73
N LEU C 177 -1.96 1.51 11.45
CA LEU C 177 -1.17 2.67 11.03
C LEU C 177 -1.79 3.98 11.49
N ASP C 178 -3.12 4.05 11.42
CA ASP C 178 -3.86 5.20 11.93
C ASP C 178 -3.64 5.38 13.43
N ALA C 179 -3.72 4.28 14.17
CA ALA C 179 -3.51 4.34 15.61
C ALA C 179 -2.06 4.74 15.93
N LEU C 180 -1.11 4.24 15.14
CA LEU C 180 0.30 4.58 15.31
C LEU C 180 0.50 6.08 15.02
N ALA C 181 -0.17 6.55 13.98
CA ALA C 181 -0.16 7.98 13.65
C ALA C 181 -0.70 8.83 14.79
N ALA C 182 -1.82 8.40 15.36
CA ALA C 182 -2.43 9.14 16.48
C ALA C 182 -1.46 9.20 17.66
N LEU C 183 -0.82 8.08 17.93
CA LEU C 183 0.16 8.02 19.01
C LEU C 183 1.33 8.97 18.75
N ALA C 184 1.86 8.95 17.53
CA ALA C 184 2.99 9.82 17.20
C ALA C 184 2.64 11.29 17.38
N ARG C 185 1.46 11.69 16.91
CA ARG C 185 1.02 13.08 17.04
C ARG C 185 0.72 13.46 18.49
N THR C 186 0.23 12.49 19.28
CA THR C 186 -0.02 12.77 20.69
C THR C 186 1.29 13.04 21.44
N LEU C 187 2.32 12.26 21.13
CA LEU C 187 3.60 12.37 21.84
C LEU C 187 4.47 13.53 21.37
N SER C 188 4.19 14.06 20.18
CA SER C 188 4.98 15.17 19.64
C SER C 188 4.77 16.45 20.43
N SER D 5 30.02 -43.10 37.02
CA SER D 5 29.46 -42.71 35.74
C SER D 5 29.90 -41.30 35.34
N PRO D 6 30.99 -41.22 34.53
CA PRO D 6 31.60 -39.95 34.15
C PRO D 6 30.76 -39.16 33.12
N LEU D 7 30.60 -37.88 33.37
CA LEU D 7 29.86 -37.00 32.47
C LEU D 7 30.78 -36.06 31.68
N HIS D 8 30.36 -35.67 30.48
CA HIS D 8 31.07 -34.64 29.72
C HIS D 8 30.12 -33.47 29.43
N PHE D 9 30.47 -32.26 29.88
CA PHE D 9 29.67 -31.08 29.60
C PHE D 9 30.34 -30.21 28.55
N VAL D 10 29.53 -29.51 27.77
CA VAL D 10 30.06 -28.51 26.85
C VAL D 10 29.53 -27.13 27.22
N THR D 11 30.32 -26.09 26.94
CA THR D 11 29.91 -24.72 27.26
C THR D 11 29.64 -23.87 26.02
N LEU D 12 28.54 -23.12 26.06
CA LEU D 12 28.14 -22.21 24.97
C LEU D 12 28.28 -20.76 25.44
N LEU D 13 29.05 -19.97 24.69
CA LEU D 13 29.40 -18.61 25.12
C LEU D 13 28.63 -17.54 24.37
N GLY D 14 28.00 -16.63 25.11
CA GLY D 14 27.11 -15.66 24.50
C GLY D 14 27.72 -14.31 24.14
N SER D 15 29.01 -14.14 24.42
CA SER D 15 29.72 -12.89 24.11
C SER D 15 30.93 -13.12 23.21
N LEU D 16 31.15 -12.20 22.28
CA LEU D 16 32.23 -12.35 21.30
C LEU D 16 33.48 -11.56 21.65
N ARG D 17 33.38 -10.60 22.58
CA ARG D 17 34.54 -9.72 22.83
C ARG D 17 35.63 -10.42 23.63
N LYS D 18 36.88 -10.06 23.37
CA LYS D 18 38.00 -10.77 23.99
C LYS D 18 38.00 -10.65 25.50
N ALA D 19 37.72 -9.46 26.02
CA ALA D 19 37.73 -9.25 27.46
C ALA D 19 36.40 -9.56 28.12
N SER D 20 35.58 -10.37 27.45
CA SER D 20 34.24 -10.69 27.99
C SER D 20 34.34 -11.30 29.37
N PHE D 21 33.53 -10.81 30.30
CA PHE D 21 33.49 -11.38 31.65
C PHE D 21 32.86 -12.77 31.61
N ASN D 22 31.86 -12.96 30.74
CA ASN D 22 31.22 -14.26 30.62
C ASN D 22 32.18 -15.32 30.08
N ALA D 23 33.07 -14.91 29.17
CA ALA D 23 34.12 -15.80 28.66
C ALA D 23 35.07 -16.22 29.79
N ALA D 24 35.39 -15.27 30.67
CA ALA D 24 36.22 -15.55 31.84
C ALA D 24 35.59 -16.63 32.71
N VAL D 25 34.30 -16.49 32.97
CA VAL D 25 33.55 -17.49 33.73
C VAL D 25 33.54 -18.85 33.05
N ALA D 26 33.29 -18.86 31.75
CA ALA D 26 33.21 -20.11 30.99
C ALA D 26 34.52 -20.89 31.07
N ARG D 27 35.65 -20.17 30.97
CA ARG D 27 36.97 -20.79 31.05
C ARG D 27 37.28 -21.38 32.42
N ALA D 28 36.62 -20.87 33.45
CA ALA D 28 36.85 -21.38 34.79
C ALA D 28 36.13 -22.71 35.03
N LEU D 29 35.06 -22.96 34.29
CA LEU D 29 34.23 -24.14 34.53
C LEU D 29 34.98 -25.48 34.43
N PRO D 30 35.86 -25.64 33.40
CA PRO D 30 36.54 -26.94 33.36
C PRO D 30 37.53 -27.20 34.52
N GLU D 31 38.15 -26.16 35.07
CA GLU D 31 39.04 -26.36 36.22
C GLU D 31 38.26 -26.54 37.50
N ILE D 32 37.12 -25.84 37.58
CA ILE D 32 36.19 -25.83 38.70
C ILE D 32 35.38 -27.13 38.82
N ALA D 33 35.23 -27.83 37.70
CA ALA D 33 34.37 -28.99 37.61
C ALA D 33 34.66 -30.02 38.70
N PRO D 34 33.62 -30.41 39.45
CA PRO D 34 33.77 -31.45 40.47
C PRO D 34 34.15 -32.77 39.82
N GLU D 35 34.73 -33.68 40.59
CA GLU D 35 35.22 -34.92 40.00
C GLU D 35 34.12 -35.79 39.38
N GLY D 36 34.44 -36.41 38.25
CA GLY D 36 33.48 -37.17 37.50
C GLY D 36 32.93 -36.37 36.33
N ILE D 37 33.41 -35.13 36.19
CA ILE D 37 32.94 -34.24 35.13
C ILE D 37 34.07 -33.61 34.32
N ALA D 38 34.06 -33.83 33.00
CA ALA D 38 34.98 -33.14 32.12
C ALA D 38 34.19 -32.13 31.31
N ILE D 39 34.74 -30.93 31.13
CA ILE D 39 34.03 -29.86 30.44
C ILE D 39 34.89 -29.24 29.35
N THR D 40 34.34 -29.13 28.14
CA THR D 40 35.04 -28.53 27.00
C THR D 40 34.20 -27.42 26.35
N PRO D 41 34.87 -26.41 25.76
CA PRO D 41 34.13 -25.33 25.11
C PRO D 41 33.57 -25.73 23.74
N LEU D 42 32.37 -25.23 23.39
CA LEU D 42 31.90 -25.35 22.01
C LEU D 42 32.63 -24.31 21.15
N GLY D 43 32.45 -24.39 19.84
CA GLY D 43 32.99 -23.37 18.93
C GLY D 43 32.30 -22.03 19.12
N SER D 44 32.82 -20.99 18.50
CA SER D 44 32.25 -19.66 18.67
C SER D 44 30.94 -19.49 17.88
N ILE D 45 29.98 -18.80 18.49
CA ILE D 45 28.72 -18.48 17.81
C ILE D 45 28.96 -17.42 16.74
N GLY D 46 30.13 -16.80 16.77
CA GLY D 46 30.48 -15.77 15.80
C GLY D 46 30.75 -16.29 14.39
N THR D 47 30.97 -17.60 14.27
CA THR D 47 31.23 -18.19 12.95
C THR D 47 29.93 -18.49 12.21
N PHE D 48 28.79 -18.42 12.91
CA PHE D 48 27.50 -18.68 12.27
C PHE D 48 27.12 -17.48 11.44
N PRO D 49 26.54 -17.71 10.25
CA PRO D 49 25.92 -16.61 9.51
C PRO D 49 24.56 -16.30 10.17
N HIS D 50 23.93 -15.19 9.78
CA HIS D 50 22.58 -14.90 10.26
C HIS D 50 21.66 -16.01 9.80
N TYR D 51 20.69 -16.40 10.62
CA TYR D 51 19.77 -17.42 10.19
C TYR D 51 18.96 -16.96 8.99
N SER D 52 18.83 -17.84 8.02
CA SER D 52 17.93 -17.62 6.89
C SER D 52 17.49 -18.96 6.34
N GLN D 53 16.20 -19.11 6.09
CA GLN D 53 15.71 -20.37 5.53
C GLN D 53 16.36 -20.65 4.19
N ASP D 54 16.64 -19.61 3.41
CA ASP D 54 17.32 -19.77 2.12
C ASP D 54 18.70 -20.40 2.26
N VAL D 55 19.49 -19.94 3.23
CA VAL D 55 20.80 -20.53 3.49
C VAL D 55 20.63 -21.98 3.94
N GLN D 56 19.63 -22.22 4.80
CA GLN D 56 19.37 -23.57 5.27
C GLN D 56 19.05 -24.54 4.13
N GLU D 57 18.21 -24.11 3.19
CA GLU D 57 17.83 -24.93 2.03
C GLU D 57 19.08 -25.36 1.25
N GLU D 58 20.01 -24.42 1.10
CA GLU D 58 21.27 -24.71 0.41
C GLU D 58 22.11 -25.70 1.19
N GLY D 59 21.93 -25.70 2.51
CA GLY D 59 22.66 -26.60 3.39
C GLY D 59 23.04 -25.92 4.70
N PHE D 60 23.05 -26.69 5.77
CA PHE D 60 23.45 -26.16 7.08
C PHE D 60 24.92 -25.76 7.04
N PRO D 61 25.24 -24.55 7.56
CA PRO D 61 26.64 -24.16 7.68
C PRO D 61 27.38 -25.21 8.49
N ALA D 62 28.61 -25.53 8.09
CA ALA D 62 29.39 -26.54 8.81
C ALA D 62 29.49 -26.34 10.32
N PRO D 63 29.78 -25.10 10.80
CA PRO D 63 29.92 -24.92 12.25
C PRO D 63 28.62 -25.22 12.99
N VAL D 64 27.49 -25.05 12.33
CA VAL D 64 26.22 -25.37 12.97
C VAL D 64 26.12 -26.87 13.24
N LEU D 65 26.43 -27.69 12.22
CA LEU D 65 26.41 -29.15 12.39
C LEU D 65 27.45 -29.64 13.39
N THR D 66 28.61 -29.01 13.38
CA THR D 66 29.65 -29.39 14.33
C THR D 66 29.13 -29.15 15.74
N MET D 67 28.56 -27.98 15.99
CA MET D 67 28.06 -27.68 17.32
C MET D 67 26.90 -28.58 17.71
N ALA D 68 25.99 -28.83 16.77
CA ALA D 68 24.85 -29.70 17.05
C ALA D 68 25.32 -31.09 17.48
N GLN D 69 26.38 -31.58 16.83
CA GLN D 69 26.92 -32.91 17.13
C GLN D 69 27.61 -32.96 18.50
N GLN D 70 28.35 -31.91 18.85
CA GLN D 70 28.97 -31.86 20.16
C GLN D 70 27.93 -31.79 21.27
N ILE D 71 26.86 -31.04 21.03
CA ILE D 71 25.79 -30.96 22.02
C ILE D 71 25.07 -32.29 22.15
N ALA D 72 24.76 -32.92 21.01
CA ALA D 72 24.05 -34.21 21.03
C ALA D 72 24.78 -35.26 21.86
N THR D 73 26.10 -35.30 21.73
CA THR D 73 26.89 -36.33 22.42
C THR D 73 27.26 -35.93 23.84
N ALA D 74 27.15 -34.64 24.16
CA ALA D 74 27.44 -34.20 25.53
C ALA D 74 26.35 -34.68 26.46
N ASP D 75 26.66 -34.83 27.74
CA ASP D 75 25.65 -35.20 28.73
C ASP D 75 24.83 -34.01 29.21
N ALA D 76 25.40 -32.80 29.05
CA ALA D 76 24.72 -31.57 29.42
C ALA D 76 25.39 -30.35 28.81
N VAL D 77 24.66 -29.22 28.78
CA VAL D 77 25.20 -27.98 28.24
C VAL D 77 25.15 -26.88 29.30
N VAL D 78 26.21 -26.08 29.37
CA VAL D 78 26.17 -24.88 30.20
C VAL D 78 26.22 -23.67 29.30
N ILE D 79 25.17 -22.85 29.33
CA ILE D 79 25.15 -21.63 28.54
C ILE D 79 25.56 -20.43 29.40
N VAL D 80 26.64 -19.78 29.01
CA VAL D 80 27.18 -18.63 29.74
C VAL D 80 27.07 -17.38 28.86
N THR D 81 26.27 -16.41 29.31
CA THR D 81 25.91 -15.29 28.44
C THR D 81 25.62 -14.01 29.19
N PRO D 82 25.94 -12.86 28.59
CA PRO D 82 25.49 -11.60 29.18
C PRO D 82 24.02 -11.35 28.84
N GLU D 83 23.51 -10.24 29.35
CA GLU D 83 22.16 -9.79 29.04
C GLU D 83 22.24 -8.48 28.24
N TYR D 84 21.60 -8.46 27.06
CA TYR D 84 21.56 -7.24 26.26
C TYR D 84 20.13 -6.75 26.17
N ASN D 85 19.91 -5.48 26.54
CA ASN D 85 18.59 -4.88 26.41
C ASN D 85 17.47 -5.74 27.03
N TYR D 86 17.69 -6.18 28.27
CA TYR D 86 16.70 -6.97 29.02
C TYR D 86 16.33 -8.30 28.37
N SER D 87 17.24 -8.85 27.57
CA SER D 87 16.96 -10.14 26.92
C SER D 87 18.25 -10.85 26.55
N VAL D 88 18.15 -11.87 25.71
CA VAL D 88 19.37 -12.59 25.30
C VAL D 88 20.05 -11.89 24.12
N PRO D 89 21.39 -11.90 24.10
CA PRO D 89 22.11 -11.29 22.99
C PRO D 89 21.65 -11.90 21.69
N GLY D 90 21.43 -11.03 20.70
CA GLY D 90 20.96 -11.47 19.40
C GLY D 90 21.83 -12.55 18.79
N VAL D 91 23.15 -12.41 18.93
CA VAL D 91 24.11 -13.40 18.41
C VAL D 91 23.89 -14.79 18.96
N LEU D 92 23.66 -14.84 20.26
CA LEU D 92 23.43 -16.11 20.93
C LEU D 92 22.10 -16.69 20.49
N LYS D 93 21.07 -15.84 20.46
CA LYS D 93 19.76 -16.31 19.98
C LYS D 93 19.84 -16.85 18.54
N ASN D 94 20.65 -16.19 17.72
CA ASN D 94 20.87 -16.65 16.35
C ASN D 94 21.47 -18.06 16.31
N ALA D 95 22.41 -18.35 17.22
CA ALA D 95 22.97 -19.71 17.27
C ALA D 95 21.91 -20.73 17.70
N ILE D 96 21.11 -20.35 18.68
CA ILE D 96 20.01 -21.21 19.14
C ILE D 96 19.04 -21.44 17.98
N ASP D 97 18.76 -20.38 17.23
CA ASP D 97 17.85 -20.47 16.08
C ASP D 97 18.38 -21.49 15.08
N TRP D 98 19.68 -21.42 14.75
CA TRP D 98 20.28 -22.40 13.85
C TRP D 98 20.21 -23.83 14.41
N LEU D 99 20.59 -24.02 15.66
CA LEU D 99 20.56 -25.35 16.29
C LEU D 99 19.16 -25.96 16.27
N SER D 100 18.14 -25.11 16.44
CA SER D 100 16.75 -25.57 16.54
C SER D 100 16.21 -26.19 15.25
N ARG D 101 16.89 -25.94 14.13
CA ARG D 101 16.45 -26.41 12.82
C ARG D 101 17.12 -27.71 12.40
N VAL D 102 18.11 -28.15 13.17
CA VAL D 102 18.81 -29.41 12.91
C VAL D 102 17.93 -30.62 13.24
N SER D 103 18.05 -31.69 12.45
CA SER D 103 17.41 -32.99 12.74
C SER D 103 18.45 -34.06 12.96
N PRO D 104 18.38 -34.76 14.12
CA PRO D 104 17.42 -34.49 15.19
C PRO D 104 17.82 -33.24 15.95
N GLN D 105 16.89 -32.59 16.63
CA GLN D 105 17.21 -31.33 17.26
C GLN D 105 17.96 -31.57 18.58
N PRO D 106 19.19 -31.04 18.64
CA PRO D 106 20.18 -31.49 19.65
C PRO D 106 19.85 -31.09 21.08
N LEU D 107 18.98 -30.11 21.29
CA LEU D 107 18.67 -29.66 22.65
C LEU D 107 17.48 -30.42 23.26
N ALA D 108 16.77 -31.19 22.44
CA ALA D 108 15.63 -31.97 22.94
C ALA D 108 16.12 -32.99 23.96
N GLY D 109 15.56 -32.92 25.17
CA GLY D 109 15.94 -33.85 26.23
C GLY D 109 17.28 -33.52 26.87
N LYS D 110 17.91 -32.43 26.45
CA LYS D 110 19.24 -32.10 26.93
C LYS D 110 19.20 -31.35 28.27
N PRO D 111 19.95 -31.83 29.27
CA PRO D 111 20.08 -31.07 30.52
C PRO D 111 20.88 -29.80 30.26
N VAL D 112 20.40 -28.66 30.75
CA VAL D 112 21.05 -27.38 30.50
C VAL D 112 21.09 -26.56 31.79
N ALA D 113 22.23 -25.91 32.04
CA ALA D 113 22.31 -24.92 33.09
C ALA D 113 22.64 -23.56 32.51
N LEU D 114 22.09 -22.51 33.12
CA LEU D 114 22.30 -21.15 32.66
C LEU D 114 23.17 -20.39 33.64
N VAL D 115 24.12 -19.64 33.09
CA VAL D 115 24.99 -18.78 33.88
C VAL D 115 25.04 -17.42 33.18
N THR D 116 24.81 -16.34 33.93
CA THR D 116 24.93 -14.99 33.37
C THR D 116 25.81 -14.14 34.27
N ALA D 117 26.68 -13.35 33.65
CA ALA D 117 27.54 -12.44 34.40
C ALA D 117 27.29 -11.02 33.94
N SER D 118 27.25 -10.10 34.89
CA SER D 118 26.99 -8.72 34.56
C SER D 118 27.76 -7.80 35.50
N PRO D 119 28.20 -6.64 34.97
CA PRO D 119 28.84 -5.64 35.83
C PRO D 119 27.79 -5.04 36.74
N GLY D 120 26.54 -5.20 36.34
CA GLY D 120 25.46 -4.56 37.06
C GLY D 120 25.06 -5.35 38.27
N MET D 121 23.80 -5.28 38.63
CA MET D 121 23.40 -5.88 39.89
C MET D 121 22.32 -6.97 39.75
N ILE D 122 21.48 -6.85 38.74
CA ILE D 122 20.45 -7.87 38.47
C ILE D 122 21.15 -9.16 38.03
N GLY D 123 22.27 -8.99 37.34
CA GLY D 123 23.12 -10.11 36.95
C GLY D 123 22.55 -11.03 35.88
N GLY D 124 21.69 -10.49 35.02
CA GLY D 124 21.18 -11.24 33.87
C GLY D 124 19.96 -12.11 34.06
N ALA D 125 19.15 -11.81 35.07
CA ALA D 125 17.94 -12.60 35.32
C ALA D 125 16.97 -12.57 34.13
N ARG D 126 16.89 -11.43 33.46
CA ARG D 126 15.96 -11.30 32.35
C ARG D 126 16.35 -12.11 31.13
N ALA D 127 17.64 -12.16 30.80
CA ALA D 127 18.11 -13.00 29.70
C ALA D 127 17.84 -14.47 29.98
N GLN D 128 18.06 -14.87 31.23
CA GLN D 128 17.79 -16.26 31.61
C GLN D 128 16.32 -16.66 31.48
N ASN D 129 15.43 -15.74 31.86
CA ASN D 129 13.99 -15.94 31.66
C ASN D 129 13.65 -16.20 30.18
N HIS D 130 14.08 -15.31 29.29
CA HIS D 130 13.80 -15.48 27.86
C HIS D 130 14.46 -16.72 27.28
N LEU D 131 15.69 -17.00 27.69
CA LEU D 131 16.39 -18.21 27.26
C LEU D 131 15.64 -19.46 27.69
N ARG D 132 15.24 -19.49 28.95
CA ARG D 132 14.44 -20.61 29.45
C ARG D 132 13.18 -20.84 28.63
N GLN D 133 12.48 -19.77 28.26
CA GLN D 133 11.25 -19.89 27.46
C GLN D 133 11.54 -20.60 26.13
N SER D 134 12.63 -20.20 25.47
CA SER D 134 13.02 -20.87 24.23
C SER D 134 13.42 -22.33 24.43
N LEU D 135 14.14 -22.60 25.51
CA LEU D 135 14.65 -23.95 25.77
C LEU D 135 13.51 -24.93 26.09
N VAL D 136 12.45 -24.43 26.73
CA VAL D 136 11.24 -25.23 26.98
C VAL D 136 10.60 -25.65 25.64
N PHE D 137 10.47 -24.69 24.73
CA PHE D 137 9.97 -24.98 23.40
C PHE D 137 10.82 -26.02 22.72
N LEU D 138 12.12 -25.98 22.97
CA LEU D 138 13.02 -26.96 22.37
C LEU D 138 13.15 -28.23 23.23
N ASP D 139 12.31 -28.34 24.25
CA ASP D 139 12.24 -29.55 25.08
C ASP D 139 13.53 -29.90 25.83
N ALA D 140 14.31 -28.87 26.18
CA ALA D 140 15.49 -29.08 27.04
C ALA D 140 15.05 -29.15 28.51
N TYR D 141 15.89 -29.74 29.35
CA TYR D 141 15.62 -29.77 30.78
C TYR D 141 16.56 -28.77 31.43
N VAL D 142 16.05 -27.56 31.70
CA VAL D 142 16.92 -26.52 32.21
C VAL D 142 16.91 -26.49 33.74
N LEU D 143 18.10 -26.53 34.32
CA LEU D 143 18.29 -26.58 35.78
C LEU D 143 17.51 -25.48 36.46
N ASN D 144 16.67 -25.84 37.42
CA ASN D 144 15.96 -24.85 38.23
C ASN D 144 16.86 -24.18 39.26
N ARG D 145 17.67 -24.99 39.96
CA ARG D 145 18.45 -24.54 41.11
C ARG D 145 19.80 -25.24 41.15
N PRO D 146 20.84 -24.54 41.61
CA PRO D 146 20.81 -23.12 41.99
C PRO D 146 20.91 -22.21 40.77
N GLU D 147 20.29 -21.04 40.85
CA GLU D 147 20.37 -20.09 39.75
C GLU D 147 21.64 -19.29 39.86
N ALA D 148 22.32 -19.13 38.73
CA ALA D 148 23.61 -18.47 38.72
C ALA D 148 23.56 -17.12 38.00
N MET D 149 23.27 -16.07 38.75
CA MET D 149 23.36 -14.71 38.25
C MET D 149 24.52 -14.01 38.95
N ILE D 150 25.62 -13.79 38.24
CA ILE D 150 26.82 -13.21 38.84
C ILE D 150 26.88 -11.69 38.61
N GLY D 151 26.49 -10.95 39.65
CA GLY D 151 26.51 -9.50 39.58
C GLY D 151 27.85 -8.92 40.03
N GLN D 152 28.04 -7.63 39.76
CA GLN D 152 29.26 -6.92 40.15
C GLN D 152 30.49 -7.69 39.68
N VAL D 153 30.44 -8.16 38.44
CA VAL D 153 31.44 -9.09 37.93
C VAL D 153 32.81 -8.42 37.78
N THR D 154 32.82 -7.09 37.73
CA THR D 154 34.06 -6.33 37.50
C THR D 154 35.14 -6.67 38.52
N GLY D 155 34.75 -6.87 39.77
CA GLY D 155 35.71 -7.18 40.81
C GLY D 155 35.91 -8.65 41.08
N LYS D 156 35.30 -9.49 40.25
CA LYS D 156 35.38 -10.95 40.44
C LYS D 156 36.31 -11.62 39.43
N VAL D 157 36.60 -10.94 38.32
CA VAL D 157 37.67 -11.37 37.45
C VAL D 157 38.77 -10.30 37.43
N ASP D 158 40.04 -10.73 37.45
CA ASP D 158 41.10 -9.73 37.43
C ASP D 158 41.37 -9.32 35.99
N ALA D 159 41.42 -8.01 35.77
CA ALA D 159 41.71 -7.47 34.46
C ALA D 159 43.16 -7.84 34.12
N GLN D 160 43.52 -7.66 32.86
CA GLN D 160 44.87 -7.96 32.36
C GLN D 160 45.18 -9.46 32.33
N THR D 161 44.65 -10.21 33.29
CA THR D 161 44.93 -11.64 33.40
C THR D 161 43.73 -12.51 33.04
N LEU D 162 42.61 -11.89 32.66
CA LEU D 162 41.50 -12.61 31.99
C LEU D 162 40.71 -13.58 32.87
N GLU D 163 41.21 -13.90 34.06
CA GLU D 163 40.70 -15.02 34.82
C GLU D 163 39.72 -14.67 35.95
N LEU D 164 38.75 -15.57 36.16
CA LEU D 164 37.82 -15.46 37.28
C LEU D 164 38.55 -15.83 38.57
N SER D 165 38.70 -14.87 39.47
CA SER D 165 39.52 -15.06 40.68
C SER D 165 38.74 -15.20 41.99
N ASP D 166 37.52 -14.65 42.03
CA ASP D 166 36.69 -14.70 43.23
C ASP D 166 36.40 -16.13 43.67
N VAL D 167 36.97 -16.53 44.81
CA VAL D 167 36.88 -17.91 45.27
C VAL D 167 35.42 -18.33 45.56
N ALA D 168 34.64 -17.41 46.09
CA ALA D 168 33.24 -17.70 46.39
C ALA D 168 32.44 -17.97 45.10
N THR D 169 32.76 -17.24 44.04
CA THR D 169 32.09 -17.45 42.76
C THR D 169 32.40 -18.84 42.23
N ARG D 170 33.68 -19.21 42.28
CA ARG D 170 34.14 -20.51 41.81
C ARG D 170 33.45 -21.66 42.50
N GLU D 171 33.37 -21.55 43.82
CA GLU D 171 32.81 -22.58 44.65
C GLU D 171 31.31 -22.72 44.36
N PHE D 172 30.65 -21.58 44.16
CA PHE D 172 29.24 -21.57 43.78
C PHE D 172 28.99 -22.26 42.43
N LEU D 173 29.81 -21.94 41.43
CA LEU D 173 29.68 -22.56 40.10
C LEU D 173 29.93 -24.07 40.11
N ALA D 174 30.90 -24.52 40.91
CA ALA D 174 31.17 -25.95 41.05
C ALA D 174 29.93 -26.65 41.55
N ARG D 175 29.30 -26.02 42.52
CA ARG D 175 28.08 -26.51 43.12
C ARG D 175 26.89 -26.51 42.12
N GLN D 176 26.81 -25.50 41.25
CA GLN D 176 25.80 -25.54 40.19
C GLN D 176 26.09 -26.73 39.25
N LEU D 177 27.36 -26.95 38.94
CA LEU D 177 27.75 -28.08 38.09
C LEU D 177 27.36 -29.42 38.70
N ASP D 178 27.47 -29.51 40.03
CA ASP D 178 27.05 -30.71 40.75
C ASP D 178 25.56 -30.96 40.53
N ALA D 179 24.76 -29.91 40.67
CA ALA D 179 23.32 -30.02 40.48
C ALA D 179 23.00 -30.41 39.04
N LEU D 180 23.75 -29.86 38.09
CA LEU D 180 23.55 -30.21 36.68
C LEU D 180 23.87 -31.69 36.42
N ALA D 181 24.98 -32.15 37.00
CA ALA D 181 25.35 -33.56 36.90
C ALA D 181 24.25 -34.45 37.49
N ALA D 182 23.75 -34.06 38.66
CA ALA D 182 22.68 -34.83 39.30
C ALA D 182 21.43 -34.86 38.42
N LEU D 183 21.10 -33.72 37.82
CA LEU D 183 19.96 -33.65 36.91
C LEU D 183 20.19 -34.58 35.72
N ALA D 184 21.39 -34.53 35.14
CA ALA D 184 21.71 -35.39 33.99
C ALA D 184 21.59 -36.88 34.31
N ARG D 185 22.13 -37.26 35.47
CA ARG D 185 22.08 -38.67 35.88
C ARG D 185 20.66 -39.13 36.22
N THR D 186 19.84 -38.22 36.73
CA THR D 186 18.44 -38.54 37.02
C THR D 186 17.66 -38.83 35.74
N LEU D 187 17.90 -38.02 34.71
CA LEU D 187 17.16 -38.14 33.45
C LEU D 187 17.67 -39.28 32.56
N SER D 188 18.90 -39.74 32.80
CA SER D 188 19.48 -40.81 31.99
C SER D 188 18.78 -42.15 32.22
N SER E 5 -1.85 23.53 35.97
CA SER E 5 -2.79 22.42 36.02
C SER E 5 -2.39 21.43 37.11
N PRO E 6 -3.06 21.50 38.27
CA PRO E 6 -2.69 20.62 39.39
C PRO E 6 -3.11 19.17 39.09
N LEU E 7 -2.21 18.22 39.32
CA LEU E 7 -2.51 16.81 39.09
C LEU E 7 -2.84 16.05 40.38
N HIS E 8 -3.67 15.02 40.25
CA HIS E 8 -4.01 14.14 41.38
C HIS E 8 -3.66 12.69 41.02
N PHE E 9 -2.76 12.11 41.81
CA PHE E 9 -2.36 10.71 41.64
C PHE E 9 -2.96 9.87 42.77
N VAL E 10 -3.28 8.61 42.49
CA VAL E 10 -3.69 7.70 43.54
C VAL E 10 -2.73 6.53 43.65
N THR E 11 -2.58 5.98 44.84
CA THR E 11 -1.64 4.89 45.05
C THR E 11 -2.34 3.57 45.34
N LEU E 12 -1.90 2.52 44.66
CA LEU E 12 -2.43 1.18 44.84
C LEU E 12 -1.35 0.35 45.52
N LEU E 13 -1.68 -0.26 46.65
CA LEU E 13 -0.67 -0.95 47.47
C LEU E 13 -0.78 -2.46 47.35
N GLY E 14 0.33 -3.13 47.06
CA GLY E 14 0.31 -4.57 46.78
C GLY E 14 0.61 -5.53 47.90
N SER E 15 0.86 -5.00 49.09
CA SER E 15 1.15 -5.83 50.26
C SER E 15 0.15 -5.57 51.37
N LEU E 16 -0.27 -6.61 52.08
CA LEU E 16 -1.27 -6.45 53.13
C LEU E 16 -0.66 -6.36 54.53
N ARG E 17 0.60 -6.73 54.71
CA ARG E 17 1.15 -6.78 56.07
C ARG E 17 1.46 -5.38 56.60
N LYS E 18 1.32 -5.23 57.92
CA LYS E 18 1.43 -3.94 58.60
C LYS E 18 2.81 -3.32 58.46
N ALA E 19 3.85 -4.14 58.60
CA ALA E 19 5.22 -3.68 58.50
C ALA E 19 5.77 -3.71 57.07
N SER E 20 4.89 -3.72 56.08
CA SER E 20 5.29 -3.77 54.68
C SER E 20 6.21 -2.63 54.30
N PHE E 21 7.32 -2.94 53.65
CA PHE E 21 8.19 -1.90 53.17
C PHE E 21 7.51 -1.12 52.04
N ASN E 22 6.71 -1.82 51.23
CA ASN E 22 6.03 -1.15 50.12
C ASN E 22 5.00 -0.15 50.61
N ALA E 23 4.34 -0.48 51.72
CA ALA E 23 3.42 0.46 52.38
C ALA E 23 4.17 1.72 52.86
N ALA E 24 5.36 1.53 53.42
CA ALA E 24 6.17 2.65 53.87
C ALA E 24 6.43 3.62 52.72
N VAL E 25 6.82 3.06 51.58
CA VAL E 25 7.08 3.84 50.39
C VAL E 25 5.83 4.58 49.91
N ALA E 26 4.70 3.88 49.89
CA ALA E 26 3.46 4.48 49.42
C ALA E 26 3.05 5.68 50.29
N ARG E 27 3.21 5.54 51.60
CA ARG E 27 2.86 6.63 52.52
C ARG E 27 3.79 7.84 52.33
N ALA E 28 4.99 7.58 51.85
CA ALA E 28 5.97 8.66 51.65
C ALA E 28 5.64 9.49 50.41
N LEU E 29 4.93 8.91 49.46
CA LEU E 29 4.68 9.59 48.19
C LEU E 29 3.95 10.95 48.28
N PRO E 30 2.91 11.04 49.13
CA PRO E 30 2.24 12.35 49.14
C PRO E 30 3.07 13.51 49.70
N GLU E 31 3.98 13.24 50.65
CA GLU E 31 4.85 14.31 51.16
C GLU E 31 5.99 14.58 50.18
N ILE E 32 6.38 13.54 49.46
CA ILE E 32 7.44 13.60 48.46
C ILE E 32 6.95 14.36 47.22
N ALA E 33 5.64 14.33 47.00
CA ALA E 33 5.07 14.89 45.78
C ALA E 33 5.50 16.34 45.52
N PRO E 34 6.11 16.58 44.35
CA PRO E 34 6.56 17.89 43.88
C PRO E 34 5.41 18.86 43.69
N GLU E 35 5.71 20.15 43.57
CA GLU E 35 4.67 21.16 43.49
C GLU E 35 3.77 20.90 42.29
N GLY E 36 2.46 21.01 42.48
CA GLY E 36 1.52 20.74 41.42
C GLY E 36 0.95 19.33 41.39
N ILE E 37 1.39 18.48 42.31
CA ILE E 37 0.93 17.10 42.37
C ILE E 37 0.46 16.72 43.77
N ALA E 38 -0.80 16.31 43.89
CA ALA E 38 -1.31 15.80 45.16
C ALA E 38 -1.57 14.30 45.01
N ILE E 39 -1.23 13.55 46.04
CA ILE E 39 -1.32 12.10 46.00
C ILE E 39 -2.13 11.56 47.19
N THR E 40 -3.11 10.70 46.90
CA THR E 40 -3.96 10.09 47.92
C THR E 40 -3.97 8.57 47.75
N PRO E 41 -4.09 7.81 48.85
CA PRO E 41 -4.12 6.34 48.78
C PRO E 41 -5.47 5.76 48.36
N LEU E 42 -5.48 4.70 47.56
CA LEU E 42 -6.70 3.95 47.28
C LEU E 42 -7.05 3.10 48.50
N GLY E 43 -8.24 2.50 48.49
CA GLY E 43 -8.60 1.54 49.53
C GLY E 43 -7.75 0.28 49.45
N SER E 44 -7.83 -0.57 50.46
CA SER E 44 -7.02 -1.77 50.49
C SER E 44 -7.53 -2.84 49.52
N ILE E 45 -6.60 -3.57 48.90
CA ILE E 45 -6.98 -4.66 48.00
C ILE E 45 -7.51 -5.85 48.79
N GLY E 46 -7.30 -5.82 50.11
CA GLY E 46 -7.77 -6.88 51.00
C GLY E 46 -9.28 -6.91 51.20
N THR E 47 -9.95 -5.83 50.82
CA THR E 47 -11.42 -5.79 50.96
C THR E 47 -12.12 -6.46 49.79
N PHE E 48 -11.38 -6.77 48.72
CA PHE E 48 -11.96 -7.42 47.56
C PHE E 48 -12.18 -8.91 47.85
N PRO E 49 -13.31 -9.47 47.39
CA PRO E 49 -13.39 -10.93 47.43
C PRO E 49 -12.57 -11.47 46.26
N HIS E 50 -12.35 -12.78 46.24
CA HIS E 50 -11.72 -13.40 45.08
C HIS E 50 -12.56 -13.15 43.85
N TYR E 51 -11.91 -12.91 42.70
CA TYR E 51 -12.69 -12.70 41.50
C TYR E 51 -13.50 -13.94 41.16
N SER E 52 -14.76 -13.71 40.82
CA SER E 52 -15.63 -14.78 40.34
C SER E 52 -16.68 -14.16 39.44
N GLN E 53 -16.90 -14.76 38.28
CA GLN E 53 -17.91 -14.24 37.37
C GLN E 53 -19.29 -14.35 38.03
N ASP E 54 -19.49 -15.41 38.82
CA ASP E 54 -20.75 -15.58 39.55
C ASP E 54 -21.01 -14.41 40.49
N VAL E 55 -19.97 -13.99 41.21
CA VAL E 55 -20.09 -12.82 42.08
C VAL E 55 -20.36 -11.57 41.25
N GLN E 56 -19.64 -11.43 40.13
CA GLN E 56 -19.82 -10.27 39.26
C GLN E 56 -21.24 -10.14 38.70
N GLU E 57 -21.84 -11.26 38.27
CA GLU E 57 -23.20 -11.25 37.74
C GLU E 57 -24.20 -10.71 38.76
N GLU E 58 -24.04 -11.13 40.01
CA GLU E 58 -24.90 -10.67 41.09
C GLU E 58 -24.69 -9.18 41.33
N GLY E 59 -23.49 -8.70 41.01
CA GLY E 59 -23.14 -7.31 41.16
C GLY E 59 -21.71 -7.11 41.62
N PHE E 60 -21.09 -6.03 41.14
CA PHE E 60 -19.73 -5.66 41.52
C PHE E 60 -19.67 -5.30 43.01
N PRO E 61 -18.66 -5.83 43.72
CA PRO E 61 -18.46 -5.42 45.11
C PRO E 61 -18.23 -3.91 45.19
N ALA E 62 -18.83 -3.26 46.20
CA ALA E 62 -18.67 -1.83 46.38
C ALA E 62 -17.23 -1.30 46.37
N PRO E 63 -16.30 -1.97 47.08
CA PRO E 63 -14.94 -1.43 47.04
C PRO E 63 -14.32 -1.46 45.65
N VAL E 64 -14.75 -2.40 44.82
CA VAL E 64 -14.25 -2.46 43.45
C VAL E 64 -14.70 -1.22 42.69
N LEU E 65 -15.99 -0.90 42.76
CA LEU E 65 -16.54 0.27 42.08
C LEU E 65 -15.96 1.58 42.63
N THR E 66 -15.78 1.62 43.96
CA THR E 66 -15.19 2.78 44.61
C THR E 66 -13.77 2.99 44.10
N MET E 67 -12.99 1.91 44.06
CA MET E 67 -11.60 2.03 43.58
C MET E 67 -11.57 2.43 42.10
N ALA E 68 -12.42 1.81 41.30
CA ALA E 68 -12.45 2.13 39.88
C ALA E 68 -12.74 3.60 39.64
N GLN E 69 -13.65 4.16 40.42
CA GLN E 69 -14.02 5.56 40.24
C GLN E 69 -12.91 6.50 40.69
N GLN E 70 -12.22 6.14 41.77
CA GLN E 70 -11.07 6.93 42.25
C GLN E 70 -9.97 6.93 41.20
N ILE E 71 -9.77 5.79 40.54
CA ILE E 71 -8.79 5.68 39.47
C ILE E 71 -9.22 6.51 38.27
N ALA E 72 -10.49 6.40 37.89
CA ALA E 72 -11.04 7.16 36.77
C ALA E 72 -10.83 8.66 36.93
N THR E 73 -11.02 9.16 38.15
CA THR E 73 -10.94 10.60 38.37
C THR E 73 -9.49 11.06 38.58
N ALA E 74 -8.60 10.12 38.89
CA ALA E 74 -7.18 10.45 39.09
C ALA E 74 -6.49 10.78 37.78
N ASP E 75 -5.44 11.58 37.84
CA ASP E 75 -4.67 11.86 36.63
C ASP E 75 -3.69 10.73 36.31
N ALA E 76 -3.30 9.97 37.33
CA ALA E 76 -2.38 8.85 37.15
C ALA E 76 -2.41 7.93 38.36
N VAL E 77 -1.90 6.72 38.19
CA VAL E 77 -1.90 5.75 39.28
C VAL E 77 -0.46 5.31 39.56
N VAL E 78 -0.11 5.20 40.84
CA VAL E 78 1.18 4.61 41.21
C VAL E 78 0.96 3.29 41.92
N ILE E 79 1.47 2.21 41.34
CA ILE E 79 1.32 0.92 41.98
C ILE E 79 2.62 0.57 42.71
N VAL E 80 2.51 0.37 44.03
CA VAL E 80 3.68 0.04 44.86
C VAL E 80 3.49 -1.37 45.38
N THR E 81 4.38 -2.28 45.00
CA THR E 81 4.14 -3.69 45.28
C THR E 81 5.40 -4.52 45.44
N PRO E 82 5.33 -5.54 46.29
CA PRO E 82 6.45 -6.51 46.36
C PRO E 82 6.35 -7.51 45.21
N GLU E 83 7.34 -8.41 45.15
CA GLU E 83 7.34 -9.50 44.20
C GLU E 83 7.25 -10.81 44.98
N TYR E 84 6.27 -11.65 44.66
CA TYR E 84 6.14 -12.99 45.27
C TYR E 84 6.37 -14.06 44.20
N ASN E 85 7.29 -14.98 44.47
CA ASN E 85 7.55 -16.10 43.58
C ASN E 85 7.76 -15.69 42.13
N TYR E 86 8.63 -14.70 41.92
CA TYR E 86 8.98 -14.22 40.58
C TYR E 86 7.81 -13.63 39.83
N SER E 87 6.80 -13.13 40.55
CA SER E 87 5.67 -12.51 39.87
C SER E 87 4.91 -11.54 40.78
N VAL E 88 3.73 -11.16 40.34
CA VAL E 88 2.89 -10.22 41.09
C VAL E 88 2.19 -10.97 42.20
N PRO E 89 2.07 -10.35 43.40
CA PRO E 89 1.31 -11.00 44.46
C PRO E 89 -0.10 -11.30 43.97
N GLY E 90 -0.60 -12.50 44.27
CA GLY E 90 -1.94 -12.90 43.85
C GLY E 90 -3.02 -11.91 44.24
N VAL E 91 -2.94 -11.39 45.47
CA VAL E 91 -3.94 -10.43 45.95
C VAL E 91 -4.00 -9.18 45.09
N LEU E 92 -2.82 -8.68 44.68
CA LEU E 92 -2.81 -7.50 43.83
C LEU E 92 -3.35 -7.84 42.44
N LYS E 93 -2.92 -8.95 41.86
CA LYS E 93 -3.47 -9.37 40.57
C LYS E 93 -4.99 -9.53 40.66
N ASN E 94 -5.46 -10.04 41.79
CA ASN E 94 -6.90 -10.18 41.99
C ASN E 94 -7.63 -8.83 41.91
N ALA E 95 -7.03 -7.79 42.48
CA ALA E 95 -7.61 -6.45 42.41
C ALA E 95 -7.66 -5.95 40.97
N ILE E 96 -6.57 -6.18 40.23
CA ILE E 96 -6.51 -5.83 38.80
C ILE E 96 -7.58 -6.62 38.01
N ASP E 97 -7.75 -7.89 38.35
CA ASP E 97 -8.76 -8.71 37.67
C ASP E 97 -10.16 -8.10 37.82
N TRP E 98 -10.50 -7.68 39.04
CA TRP E 98 -11.79 -7.05 39.29
C TRP E 98 -11.94 -5.73 38.53
N LEU E 99 -10.92 -4.88 38.63
CA LEU E 99 -10.94 -3.58 37.95
C LEU E 99 -11.12 -3.75 36.46
N SER E 100 -10.52 -4.78 35.90
CA SER E 100 -10.54 -4.99 34.45
C SER E 100 -11.94 -5.30 33.92
N ARG E 101 -12.85 -5.70 34.81
CA ARG E 101 -14.19 -6.11 34.39
C ARG E 101 -15.20 -4.96 34.51
N VAL E 102 -14.78 -3.85 35.11
CA VAL E 102 -15.65 -2.69 35.28
C VAL E 102 -15.84 -2.01 33.92
N SER E 103 -17.04 -1.50 33.66
CA SER E 103 -17.30 -0.69 32.46
C SER E 103 -17.70 0.72 32.86
N PRO E 104 -17.00 1.73 32.32
CA PRO E 104 -15.83 1.55 31.44
C PRO E 104 -14.63 1.11 32.28
N GLN E 105 -13.66 0.45 31.66
CA GLN E 105 -12.55 -0.08 32.45
C GLN E 105 -11.56 1.04 32.77
N PRO E 106 -11.32 1.27 34.07
CA PRO E 106 -10.72 2.52 34.56
C PRO E 106 -9.24 2.71 34.20
N LEU E 107 -8.54 1.64 33.84
CA LEU E 107 -7.11 1.75 33.54
C LEU E 107 -6.84 2.08 32.08
N ALA E 108 -7.88 2.02 31.25
CA ALA E 108 -7.73 2.34 29.82
C ALA E 108 -7.27 3.78 29.65
N GLY E 109 -6.14 3.97 28.97
CA GLY E 109 -5.60 5.30 28.73
C GLY E 109 -4.97 5.96 29.95
N LYS E 110 -4.97 5.26 31.08
CA LYS E 110 -4.49 5.81 32.35
C LYS E 110 -2.97 5.72 32.49
N PRO E 111 -2.32 6.85 32.84
CA PRO E 111 -0.89 6.83 33.15
C PRO E 111 -0.60 6.09 34.45
N VAL E 112 0.38 5.19 34.41
CA VAL E 112 0.70 4.36 35.55
C VAL E 112 2.22 4.31 35.75
N ALA E 113 2.68 4.43 36.98
CA ALA E 113 4.09 4.18 37.29
C ALA E 113 4.17 3.00 38.25
N LEU E 114 5.22 2.20 38.10
CA LEU E 114 5.38 1.01 38.94
C LEU E 114 6.55 1.22 39.90
N VAL E 115 6.35 0.83 41.15
CA VAL E 115 7.38 0.95 42.17
C VAL E 115 7.43 -0.35 42.96
N THR E 116 8.62 -0.89 43.15
CA THR E 116 8.76 -2.07 44.01
C THR E 116 9.86 -1.84 45.03
N ALA E 117 9.59 -2.21 46.28
CA ALA E 117 10.59 -2.06 47.32
C ALA E 117 10.87 -3.45 47.81
N SER E 118 12.14 -3.77 47.99
CA SER E 118 12.51 -5.13 48.31
C SER E 118 13.77 -5.22 49.15
N PRO E 119 13.85 -6.24 50.01
CA PRO E 119 15.07 -6.53 50.77
C PRO E 119 16.17 -7.08 49.87
N GLY E 120 15.84 -7.60 48.70
CA GLY E 120 16.86 -8.24 47.88
C GLY E 120 17.66 -7.28 47.01
N MET E 121 18.09 -7.77 45.85
CA MET E 121 18.89 -6.94 44.95
C MET E 121 18.19 -6.74 43.60
N ILE E 122 17.39 -7.74 43.21
CA ILE E 122 16.62 -7.65 41.98
C ILE E 122 15.55 -6.58 42.16
N GLY E 123 14.99 -6.54 43.36
CA GLY E 123 14.07 -5.48 43.70
C GLY E 123 12.75 -5.49 42.95
N GLY E 124 12.27 -6.67 42.56
CA GLY E 124 10.95 -6.76 41.96
C GLY E 124 10.85 -6.55 40.46
N ALA E 125 11.94 -6.77 39.73
CA ALA E 125 11.94 -6.61 38.28
C ALA E 125 10.93 -7.54 37.58
N ARG E 126 10.78 -8.75 38.09
CA ARG E 126 9.89 -9.75 37.50
C ARG E 126 8.42 -9.39 37.70
N ALA E 127 8.09 -8.91 38.89
CA ALA E 127 6.73 -8.48 39.16
C ALA E 127 6.34 -7.32 38.27
N GLN E 128 7.25 -6.37 38.10
CA GLN E 128 6.96 -5.21 37.26
C GLN E 128 6.78 -5.61 35.79
N ASN E 129 7.61 -6.54 35.33
CA ASN E 129 7.49 -7.11 33.99
C ASN E 129 6.09 -7.71 33.76
N HIS E 130 5.69 -8.62 34.65
CA HIS E 130 4.39 -9.26 34.49
C HIS E 130 3.25 -8.26 34.59
N LEU E 131 3.36 -7.33 35.53
CA LEU E 131 2.36 -6.28 35.71
C LEU E 131 2.23 -5.41 34.47
N ARG E 132 3.36 -5.01 33.88
CA ARG E 132 3.34 -4.25 32.61
C ARG E 132 2.57 -5.00 31.51
N GLN E 133 2.80 -6.31 31.42
CA GLN E 133 2.13 -7.12 30.39
C GLN E 133 0.61 -7.04 30.53
N SER E 134 0.12 -7.16 31.76
CA SER E 134 -1.32 -7.03 32.02
C SER E 134 -1.82 -5.62 31.73
N LEU E 135 -1.04 -4.61 32.14
CA LEU E 135 -1.47 -3.23 31.97
C LEU E 135 -1.53 -2.83 30.49
N VAL E 136 -0.66 -3.42 29.68
CA VAL E 136 -0.69 -3.23 28.24
C VAL E 136 -2.01 -3.72 27.67
N PHE E 137 -2.42 -4.92 28.09
CA PHE E 137 -3.68 -5.49 27.67
C PHE E 137 -4.83 -4.58 28.05
N LEU E 138 -4.70 -3.91 29.21
CA LEU E 138 -5.74 -3.01 29.70
C LEU E 138 -5.57 -1.58 29.14
N ASP E 139 -4.69 -1.42 28.15
CA ASP E 139 -4.49 -0.15 27.46
C ASP E 139 -4.04 0.99 28.37
N ALA E 140 -3.33 0.65 29.44
CA ALA E 140 -2.74 1.69 30.29
C ALA E 140 -1.45 2.21 29.65
N TYR E 141 -1.02 3.40 30.06
CA TYR E 141 0.26 3.94 29.63
C TYR E 141 1.23 3.87 30.81
N VAL E 142 2.06 2.84 30.83
CA VAL E 142 2.97 2.67 31.96
C VAL E 142 4.31 3.33 31.69
N LEU E 143 4.74 4.15 32.65
CA LEU E 143 6.00 4.89 32.55
C LEU E 143 7.15 3.93 32.25
N ASN E 144 7.92 4.23 31.21
CA ASN E 144 9.11 3.45 30.88
C ASN E 144 10.24 3.73 31.86
N ARG E 145 10.46 5.02 32.15
CA ARG E 145 11.61 5.53 32.88
C ARG E 145 11.23 6.73 33.75
N PRO E 146 11.88 6.88 34.91
CA PRO E 146 12.89 5.97 35.45
C PRO E 146 12.25 4.76 36.13
N GLU E 147 12.93 3.63 36.13
CA GLU E 147 12.40 2.44 36.78
C GLU E 147 12.65 2.50 38.27
N ALA E 148 11.64 2.14 39.05
CA ALA E 148 11.74 2.27 40.49
C ALA E 148 11.79 0.90 41.17
N MET E 149 12.99 0.35 41.26
CA MET E 149 13.21 -0.87 42.02
C MET E 149 14.11 -0.51 43.18
N ILE E 150 13.51 -0.45 44.36
CA ILE E 150 14.21 -0.02 45.56
C ILE E 150 14.75 -1.26 46.27
N GLY E 151 16.04 -1.54 46.07
CA GLY E 151 16.68 -2.67 46.69
C GLY E 151 17.26 -2.31 48.04
N GLN E 152 17.64 -3.32 48.83
CA GLN E 152 18.21 -3.13 50.15
C GLN E 152 17.39 -2.18 51.01
N VAL E 153 16.07 -2.35 50.97
CA VAL E 153 15.14 -1.40 51.58
C VAL E 153 15.23 -1.40 53.11
N THR E 154 15.77 -2.47 53.69
CA THR E 154 15.81 -2.60 55.15
C THR E 154 16.48 -1.39 55.81
N GLY E 155 17.52 -0.87 55.16
CA GLY E 155 18.21 0.31 55.67
C GLY E 155 17.69 1.61 55.07
N LYS E 156 16.61 1.53 54.30
CA LYS E 156 16.06 2.73 53.66
C LYS E 156 14.76 3.20 54.30
N VAL E 157 14.03 2.30 54.94
CA VAL E 157 12.94 2.73 55.82
C VAL E 157 13.34 2.32 57.22
N ASP E 158 13.10 3.20 58.17
CA ASP E 158 13.51 2.92 59.53
C ASP E 158 12.46 2.20 60.35
N ALA E 159 12.89 1.14 61.03
CA ALA E 159 12.05 0.39 61.95
C ALA E 159 11.71 1.34 63.08
N GLN E 160 10.80 0.94 63.97
CA GLN E 160 10.33 1.81 65.06
C GLN E 160 9.45 2.96 64.56
N THR E 161 9.76 3.52 63.39
CA THR E 161 9.00 4.66 62.88
C THR E 161 8.21 4.46 61.57
N LEU E 162 8.34 3.29 60.94
CA LEU E 162 7.46 2.91 59.81
C LEU E 162 7.68 3.68 58.48
N GLU E 163 8.40 4.80 58.54
CA GLU E 163 8.49 5.73 57.40
C GLU E 163 9.80 5.60 56.58
N LEU E 164 9.71 5.91 55.29
CA LEU E 164 10.88 5.93 54.38
C LEU E 164 11.78 7.11 54.69
N SER E 165 13.01 6.83 55.11
CA SER E 165 13.92 7.87 55.60
C SER E 165 15.09 8.22 54.66
N ASP E 166 15.50 7.28 53.82
CA ASP E 166 16.62 7.51 52.92
C ASP E 166 16.37 8.67 51.94
N VAL E 167 17.07 9.78 52.15
CA VAL E 167 16.83 11.01 51.40
C VAL E 167 17.03 10.84 49.89
N ALA E 168 18.03 10.05 49.51
CA ALA E 168 18.33 9.80 48.12
C ALA E 168 17.18 9.06 47.43
N THR E 169 16.56 8.13 48.15
CA THR E 169 15.43 7.37 47.65
C THR E 169 14.21 8.26 47.44
N ARG E 170 13.96 9.14 48.42
CA ARG E 170 12.85 10.08 48.36
C ARG E 170 13.00 11.02 47.16
N GLU E 171 14.22 11.51 46.95
CA GLU E 171 14.50 12.40 45.83
C GLU E 171 14.30 11.65 44.51
N PHE E 172 14.66 10.36 44.49
CA PHE E 172 14.42 9.54 43.33
C PHE E 172 12.93 9.44 42.99
N LEU E 173 12.14 9.18 44.01
CA LEU E 173 10.70 9.01 43.84
C LEU E 173 10.07 10.31 43.37
N ALA E 174 10.56 11.45 43.86
CA ALA E 174 10.07 12.74 43.40
C ALA E 174 10.27 12.90 41.90
N ARG E 175 11.44 12.50 41.43
CA ARG E 175 11.74 12.56 40.01
C ARG E 175 10.88 11.59 39.21
N GLN E 176 10.61 10.41 39.78
CA GLN E 176 9.71 9.50 39.08
C GLN E 176 8.32 10.10 38.95
N LEU E 177 7.86 10.73 40.03
CA LEU E 177 6.55 11.36 40.02
C LEU E 177 6.50 12.48 38.98
N ASP E 178 7.61 13.22 38.88
CA ASP E 178 7.76 14.28 37.88
C ASP E 178 7.64 13.69 36.46
N ALA E 179 8.31 12.58 36.22
CA ALA E 179 8.25 11.90 34.92
C ALA E 179 6.83 11.40 34.61
N LEU E 180 6.13 10.92 35.65
CA LEU E 180 4.74 10.50 35.52
C LEU E 180 3.83 11.68 35.19
N ALA E 181 4.09 12.82 35.82
CA ALA E 181 3.35 14.04 35.52
C ALA E 181 3.53 14.43 34.06
N ALA E 182 4.78 14.41 33.59
CA ALA E 182 5.08 14.78 32.21
C ALA E 182 4.38 13.84 31.23
N LEU E 183 4.35 12.55 31.54
CA LEU E 183 3.65 11.58 30.71
C LEU E 183 2.15 11.87 30.70
N ALA E 184 1.57 12.12 31.88
CA ALA E 184 0.13 12.38 31.96
C ALA E 184 -0.25 13.62 31.14
N ARG E 185 0.53 14.69 31.28
CA ARG E 185 0.23 15.94 30.56
C ARG E 185 0.45 15.83 29.06
N THR E 186 1.43 15.03 28.66
CA THR E 186 1.68 14.76 27.25
C THR E 186 0.50 14.01 26.64
N LEU E 187 -0.05 13.06 27.38
CA LEU E 187 -1.16 12.26 26.87
C LEU E 187 -2.50 12.97 26.95
N SER E 188 -2.58 14.01 27.77
CA SER E 188 -3.82 14.78 27.89
C SER E 188 -4.08 15.58 26.63
N SER F 5 6.05 -33.96 -17.85
CA SER F 5 4.66 -33.52 -17.92
C SER F 5 4.12 -33.20 -16.52
N PRO F 6 4.11 -31.91 -16.15
CA PRO F 6 3.70 -31.50 -14.80
C PRO F 6 2.20 -31.69 -14.56
N LEU F 7 1.86 -32.30 -13.42
CA LEU F 7 0.48 -32.58 -13.06
C LEU F 7 -0.10 -31.55 -12.08
N HIS F 8 -1.41 -31.37 -12.16
CA HIS F 8 -2.10 -30.47 -11.26
C HIS F 8 -3.18 -31.23 -10.49
N PHE F 9 -3.05 -31.30 -9.17
CA PHE F 9 -4.06 -31.94 -8.34
C PHE F 9 -4.81 -30.84 -7.60
N VAL F 10 -6.10 -31.06 -7.33
CA VAL F 10 -6.86 -30.13 -6.48
C VAL F 10 -7.37 -30.84 -5.22
N THR F 11 -7.51 -30.10 -4.12
CA THR F 11 -7.96 -30.71 -2.88
C THR F 11 -9.36 -30.27 -2.50
N LEU F 12 -10.16 -31.25 -2.10
CA LEU F 12 -11.52 -31.00 -1.64
C LEU F 12 -11.59 -31.26 -0.14
N LEU F 13 -12.02 -30.26 0.63
CA LEU F 13 -11.93 -30.35 2.09
C LEU F 13 -13.29 -30.57 2.74
N GLY F 14 -13.39 -31.61 3.57
CA GLY F 14 -14.68 -32.04 4.10
C GLY F 14 -15.10 -31.48 5.45
N SER F 15 -14.26 -30.64 6.03
CA SER F 15 -14.55 -29.98 7.32
C SER F 15 -14.55 -28.46 7.19
N LEU F 16 -15.46 -27.78 7.89
CA LEU F 16 -15.58 -26.32 7.78
C LEU F 16 -14.90 -25.52 8.90
N ARG F 17 -14.55 -26.15 10.01
CA ARG F 17 -14.03 -25.37 11.15
C ARG F 17 -12.59 -24.93 10.91
N LYS F 18 -12.21 -23.77 11.44
CA LYS F 18 -10.86 -23.25 11.18
C LYS F 18 -9.74 -24.12 11.72
N ALA F 19 -9.93 -24.66 12.92
CA ALA F 19 -8.87 -25.46 13.55
C ALA F 19 -8.94 -26.94 13.16
N SER F 20 -9.56 -27.23 12.02
CA SER F 20 -9.73 -28.60 11.51
C SER F 20 -8.39 -29.32 11.29
N PHE F 21 -8.31 -30.55 11.79
CA PHE F 21 -7.09 -31.35 11.55
C PHE F 21 -6.98 -31.76 10.09
N ASN F 22 -8.12 -32.02 9.46
CA ASN F 22 -8.12 -32.39 8.06
C ASN F 22 -7.67 -31.25 7.15
N ALA F 23 -8.05 -30.02 7.52
CA ALA F 23 -7.56 -28.84 6.80
C ALA F 23 -6.04 -28.74 6.91
N ALA F 24 -5.52 -28.98 8.11
CA ALA F 24 -4.08 -28.96 8.34
C ALA F 24 -3.37 -29.94 7.43
N VAL F 25 -3.94 -31.13 7.30
CA VAL F 25 -3.39 -32.15 6.39
C VAL F 25 -3.47 -31.67 4.94
N ALA F 26 -4.62 -31.09 4.58
CA ALA F 26 -4.83 -30.58 3.22
C ALA F 26 -3.83 -29.50 2.88
N ARG F 27 -3.53 -28.62 3.84
CA ARG F 27 -2.56 -27.54 3.61
C ARG F 27 -1.15 -28.06 3.40
N ALA F 28 -0.85 -29.24 3.95
CA ALA F 28 0.48 -29.81 3.83
C ALA F 28 0.75 -30.42 2.46
N LEU F 29 -0.31 -30.83 1.77
CA LEU F 29 -0.13 -31.57 0.53
C LEU F 29 0.73 -30.87 -0.55
N PRO F 30 0.51 -29.56 -0.79
CA PRO F 30 1.35 -28.94 -1.83
C PRO F 30 2.84 -28.82 -1.50
N GLU F 31 3.21 -28.67 -0.22
CA GLU F 31 4.63 -28.62 0.12
C GLU F 31 5.19 -30.05 0.08
N ILE F 32 4.33 -31.03 0.36
CA ILE F 32 4.68 -32.45 0.35
C ILE F 32 4.84 -33.01 -1.08
N ALA F 33 4.13 -32.43 -2.04
CA ALA F 33 4.08 -32.95 -3.40
C ALA F 33 5.45 -33.14 -4.05
N PRO F 34 5.72 -34.36 -4.57
CA PRO F 34 6.97 -34.59 -5.30
C PRO F 34 7.02 -33.72 -6.55
N GLU F 35 8.22 -33.54 -7.10
CA GLU F 35 8.40 -32.66 -8.24
C GLU F 35 7.57 -33.13 -9.43
N GLY F 36 6.98 -32.17 -10.16
CA GLY F 36 6.13 -32.50 -11.27
C GLY F 36 4.66 -32.51 -10.90
N ILE F 37 4.38 -32.26 -9.63
CA ILE F 37 3.02 -32.25 -9.14
C ILE F 37 2.77 -30.96 -8.37
N ALA F 38 1.81 -30.18 -8.85
CA ALA F 38 1.38 -28.98 -8.15
C ALA F 38 -0.01 -29.21 -7.56
N ILE F 39 -0.22 -28.76 -6.34
CA ILE F 39 -1.49 -29.02 -5.66
C ILE F 39 -2.11 -27.72 -5.16
N THR F 40 -3.37 -27.50 -5.52
CA THR F 40 -4.11 -26.30 -5.12
C THR F 40 -5.46 -26.67 -4.50
N PRO F 41 -5.94 -25.90 -3.51
CA PRO F 41 -7.23 -26.15 -2.86
C PRO F 41 -8.43 -25.68 -3.68
N LEU F 42 -9.51 -26.47 -3.68
CA LEU F 42 -10.77 -25.99 -4.26
C LEU F 42 -11.43 -24.99 -3.31
N GLY F 43 -12.51 -24.37 -3.79
CA GLY F 43 -13.29 -23.49 -2.95
C GLY F 43 -13.96 -24.28 -1.84
N SER F 44 -14.53 -23.55 -0.88
CA SER F 44 -15.14 -24.19 0.27
C SER F 44 -16.48 -24.85 -0.07
N ILE F 45 -16.76 -26.00 0.52
CA ILE F 45 -18.04 -26.67 0.34
C ILE F 45 -19.12 -25.91 1.10
N GLY F 46 -18.70 -25.00 1.98
CA GLY F 46 -19.63 -24.22 2.79
C GLY F 46 -20.46 -23.17 2.04
N THR F 47 -20.02 -22.83 0.83
CA THR F 47 -20.72 -21.84 0.00
C THR F 47 -21.86 -22.47 -0.80
N PHE F 48 -21.94 -23.80 -0.84
CA PHE F 48 -23.01 -24.47 -1.58
C PHE F 48 -24.30 -24.36 -0.79
N PRO F 49 -25.45 -24.18 -1.47
CA PRO F 49 -26.69 -24.34 -0.71
C PRO F 49 -26.98 -25.84 -0.56
N HIS F 50 -27.96 -26.20 0.26
CA HIS F 50 -28.37 -27.60 0.30
C HIS F 50 -28.87 -28.00 -1.07
N TYR F 51 -28.55 -29.21 -1.49
CA TYR F 51 -29.03 -29.67 -2.77
C TYR F 51 -30.55 -29.69 -2.79
N SER F 52 -31.11 -29.19 -3.89
CA SER F 52 -32.54 -29.28 -4.16
C SER F 52 -32.75 -29.22 -5.66
N GLN F 53 -33.55 -30.14 -6.18
CA GLN F 53 -33.81 -30.14 -7.60
C GLN F 53 -34.50 -28.84 -8.03
N ASP F 54 -35.33 -28.29 -7.14
CA ASP F 54 -35.98 -27.01 -7.41
C ASP F 54 -34.95 -25.90 -7.59
N VAL F 55 -33.93 -25.89 -6.74
CA VAL F 55 -32.85 -24.91 -6.89
C VAL F 55 -32.09 -25.16 -8.17
N GLN F 56 -31.84 -26.42 -8.48
CA GLN F 56 -31.13 -26.77 -9.71
C GLN F 56 -31.85 -26.29 -10.99
N GLU F 57 -33.16 -26.47 -11.04
CA GLU F 57 -33.96 -26.04 -12.19
C GLU F 57 -33.78 -24.54 -12.45
N GLU F 58 -33.76 -23.75 -11.37
CA GLU F 58 -33.55 -22.32 -11.46
C GLU F 58 -32.16 -22.00 -11.98
N GLY F 59 -31.22 -22.92 -11.72
CA GLY F 59 -29.85 -22.75 -12.16
C GLY F 59 -28.87 -23.26 -11.12
N PHE F 60 -27.76 -23.79 -11.60
CA PHE F 60 -26.68 -24.25 -10.74
C PHE F 60 -26.05 -23.07 -10.00
N PRO F 61 -25.86 -23.21 -8.68
CA PRO F 61 -25.15 -22.17 -7.92
C PRO F 61 -23.76 -21.96 -8.51
N ALA F 62 -23.32 -20.70 -8.56
CA ALA F 62 -22.00 -20.39 -9.12
C ALA F 62 -20.81 -21.18 -8.55
N PRO F 63 -20.72 -21.34 -7.21
CA PRO F 63 -19.57 -22.08 -6.69
C PRO F 63 -19.57 -23.53 -7.11
N VAL F 64 -20.76 -24.08 -7.39
CA VAL F 64 -20.82 -25.44 -7.89
C VAL F 64 -20.19 -25.52 -9.29
N LEU F 65 -20.58 -24.63 -10.20
CA LEU F 65 -20.01 -24.65 -11.55
C LEU F 65 -18.53 -24.36 -11.51
N THR F 66 -18.13 -23.44 -10.64
CA THR F 66 -16.71 -23.12 -10.49
C THR F 66 -15.91 -24.34 -10.04
N MET F 67 -16.43 -25.06 -9.04
CA MET F 67 -15.72 -26.23 -8.53
C MET F 67 -15.67 -27.34 -9.55
N ALA F 68 -16.79 -27.59 -10.22
CA ALA F 68 -16.88 -28.64 -11.24
C ALA F 68 -15.85 -28.36 -12.33
N GLN F 69 -15.70 -27.09 -12.69
CA GLN F 69 -14.76 -26.74 -13.73
C GLN F 69 -13.33 -26.94 -13.29
N GLN F 70 -13.05 -26.60 -12.03
CA GLN F 70 -11.71 -26.78 -11.49
C GLN F 70 -11.34 -28.25 -11.41
N ILE F 71 -12.32 -29.07 -11.05
CA ILE F 71 -12.10 -30.51 -10.99
C ILE F 71 -11.85 -31.03 -12.40
N ALA F 72 -12.66 -30.56 -13.34
CA ALA F 72 -12.54 -30.97 -14.74
C ALA F 72 -11.15 -30.74 -15.35
N THR F 73 -10.52 -29.62 -15.02
CA THR F 73 -9.22 -29.28 -15.61
C THR F 73 -8.07 -29.96 -14.86
N ALA F 74 -8.36 -30.42 -13.64
CA ALA F 74 -7.36 -31.09 -12.82
C ALA F 74 -7.05 -32.50 -13.32
N ASP F 75 -5.83 -32.95 -13.06
CA ASP F 75 -5.44 -34.31 -13.43
C ASP F 75 -5.92 -35.33 -12.39
N ALA F 76 -6.16 -34.86 -11.17
CA ALA F 76 -6.69 -35.69 -10.09
C ALA F 76 -7.24 -34.84 -8.95
N VAL F 77 -8.04 -35.46 -8.09
CA VAL F 77 -8.61 -34.81 -6.93
C VAL F 77 -8.18 -35.56 -5.68
N VAL F 78 -7.82 -34.83 -4.63
CA VAL F 78 -7.60 -35.46 -3.32
C VAL F 78 -8.70 -35.01 -2.38
N ILE F 79 -9.47 -35.96 -1.86
CA ILE F 79 -10.51 -35.61 -0.90
C ILE F 79 -9.98 -35.87 0.51
N VAL F 80 -9.96 -34.79 1.31
CA VAL F 80 -9.46 -34.84 2.69
C VAL F 80 -10.61 -34.49 3.62
N THR F 81 -11.02 -35.45 4.45
CA THR F 81 -12.24 -35.28 5.25
C THR F 81 -12.24 -36.07 6.55
N PRO F 82 -12.92 -35.53 7.58
CA PRO F 82 -13.17 -36.30 8.80
C PRO F 82 -14.30 -37.29 8.57
N GLU F 83 -14.55 -38.10 9.60
CA GLU F 83 -15.65 -39.05 9.58
C GLU F 83 -16.66 -38.59 10.65
N TYR F 84 -17.92 -38.39 10.25
CA TYR F 84 -18.97 -38.04 11.21
C TYR F 84 -19.99 -39.16 11.30
N ASN F 85 -20.28 -39.63 12.51
CA ASN F 85 -21.31 -40.65 12.71
C ASN F 85 -21.13 -41.87 11.81
N TYR F 86 -19.90 -42.38 11.78
CA TYR F 86 -19.53 -43.56 11.02
C TYR F 86 -19.73 -43.38 9.51
N SER F 87 -19.69 -42.13 9.04
CA SER F 87 -19.91 -41.89 7.62
C SER F 87 -19.29 -40.58 7.15
N VAL F 88 -19.70 -40.15 5.96
CA VAL F 88 -19.20 -38.92 5.39
C VAL F 88 -19.95 -37.73 5.96
N PRO F 89 -19.25 -36.62 6.26
CA PRO F 89 -19.94 -35.42 6.72
C PRO F 89 -20.98 -35.02 5.70
N GLY F 90 -22.18 -34.67 6.17
CA GLY F 90 -23.26 -34.26 5.30
C GLY F 90 -22.90 -33.12 4.36
N VAL F 91 -22.18 -32.11 4.88
CA VAL F 91 -21.76 -30.97 4.07
C VAL F 91 -20.96 -31.42 2.86
N LEU F 92 -20.04 -32.36 3.08
CA LEU F 92 -19.22 -32.88 1.98
C LEU F 92 -20.06 -33.69 1.02
N LYS F 93 -20.88 -34.58 1.57
CA LYS F 93 -21.80 -35.37 0.75
C LYS F 93 -22.71 -34.45 -0.08
N ASN F 94 -23.11 -33.35 0.53
CA ASN F 94 -23.91 -32.35 -0.18
C ASN F 94 -23.17 -31.76 -1.38
N ALA F 95 -21.88 -31.50 -1.22
CA ALA F 95 -21.07 -30.98 -2.34
C ALA F 95 -20.94 -32.02 -3.44
N ILE F 96 -20.70 -33.28 -3.07
CA ILE F 96 -20.67 -34.36 -4.04
C ILE F 96 -22.01 -34.47 -4.78
N ASP F 97 -23.11 -34.33 -4.03
CA ASP F 97 -24.45 -34.40 -4.61
C ASP F 97 -24.63 -33.33 -5.71
N TRP F 98 -24.23 -32.09 -5.41
CA TRP F 98 -24.31 -31.01 -6.38
C TRP F 98 -23.45 -31.30 -7.62
N LEU F 99 -22.19 -31.67 -7.39
CA LEU F 99 -21.25 -31.99 -8.47
C LEU F 99 -21.75 -33.10 -9.37
N SER F 100 -22.40 -34.09 -8.77
CA SER F 100 -22.88 -35.25 -9.52
C SER F 100 -23.97 -34.89 -10.53
N ARG F 101 -24.57 -33.71 -10.37
CA ARG F 101 -25.68 -33.28 -11.24
C ARG F 101 -25.23 -32.37 -12.39
N VAL F 102 -23.98 -31.94 -12.37
CA VAL F 102 -23.45 -31.10 -13.43
C VAL F 102 -23.22 -31.91 -14.70
N SER F 103 -23.50 -31.31 -15.86
CA SER F 103 -23.17 -31.93 -17.14
C SER F 103 -22.10 -31.11 -17.86
N PRO F 104 -21.01 -31.77 -18.28
CA PRO F 104 -20.76 -33.20 -17.99
C PRO F 104 -20.31 -33.35 -16.52
N GLN F 105 -20.49 -34.52 -15.94
CA GLN F 105 -20.15 -34.67 -14.52
C GLN F 105 -18.65 -34.84 -14.30
N PRO F 106 -18.07 -33.93 -13.52
CA PRO F 106 -16.61 -33.71 -13.48
C PRO F 106 -15.79 -34.86 -12.87
N LEU F 107 -16.41 -35.74 -12.09
CA LEU F 107 -15.64 -36.81 -11.45
C LEU F 107 -15.56 -38.10 -12.29
N ALA F 108 -16.34 -38.17 -13.37
CA ALA F 108 -16.30 -39.34 -14.25
C ALA F 108 -14.93 -39.44 -14.90
N GLY F 109 -14.28 -40.60 -14.72
CA GLY F 109 -12.94 -40.82 -15.27
C GLY F 109 -11.85 -40.12 -14.48
N LYS F 110 -12.22 -39.43 -13.41
CA LYS F 110 -11.25 -38.65 -12.66
C LYS F 110 -10.51 -39.53 -11.64
N PRO F 111 -9.17 -39.44 -11.63
CA PRO F 111 -8.40 -40.10 -10.57
C PRO F 111 -8.66 -39.42 -9.23
N VAL F 112 -8.91 -40.20 -8.19
CA VAL F 112 -9.22 -39.63 -6.88
C VAL F 112 -8.45 -40.37 -5.79
N ALA F 113 -7.85 -39.62 -4.88
CA ALA F 113 -7.27 -40.23 -3.69
C ALA F 113 -8.03 -39.74 -2.46
N LEU F 114 -8.21 -40.63 -1.49
CA LEU F 114 -8.95 -40.28 -0.28
C LEU F 114 -7.98 -40.22 0.91
N VAL F 115 -8.13 -39.17 1.71
CA VAL F 115 -7.32 -38.99 2.92
C VAL F 115 -8.27 -38.63 4.04
N THR F 116 -8.18 -39.34 5.17
CA THR F 116 -9.01 -39.02 6.34
C THR F 116 -8.13 -38.92 7.58
N ALA F 117 -8.38 -37.91 8.41
CA ALA F 117 -7.64 -37.73 9.66
C ALA F 117 -8.60 -37.75 10.83
N SER F 118 -8.23 -38.46 11.88
CA SER F 118 -9.15 -38.61 12.99
C SER F 118 -8.44 -38.80 14.33
N PRO F 119 -9.10 -38.39 15.42
CA PRO F 119 -8.52 -38.75 16.71
C PRO F 119 -8.56 -40.25 16.97
N GLY F 120 -9.39 -41.03 16.30
CA GLY F 120 -9.39 -42.41 16.80
C GLY F 120 -8.28 -43.32 16.31
N MET F 121 -8.58 -44.60 16.23
CA MET F 121 -7.58 -45.58 15.85
C MET F 121 -7.99 -45.96 14.44
N ILE F 122 -9.30 -45.76 14.18
CA ILE F 122 -9.87 -46.03 12.86
C ILE F 122 -9.38 -45.04 11.80
N GLY F 123 -9.18 -43.78 12.18
CA GLY F 123 -8.60 -42.79 11.30
C GLY F 123 -9.47 -42.44 10.09
N GLY F 124 -10.79 -42.59 10.27
CA GLY F 124 -11.74 -42.18 9.26
C GLY F 124 -12.01 -43.21 8.17
N ALA F 125 -11.72 -44.48 8.44
CA ALA F 125 -11.91 -45.53 7.45
C ALA F 125 -13.35 -45.71 6.97
N ARG F 126 -14.32 -45.52 7.87
CA ARG F 126 -15.73 -45.72 7.52
C ARG F 126 -16.21 -44.67 6.52
N ALA F 127 -15.74 -43.43 6.70
CA ALA F 127 -16.04 -42.36 5.76
C ALA F 127 -15.47 -42.70 4.37
N GLN F 128 -14.27 -43.26 4.37
CA GLN F 128 -13.64 -43.67 3.11
C GLN F 128 -14.41 -44.75 2.40
N ASN F 129 -14.93 -45.71 3.15
CA ASN F 129 -15.79 -46.73 2.60
C ASN F 129 -17.02 -46.16 1.87
N HIS F 130 -17.80 -45.34 2.57
CA HIS F 130 -19.00 -44.75 1.98
C HIS F 130 -18.65 -43.83 0.80
N LEU F 131 -17.57 -43.08 0.94
CA LEU F 131 -17.10 -42.19 -0.11
C LEU F 131 -16.77 -42.97 -1.39
N ARG F 132 -16.06 -44.10 -1.23
CA ARG F 132 -15.74 -44.98 -2.36
C ARG F 132 -17.01 -45.45 -3.07
N GLN F 133 -18.01 -45.82 -2.28
CA GLN F 133 -19.27 -46.31 -2.84
C GLN F 133 -19.95 -45.26 -3.73
N SER F 134 -19.97 -44.01 -3.29
CA SER F 134 -20.52 -42.92 -4.10
C SER F 134 -19.71 -42.69 -5.37
N LEU F 135 -18.38 -42.74 -5.23
CA LEU F 135 -17.47 -42.47 -6.33
C LEU F 135 -17.53 -43.53 -7.45
N VAL F 136 -17.88 -44.76 -7.08
CA VAL F 136 -18.10 -45.83 -8.06
C VAL F 136 -19.26 -45.43 -8.98
N PHE F 137 -20.34 -44.97 -8.37
CA PHE F 137 -21.51 -44.50 -9.10
C PHE F 137 -21.13 -43.36 -10.01
N LEU F 138 -20.21 -42.50 -9.57
CA LEU F 138 -19.79 -41.39 -10.39
C LEU F 138 -18.64 -41.76 -11.33
N ASP F 139 -18.32 -43.05 -11.42
CA ASP F 139 -17.30 -43.54 -12.36
C ASP F 139 -15.91 -42.93 -12.14
N ALA F 140 -15.60 -42.58 -10.90
CA ALA F 140 -14.26 -42.09 -10.61
C ALA F 140 -13.30 -43.28 -10.54
N TYR F 141 -12.02 -43.01 -10.70
CA TYR F 141 -11.03 -44.07 -10.48
C TYR F 141 -10.31 -43.74 -9.19
N VAL F 142 -10.76 -44.38 -8.11
CA VAL F 142 -10.20 -44.07 -6.80
C VAL F 142 -9.04 -45.01 -6.45
N LEU F 143 -7.92 -44.41 -6.06
CA LEU F 143 -6.71 -45.14 -5.71
C LEU F 143 -6.97 -46.24 -4.67
N ASN F 144 -6.55 -47.46 -4.97
CA ASN F 144 -6.66 -48.56 -4.01
C ASN F 144 -5.63 -48.45 -2.89
N ARG F 145 -4.38 -48.14 -3.28
CA ARG F 145 -3.24 -48.20 -2.38
C ARG F 145 -2.25 -47.11 -2.71
N PRO F 146 -1.57 -46.57 -1.68
CA PRO F 146 -1.76 -46.89 -0.27
C PRO F 146 -2.97 -46.14 0.31
N GLU F 147 -3.62 -46.75 1.30
CA GLU F 147 -4.75 -46.11 1.95
C GLU F 147 -4.24 -45.18 3.04
N ALA F 148 -4.77 -43.95 3.09
CA ALA F 148 -4.29 -42.95 4.02
C ALA F 148 -5.34 -42.64 5.09
N MET F 149 -5.29 -43.39 6.18
CA MET F 149 -6.13 -43.10 7.34
C MET F 149 -5.24 -42.61 8.47
N ILE F 150 -5.33 -41.32 8.76
CA ILE F 150 -4.43 -40.74 9.74
C ILE F 150 -5.13 -40.78 11.09
N GLY F 151 -4.78 -41.77 11.91
CA GLY F 151 -5.39 -41.92 13.23
C GLY F 151 -4.59 -41.13 14.28
N GLN F 152 -5.18 -40.96 15.47
CA GLN F 152 -4.51 -40.26 16.58
C GLN F 152 -3.89 -38.94 16.08
N VAL F 153 -4.66 -38.21 15.29
CA VAL F 153 -4.13 -37.06 14.56
C VAL F 153 -3.67 -35.95 15.50
N THR F 154 -4.24 -35.97 16.70
CA THR F 154 -3.94 -34.98 17.70
C THR F 154 -2.44 -34.94 18.06
N GLY F 155 -1.76 -36.07 17.96
CA GLY F 155 -0.33 -36.07 18.22
C GLY F 155 0.50 -35.90 16.95
N LYS F 156 -0.16 -35.69 15.82
CA LYS F 156 0.54 -35.57 14.53
C LYS F 156 0.56 -34.17 13.92
N VAL F 157 -0.42 -33.35 14.29
CA VAL F 157 -0.36 -31.96 13.90
C VAL F 157 -0.27 -31.09 15.15
N ASP F 158 0.54 -30.04 15.09
CA ASP F 158 0.78 -29.27 16.28
C ASP F 158 -0.37 -28.36 16.57
N ALA F 159 -0.82 -28.39 17.81
CA ALA F 159 -1.87 -27.47 18.23
C ALA F 159 -1.24 -26.09 18.16
N GLN F 160 -2.06 -25.04 18.22
CA GLN F 160 -1.53 -23.67 18.12
C GLN F 160 -0.97 -23.29 16.75
N THR F 161 -0.29 -24.21 16.08
CA THR F 161 0.33 -23.84 14.81
C THR F 161 -0.25 -24.48 13.55
N LEU F 162 -1.31 -25.28 13.67
CA LEU F 162 -2.04 -25.70 12.47
C LEU F 162 -1.29 -26.70 11.58
N GLU F 163 -0.02 -26.96 11.86
CA GLU F 163 0.80 -27.67 10.88
C GLU F 163 0.94 -29.18 11.10
N LEU F 164 0.94 -29.93 10.01
CA LEU F 164 1.22 -31.37 10.08
C LEU F 164 2.71 -31.58 10.29
N SER F 165 3.07 -32.12 11.45
CA SER F 165 4.48 -32.22 11.85
C SER F 165 5.03 -33.65 11.84
N ASP F 166 4.16 -34.63 11.97
CA ASP F 166 4.59 -36.02 12.01
C ASP F 166 5.26 -36.37 10.69
N VAL F 167 6.58 -36.58 10.74
CA VAL F 167 7.39 -36.79 9.53
C VAL F 167 7.00 -38.06 8.76
N ALA F 168 6.69 -39.12 9.50
CA ALA F 168 6.28 -40.37 8.87
C ALA F 168 4.96 -40.20 8.11
N THR F 169 4.05 -39.40 8.66
CA THR F 169 2.78 -39.13 7.97
C THR F 169 3.01 -38.35 6.67
N ARG F 170 3.86 -37.33 6.73
CA ARG F 170 4.17 -36.56 5.53
C ARG F 170 4.72 -37.41 4.40
N GLU F 171 5.68 -38.27 4.72
CA GLU F 171 6.29 -39.12 3.70
C GLU F 171 5.28 -40.13 3.18
N PHE F 172 4.42 -40.63 4.07
CA PHE F 172 3.36 -41.55 3.65
C PHE F 172 2.45 -40.87 2.63
N LEU F 173 2.09 -39.63 2.91
CA LEU F 173 1.24 -38.87 2.01
C LEU F 173 1.92 -38.59 0.66
N ALA F 174 3.23 -38.28 0.70
CA ALA F 174 4.01 -38.07 -0.52
C ALA F 174 3.96 -39.32 -1.38
N ARG F 175 4.05 -40.46 -0.71
CA ARG F 175 4.00 -41.75 -1.37
C ARG F 175 2.62 -42.00 -2.00
N GLN F 176 1.55 -41.57 -1.34
CA GLN F 176 0.21 -41.68 -1.91
C GLN F 176 0.06 -40.80 -3.14
N LEU F 177 0.62 -39.60 -3.08
CA LEU F 177 0.57 -38.68 -4.19
C LEU F 177 1.31 -39.24 -5.42
N ASP F 178 2.42 -39.91 -5.18
CA ASP F 178 3.15 -40.60 -6.25
C ASP F 178 2.28 -41.66 -6.88
N ALA F 179 1.63 -42.45 -6.03
CA ALA F 179 0.73 -43.50 -6.51
C ALA F 179 -0.45 -42.88 -7.25
N LEU F 180 -0.93 -41.72 -6.78
CA LEU F 180 -2.01 -41.04 -7.48
C LEU F 180 -1.57 -40.54 -8.86
N ALA F 181 -0.37 -39.96 -8.93
CA ALA F 181 0.19 -39.50 -10.21
C ALA F 181 0.31 -40.64 -11.21
N ALA F 182 0.82 -41.78 -10.74
CA ALA F 182 0.99 -42.97 -11.57
C ALA F 182 -0.34 -43.45 -12.13
N LEU F 183 -1.37 -43.42 -11.29
CA LEU F 183 -2.71 -43.80 -11.71
C LEU F 183 -3.18 -42.85 -12.81
N ALA F 184 -2.98 -41.56 -12.58
CA ALA F 184 -3.40 -40.52 -13.52
C ALA F 184 -2.73 -40.68 -14.88
N ARG F 185 -1.42 -40.93 -14.87
CA ARG F 185 -0.68 -41.09 -16.10
C ARG F 185 -1.05 -42.36 -16.85
N THR F 186 -1.42 -43.41 -16.11
CA THR F 186 -1.88 -44.65 -16.73
C THR F 186 -3.17 -44.40 -17.49
N LEU F 187 -4.06 -43.60 -16.92
CA LEU F 187 -5.34 -43.33 -17.56
C LEU F 187 -5.26 -42.22 -18.63
N SER F 188 -4.23 -41.38 -18.55
CA SER F 188 -4.05 -40.28 -19.49
C SER F 188 -3.65 -40.78 -20.87
N SER G 5 -10.31 28.92 -55.17
CA SER G 5 -9.81 28.38 -53.91
C SER G 5 -10.94 27.77 -53.08
N PRO G 6 -11.10 26.44 -53.15
CA PRO G 6 -12.19 25.67 -52.52
C PRO G 6 -12.05 25.59 -51.01
N LEU G 7 -13.16 25.80 -50.30
CA LEU G 7 -13.21 25.72 -48.85
C LEU G 7 -13.79 24.38 -48.37
N HIS G 8 -13.35 23.94 -47.19
CA HIS G 8 -13.91 22.74 -46.58
C HIS G 8 -14.53 23.07 -45.22
N PHE G 9 -15.84 22.84 -45.08
CA PHE G 9 -16.54 23.06 -43.81
C PHE G 9 -16.87 21.73 -43.17
N VAL G 10 -16.86 21.67 -41.85
CA VAL G 10 -17.34 20.50 -41.12
C VAL G 10 -18.55 20.85 -40.27
N THR G 11 -19.46 19.89 -40.08
CA THR G 11 -20.68 20.13 -39.31
C THR G 11 -20.65 19.37 -37.99
N LEU G 12 -21.03 20.08 -36.92
CA LEU G 12 -21.11 19.51 -35.58
C LEU G 12 -22.57 19.42 -35.17
N LEU G 13 -23.02 18.22 -34.82
CA LEU G 13 -24.44 17.96 -34.58
C LEU G 13 -24.73 17.82 -33.10
N GLY G 14 -25.72 18.59 -32.63
CA GLY G 14 -26.02 18.69 -31.21
C GLY G 14 -27.11 17.78 -30.69
N SER G 15 -27.68 16.95 -31.55
CA SER G 15 -28.71 15.99 -31.13
C SER G 15 -28.31 14.56 -31.48
N LEU G 16 -28.64 13.62 -30.58
CA LEU G 16 -28.24 12.22 -30.74
C LEU G 16 -29.34 11.32 -31.33
N ARG G 17 -30.58 11.78 -31.30
CA ARG G 17 -31.71 10.93 -31.71
C ARG G 17 -31.81 10.81 -33.23
N LYS G 18 -32.32 9.67 -33.69
CA LYS G 18 -32.35 9.33 -35.11
C LYS G 18 -33.18 10.31 -35.95
N ALA G 19 -34.33 10.67 -35.41
CA ALA G 19 -35.26 11.55 -36.12
C ALA G 19 -35.05 13.05 -35.83
N SER G 20 -33.85 13.41 -35.38
CA SER G 20 -33.54 14.80 -35.03
C SER G 20 -33.78 15.74 -36.21
N PHE G 21 -34.49 16.84 -35.95
CA PHE G 21 -34.70 17.84 -36.99
C PHE G 21 -33.37 18.50 -37.33
N ASN G 22 -32.56 18.70 -36.29
CA ASN G 22 -31.26 19.31 -36.48
C ASN G 22 -30.35 18.42 -37.33
N ALA G 23 -30.48 17.11 -37.18
CA ALA G 23 -29.74 16.17 -38.03
C ALA G 23 -30.14 16.31 -39.50
N ALA G 24 -31.44 16.44 -39.75
CA ALA G 24 -31.94 16.66 -41.11
C ALA G 24 -31.34 17.93 -41.69
N VAL G 25 -31.32 19.00 -40.90
CA VAL G 25 -30.72 20.25 -41.32
C VAL G 25 -29.24 20.03 -41.59
N ALA G 26 -28.56 19.29 -40.72
CA ALA G 26 -27.13 19.05 -40.90
C ALA G 26 -26.81 18.28 -42.19
N ARG G 27 -27.60 17.24 -42.48
CA ARG G 27 -27.39 16.45 -43.69
C ARG G 27 -27.66 17.21 -44.98
N ALA G 28 -28.51 18.24 -44.90
CA ALA G 28 -28.88 19.03 -46.08
C ALA G 28 -27.77 19.99 -46.52
N LEU G 29 -26.91 20.36 -45.57
CA LEU G 29 -25.88 21.37 -45.84
C LEU G 29 -24.95 21.04 -47.02
N PRO G 30 -24.48 19.79 -47.14
CA PRO G 30 -23.58 19.56 -48.27
C PRO G 30 -24.23 19.71 -49.65
N GLU G 31 -25.53 19.43 -49.77
CA GLU G 31 -26.21 19.62 -51.05
C GLU G 31 -26.54 21.09 -51.34
N ILE G 32 -26.81 21.83 -50.27
CA ILE G 32 -27.16 23.25 -50.36
C ILE G 32 -25.91 24.08 -50.69
N ALA G 33 -24.75 23.58 -50.28
CA ALA G 33 -23.49 24.29 -50.39
C ALA G 33 -23.19 24.76 -51.80
N PRO G 34 -22.94 26.08 -51.96
CA PRO G 34 -22.59 26.68 -53.25
C PRO G 34 -21.26 26.16 -53.79
N GLU G 35 -21.02 26.33 -55.09
CA GLU G 35 -19.78 25.87 -55.71
C GLU G 35 -18.60 26.55 -55.05
N GLY G 36 -17.55 25.78 -54.82
CA GLY G 36 -16.38 26.27 -54.11
C GLY G 36 -16.38 25.91 -52.63
N ILE G 37 -17.47 25.27 -52.17
CA ILE G 37 -17.57 24.86 -50.77
C ILE G 37 -18.01 23.40 -50.67
N ALA G 38 -17.18 22.57 -50.06
CA ALA G 38 -17.54 21.17 -49.79
C ALA G 38 -17.72 20.98 -48.28
N ILE G 39 -18.75 20.24 -47.89
CA ILE G 39 -19.09 20.11 -46.48
C ILE G 39 -19.21 18.65 -46.05
N THR G 40 -18.55 18.28 -44.95
CA THR G 40 -18.60 16.92 -44.41
C THR G 40 -18.96 16.93 -42.92
N PRO G 41 -19.66 15.88 -42.46
CA PRO G 41 -20.03 15.75 -41.04
C PRO G 41 -18.89 15.26 -40.16
N LEU G 42 -18.78 15.79 -38.95
CA LEU G 42 -17.85 15.28 -37.95
C LEU G 42 -18.43 14.00 -37.35
N GLY G 43 -17.63 13.28 -36.56
CA GLY G 43 -18.13 12.13 -35.86
C GLY G 43 -19.16 12.55 -34.83
N SER G 44 -19.86 11.58 -34.24
CA SER G 44 -20.91 11.88 -33.27
C SER G 44 -20.37 12.30 -31.90
N ILE G 45 -21.05 13.24 -31.27
CA ILE G 45 -20.64 13.68 -29.93
C ILE G 45 -20.95 12.63 -28.87
N GLY G 46 -21.76 11.64 -29.24
CA GLY G 46 -22.13 10.58 -28.31
C GLY G 46 -20.98 9.64 -27.98
N THR G 47 -19.94 9.65 -28.80
CA THR G 47 -18.82 8.75 -28.55
C THR G 47 -17.89 9.32 -27.49
N PHE G 48 -18.08 10.59 -27.11
CA PHE G 48 -17.21 11.20 -26.10
C PHE G 48 -17.64 10.73 -24.72
N PRO G 49 -16.67 10.43 -23.84
CA PRO G 49 -17.07 10.25 -22.45
C PRO G 49 -17.30 11.62 -21.80
N HIS G 50 -17.89 11.64 -20.62
CA HIS G 50 -18.05 12.88 -19.86
C HIS G 50 -16.68 13.49 -19.60
N TYR G 51 -16.55 14.82 -19.66
CA TYR G 51 -15.27 15.42 -19.35
C TYR G 51 -14.84 15.10 -17.93
N SER G 52 -13.57 14.73 -17.79
CA SER G 52 -12.96 14.58 -16.48
C SER G 52 -11.48 14.81 -16.62
N GLN G 53 -10.94 15.65 -15.75
CA GLN G 53 -9.50 15.91 -15.78
C GLN G 53 -8.72 14.62 -15.50
N ASP G 54 -9.27 13.74 -14.68
CA ASP G 54 -8.64 12.44 -14.40
C ASP G 54 -8.48 11.63 -15.69
N VAL G 55 -9.53 11.63 -16.52
CA VAL G 55 -9.47 10.95 -17.81
C VAL G 55 -8.46 11.62 -18.74
N GLN G 56 -8.47 12.94 -18.77
CA GLN G 56 -7.56 13.71 -19.62
C GLN G 56 -6.09 13.43 -19.30
N GLU G 57 -5.74 13.35 -18.02
CA GLU G 57 -4.36 13.05 -17.59
C GLU G 57 -3.90 11.71 -18.18
N GLU G 58 -4.78 10.72 -18.15
CA GLU G 58 -4.49 9.40 -18.74
C GLU G 58 -4.39 9.48 -20.25
N GLY G 59 -5.07 10.46 -20.84
CA GLY G 59 -5.03 10.65 -22.28
C GLY G 59 -6.37 11.08 -22.85
N PHE G 60 -6.31 11.90 -23.89
CA PHE G 60 -7.51 12.36 -24.58
C PHE G 60 -8.18 11.16 -25.24
N PRO G 61 -9.51 11.05 -25.09
CA PRO G 61 -10.29 10.02 -25.76
C PRO G 61 -10.08 10.10 -27.26
N ALA G 62 -10.04 8.93 -27.89
CA ALA G 62 -9.85 8.86 -29.34
C ALA G 62 -10.78 9.79 -30.13
N PRO G 63 -12.09 9.81 -29.80
CA PRO G 63 -12.95 10.68 -30.61
C PRO G 63 -12.62 12.17 -30.46
N VAL G 64 -12.07 12.55 -29.31
CA VAL G 64 -11.68 13.94 -29.09
C VAL G 64 -10.54 14.30 -30.03
N LEU G 65 -9.51 13.46 -30.02
CA LEU G 65 -8.35 13.68 -30.89
C LEU G 65 -8.78 13.69 -32.36
N THR G 66 -9.69 12.79 -32.73
CA THR G 66 -10.16 12.74 -34.12
C THR G 66 -10.90 14.02 -34.51
N MET G 67 -11.83 14.44 -33.66
CA MET G 67 -12.61 15.63 -34.00
C MET G 67 -11.74 16.88 -34.01
N ALA G 68 -10.82 16.96 -33.04
CA ALA G 68 -9.90 18.10 -32.99
C ALA G 68 -9.15 18.24 -34.30
N GLN G 69 -8.74 17.10 -34.87
CA GLN G 69 -7.96 17.15 -36.10
C GLN G 69 -8.77 17.57 -37.31
N GLN G 70 -10.00 17.08 -37.39
CA GLN G 70 -10.89 17.48 -38.47
C GLN G 70 -11.31 18.95 -38.38
N ILE G 71 -11.53 19.46 -37.18
CA ILE G 71 -11.85 20.88 -37.01
C ILE G 71 -10.63 21.70 -37.39
N ALA G 72 -9.47 21.30 -36.87
CA ALA G 72 -8.22 22.00 -37.17
C ALA G 72 -7.95 22.12 -38.67
N THR G 73 -8.27 21.06 -39.42
CA THR G 73 -7.99 21.06 -40.86
C THR G 73 -9.09 21.73 -41.70
N ALA G 74 -10.28 21.90 -41.13
CA ALA G 74 -11.38 22.55 -41.85
C ALA G 74 -11.20 24.06 -41.97
N ASP G 75 -11.82 24.66 -42.98
CA ASP G 75 -11.79 26.12 -43.12
C ASP G 75 -12.84 26.81 -42.24
N ALA G 76 -13.87 26.06 -41.85
CA ALA G 76 -14.91 26.59 -40.97
C ALA G 76 -15.72 25.45 -40.36
N VAL G 77 -16.45 25.77 -39.29
CA VAL G 77 -17.29 24.79 -38.62
C VAL G 77 -18.72 25.31 -38.64
N VAL G 78 -19.67 24.43 -38.92
CA VAL G 78 -21.09 24.75 -38.76
C VAL G 78 -21.65 23.91 -37.62
N ILE G 79 -22.16 24.57 -36.59
CA ILE G 79 -22.75 23.86 -35.46
C ILE G 79 -24.27 23.85 -35.59
N VAL G 80 -24.85 22.65 -35.66
CA VAL G 80 -26.31 22.52 -35.82
C VAL G 80 -26.87 21.86 -34.58
N THR G 81 -27.71 22.58 -33.83
CA THR G 81 -28.11 22.06 -32.53
C THR G 81 -29.47 22.51 -32.06
N PRO G 82 -30.17 21.66 -31.30
CA PRO G 82 -31.40 22.11 -30.66
C PRO G 82 -31.05 22.91 -29.42
N GLU G 83 -32.06 23.47 -28.78
CA GLU G 83 -31.90 24.19 -27.53
C GLU G 83 -32.58 23.39 -26.43
N TYR G 84 -31.86 23.06 -25.37
CA TYR G 84 -32.47 22.39 -24.22
C TYR G 84 -32.47 23.31 -23.01
N ASN G 85 -33.64 23.50 -22.40
CA ASN G 85 -33.77 24.28 -21.17
C ASN G 85 -33.16 25.67 -21.25
N TYR G 86 -33.51 26.39 -22.31
CA TYR G 86 -33.04 27.74 -22.54
C TYR G 86 -31.51 27.81 -22.71
N SER G 87 -30.90 26.71 -23.14
CA SER G 87 -29.44 26.71 -23.29
C SER G 87 -28.96 25.65 -24.28
N VAL G 88 -27.66 25.38 -24.23
CA VAL G 88 -27.08 24.35 -25.10
C VAL G 88 -27.23 22.95 -24.47
N PRO G 89 -27.50 21.92 -25.30
CA PRO G 89 -27.57 20.55 -24.75
C PRO G 89 -26.25 20.19 -24.08
N GLY G 90 -26.31 19.58 -22.89
CA GLY G 90 -25.12 19.21 -22.16
C GLY G 90 -24.13 18.37 -22.96
N VAL G 91 -24.64 17.41 -23.71
CA VAL G 91 -23.78 16.55 -24.54
C VAL G 91 -22.99 17.38 -25.55
N LEU G 92 -23.62 18.39 -26.14
CA LEU G 92 -22.88 19.22 -27.07
C LEU G 92 -21.83 20.03 -26.30
N LYS G 93 -22.24 20.65 -25.20
CA LYS G 93 -21.34 21.41 -24.34
C LYS G 93 -20.19 20.54 -23.88
N ASN G 94 -20.48 19.27 -23.60
CA ASN G 94 -19.44 18.33 -23.20
C ASN G 94 -18.38 18.13 -24.28
N ALA G 95 -18.82 18.07 -25.54
CA ALA G 95 -17.88 17.90 -26.65
C ALA G 95 -16.96 19.12 -26.74
N ILE G 96 -17.57 20.30 -26.59
CA ILE G 96 -16.83 21.55 -26.55
C ILE G 96 -15.83 21.58 -25.38
N ASP G 97 -16.28 21.11 -24.22
CA ASP G 97 -15.42 21.09 -23.04
C ASP G 97 -14.16 20.29 -23.34
N TRP G 98 -14.35 19.11 -23.95
CA TRP G 98 -13.24 18.25 -24.35
C TRP G 98 -12.33 18.94 -25.36
N LEU G 99 -12.92 19.49 -26.41
CA LEU G 99 -12.15 20.19 -27.44
C LEU G 99 -11.33 21.34 -26.89
N SER G 100 -11.90 22.06 -25.92
CA SER G 100 -11.25 23.27 -25.40
C SER G 100 -9.92 22.98 -24.70
N ARG G 101 -9.72 21.72 -24.34
CA ARG G 101 -8.54 21.31 -23.56
C ARG G 101 -7.38 20.76 -24.39
N VAL G 102 -7.62 20.55 -25.68
CA VAL G 102 -6.59 20.07 -26.59
C VAL G 102 -5.61 21.21 -26.91
N SER G 103 -4.33 20.89 -27.06
CA SER G 103 -3.32 21.85 -27.55
C SER G 103 -2.74 21.40 -28.90
N PRO G 104 -2.80 22.29 -29.92
CA PRO G 104 -3.43 23.61 -29.82
C PRO G 104 -4.95 23.48 -29.86
N GLN G 105 -5.67 24.44 -29.31
CA GLN G 105 -7.12 24.26 -29.25
C GLN G 105 -7.76 24.63 -30.60
N PRO G 106 -8.46 23.66 -31.19
CA PRO G 106 -8.82 23.66 -32.62
C PRO G 106 -9.81 24.74 -33.04
N LEU G 107 -10.52 25.32 -32.07
CA LEU G 107 -11.51 26.34 -32.39
C LEU G 107 -10.92 27.75 -32.39
N ALA G 108 -9.68 27.89 -31.92
CA ALA G 108 -9.03 29.19 -31.91
C ALA G 108 -8.84 29.72 -33.32
N GLY G 109 -9.38 30.91 -33.60
CA GLY G 109 -9.27 31.53 -34.91
C GLY G 109 -10.18 30.93 -35.96
N LYS G 110 -10.97 29.94 -35.57
CA LYS G 110 -11.82 29.19 -36.49
C LYS G 110 -13.12 29.93 -36.80
N PRO G 111 -13.43 30.12 -38.08
CA PRO G 111 -14.76 30.65 -38.44
C PRO G 111 -15.84 29.65 -38.10
N VAL G 112 -16.91 30.11 -37.46
CA VAL G 112 -17.98 29.21 -37.06
C VAL G 112 -19.35 29.84 -37.40
N ALA G 113 -20.26 29.02 -37.93
CA ALA G 113 -21.66 29.46 -38.08
C ALA G 113 -22.56 28.56 -37.21
N LEU G 114 -23.60 29.17 -36.66
CA LEU G 114 -24.54 28.48 -35.78
C LEU G 114 -25.89 28.30 -36.47
N VAL G 115 -26.45 27.10 -36.35
CA VAL G 115 -27.77 26.84 -36.88
C VAL G 115 -28.53 26.11 -35.78
N THR G 116 -29.74 26.59 -35.47
CA THR G 116 -30.58 25.92 -34.48
C THR G 116 -31.99 25.70 -35.03
N ALA G 117 -32.53 24.51 -34.80
CA ALA G 117 -33.89 24.21 -35.23
C ALA G 117 -34.75 23.79 -34.04
N SER G 118 -35.95 24.35 -33.99
CA SER G 118 -36.88 24.09 -32.89
C SER G 118 -38.32 24.15 -33.42
N PRO G 119 -39.23 23.37 -32.81
CA PRO G 119 -40.64 23.47 -33.23
C PRO G 119 -41.27 24.79 -32.86
N GLY G 120 -40.69 25.51 -31.89
CA GLY G 120 -41.35 26.69 -31.39
C GLY G 120 -41.12 27.91 -32.25
N MET G 121 -41.08 29.07 -31.60
CA MET G 121 -41.01 30.34 -32.31
C MET G 121 -39.69 31.05 -32.08
N ILE G 122 -39.08 30.78 -30.93
CA ILE G 122 -37.80 31.35 -30.56
C ILE G 122 -36.69 30.81 -31.46
N GLY G 123 -36.82 29.54 -31.84
CA GLY G 123 -35.94 28.91 -32.81
C GLY G 123 -34.49 28.70 -32.37
N GLY G 124 -34.29 28.56 -31.06
CA GLY G 124 -32.98 28.25 -30.51
C GLY G 124 -32.08 29.46 -30.30
N ALA G 125 -32.69 30.64 -30.16
CA ALA G 125 -31.94 31.88 -29.98
C ALA G 125 -31.06 31.85 -28.72
N ARG G 126 -31.58 31.23 -27.66
CA ARG G 126 -30.87 31.17 -26.39
C ARG G 126 -29.65 30.24 -26.43
N ALA G 127 -29.77 29.12 -27.15
CA ALA G 127 -28.64 28.21 -27.32
C ALA G 127 -27.52 28.91 -28.05
N GLN G 128 -27.88 29.62 -29.11
CA GLN G 128 -26.93 30.37 -29.92
C GLN G 128 -26.21 31.45 -29.12
N ASN G 129 -26.95 32.15 -28.27
CA ASN G 129 -26.36 33.12 -27.35
C ASN G 129 -25.29 32.47 -26.45
N HIS G 130 -25.68 31.42 -25.72
CA HIS G 130 -24.74 30.74 -24.82
C HIS G 130 -23.57 30.10 -25.57
N LEU G 131 -23.86 29.53 -26.74
CA LEU G 131 -22.84 28.92 -27.55
C LEU G 131 -21.81 29.97 -27.97
N ARG G 132 -22.29 31.13 -28.41
CA ARG G 132 -21.42 32.27 -28.75
C ARG G 132 -20.51 32.69 -27.62
N GLN G 133 -21.05 32.75 -26.40
CA GLN G 133 -20.25 33.16 -25.23
C GLN G 133 -19.06 32.23 -25.03
N SER G 134 -19.29 30.92 -25.13
CA SER G 134 -18.20 29.95 -25.01
C SER G 134 -17.20 30.04 -26.17
N LEU G 135 -17.71 30.22 -27.38
CA LEU G 135 -16.86 30.27 -28.58
C LEU G 135 -15.96 31.52 -28.60
N VAL G 136 -16.47 32.62 -28.03
CA VAL G 136 -15.67 33.82 -27.86
C VAL G 136 -14.49 33.51 -26.92
N PHE G 137 -14.78 32.83 -25.82
CA PHE G 137 -13.74 32.41 -24.88
C PHE G 137 -12.67 31.54 -25.56
N LEU G 138 -13.12 30.72 -26.51
CA LEU G 138 -12.22 29.84 -27.26
C LEU G 138 -11.61 30.53 -28.50
N ASP G 139 -11.82 31.84 -28.58
CA ASP G 139 -11.24 32.67 -29.64
C ASP G 139 -11.70 32.29 -31.05
N ALA G 140 -12.92 31.76 -31.15
CA ALA G 140 -13.50 31.47 -32.45
C ALA G 140 -14.05 32.76 -33.06
N TYR G 141 -14.20 32.75 -34.39
CA TYR G 141 -14.80 33.87 -35.11
C TYR G 141 -16.20 33.45 -35.54
N VAL G 142 -17.20 33.81 -34.74
CA VAL G 142 -18.54 33.32 -35.00
C VAL G 142 -19.33 34.28 -35.89
N LEU G 143 -19.92 33.74 -36.96
CA LEU G 143 -20.67 34.53 -37.93
C LEU G 143 -21.73 35.39 -37.24
N ASN G 144 -21.70 36.70 -37.47
CA ASN G 144 -22.74 37.59 -36.94
C ASN G 144 -24.03 37.50 -37.75
N ARG G 145 -23.89 37.50 -39.08
CA ARG G 145 -25.03 37.57 -39.99
C ARG G 145 -24.75 36.72 -41.25
N PRO G 146 -25.81 36.12 -41.82
CA PRO G 146 -27.16 36.15 -41.28
C PRO G 146 -27.31 35.12 -40.17
N GLU G 147 -28.19 35.40 -39.20
CA GLU G 147 -28.42 34.47 -38.11
C GLU G 147 -29.44 33.42 -38.50
N ALA G 148 -29.15 32.15 -38.18
CA ALA G 148 -30.01 31.05 -38.63
C ALA G 148 -30.75 30.41 -37.47
N MET G 149 -31.94 30.95 -37.16
CA MET G 149 -32.81 30.34 -36.18
C MET G 149 -33.99 29.78 -36.94
N ILE G 150 -34.05 28.47 -37.05
CA ILE G 150 -35.11 27.84 -37.81
C ILE G 150 -36.24 27.45 -36.86
N GLY G 151 -37.23 28.33 -36.78
CA GLY G 151 -38.39 28.11 -35.95
C GLY G 151 -39.43 27.40 -36.79
N GLN G 152 -40.47 26.88 -36.14
CA GLN G 152 -41.55 26.17 -36.82
C GLN G 152 -40.99 25.09 -37.76
N VAL G 153 -40.01 24.35 -37.25
CA VAL G 153 -39.22 23.41 -38.04
C VAL G 153 -39.95 22.12 -38.48
N THR G 154 -40.98 21.71 -37.73
CA THR G 154 -41.65 20.44 -37.97
C THR G 154 -42.22 20.28 -39.38
N GLY G 155 -42.78 21.38 -39.91
CA GLY G 155 -43.34 21.36 -41.25
C GLY G 155 -42.36 21.79 -42.32
N LYS G 156 -41.10 21.99 -41.94
CA LYS G 156 -40.07 22.45 -42.87
C LYS G 156 -39.18 21.29 -43.27
N VAL G 157 -39.15 20.26 -42.42
CA VAL G 157 -38.58 18.99 -42.83
C VAL G 157 -39.72 17.99 -42.83
N ASP G 158 -39.78 17.18 -43.87
CA ASP G 158 -40.85 16.21 -43.96
C ASP G 158 -40.51 14.89 -43.28
N ALA G 159 -41.44 14.42 -42.45
CA ALA G 159 -41.34 13.09 -41.85
C ALA G 159 -41.46 12.11 -43.02
N GLN G 160 -41.43 10.82 -42.72
CA GLN G 160 -41.53 9.77 -43.74
C GLN G 160 -40.27 9.66 -44.60
N THR G 161 -39.67 10.80 -44.93
CA THR G 161 -38.48 10.83 -45.77
C THR G 161 -37.22 11.51 -45.21
N LEU G 162 -37.26 11.99 -43.96
CA LEU G 162 -36.05 12.46 -43.25
C LEU G 162 -35.46 13.81 -43.71
N GLU G 163 -35.92 14.32 -44.84
CA GLU G 163 -35.22 15.41 -45.52
C GLU G 163 -35.75 16.83 -45.23
N LEU G 164 -34.86 17.80 -45.24
CA LEU G 164 -35.21 19.22 -45.14
C LEU G 164 -35.82 19.70 -46.46
N SER G 165 -37.09 20.12 -46.44
CA SER G 165 -37.80 20.45 -47.68
C SER G 165 -38.10 21.93 -47.92
N ASP G 166 -38.18 22.73 -46.85
CA ASP G 166 -38.54 24.15 -46.99
C ASP G 166 -37.56 24.89 -47.90
N VAL G 167 -38.05 25.29 -49.07
CA VAL G 167 -37.20 25.91 -50.09
C VAL G 167 -36.59 27.23 -49.62
N ALA G 168 -37.37 28.02 -48.89
CA ALA G 168 -36.89 29.31 -48.38
C ALA G 168 -35.78 29.09 -47.34
N THR G 169 -35.94 28.07 -46.51
CA THR G 169 -34.96 27.74 -45.48
C THR G 169 -33.64 27.31 -46.11
N ARG G 170 -33.74 26.48 -47.14
CA ARG G 170 -32.58 25.99 -47.87
C ARG G 170 -31.78 27.16 -48.46
N GLU G 171 -32.51 28.12 -49.02
CA GLU G 171 -31.92 29.31 -49.62
C GLU G 171 -31.24 30.16 -48.57
N PHE G 172 -31.88 30.23 -47.40
CA PHE G 172 -31.35 30.97 -46.27
C PHE G 172 -30.01 30.35 -45.85
N LEU G 173 -30.00 29.03 -45.71
CA LEU G 173 -28.81 28.30 -45.29
C LEU G 173 -27.67 28.44 -46.31
N ALA G 174 -28.03 28.44 -47.59
CA ALA G 174 -27.07 28.68 -48.66
C ALA G 174 -26.40 30.04 -48.52
N ARG G 175 -27.19 31.06 -48.20
CA ARG G 175 -26.67 32.41 -48.04
C ARG G 175 -25.70 32.49 -46.86
N GLN G 176 -26.04 31.78 -45.79
CA GLN G 176 -25.19 31.73 -44.60
C GLN G 176 -23.83 31.09 -44.88
N LEU G 177 -23.84 30.03 -45.68
CA LEU G 177 -22.60 29.34 -46.01
C LEU G 177 -21.66 30.26 -46.79
N ASP G 178 -22.25 31.06 -47.69
CA ASP G 178 -21.51 32.08 -48.43
C ASP G 178 -20.95 33.14 -47.50
N ALA G 179 -21.77 33.59 -46.53
CA ALA G 179 -21.31 34.57 -45.57
C ALA G 179 -20.20 33.96 -44.71
N LEU G 180 -20.36 32.67 -44.39
CA LEU G 180 -19.34 31.94 -43.64
C LEU G 180 -18.07 31.82 -44.49
N ALA G 181 -18.26 31.56 -45.78
CA ALA G 181 -17.14 31.53 -46.72
C ALA G 181 -16.42 32.87 -46.78
N ALA G 182 -17.20 33.95 -46.91
CA ALA G 182 -16.63 35.29 -46.99
C ALA G 182 -15.86 35.62 -45.71
N LEU G 183 -16.41 35.21 -44.56
CA LEU G 183 -15.73 35.39 -43.28
C LEU G 183 -14.41 34.62 -43.23
N ALA G 184 -14.43 33.36 -43.65
CA ALA G 184 -13.23 32.54 -43.62
C ALA G 184 -12.12 33.16 -44.46
N ARG G 185 -12.48 33.59 -45.67
CA ARG G 185 -11.51 34.18 -46.61
C ARG G 185 -10.98 35.54 -46.14
N THR G 186 -11.81 36.31 -45.43
CA THR G 186 -11.38 37.58 -44.88
C THR G 186 -10.28 37.35 -43.83
N LEU G 187 -10.46 36.30 -43.03
CA LEU G 187 -9.54 35.99 -41.93
C LEU G 187 -8.29 35.27 -42.42
N SER G 188 -8.35 34.70 -43.62
CA SER G 188 -7.21 34.00 -44.21
C SER G 188 -6.12 34.99 -44.59
N SER H 5 -38.09 23.57 13.01
CA SER H 5 -38.57 22.53 12.11
C SER H 5 -37.45 22.12 11.13
N PRO H 6 -37.23 20.80 10.98
CA PRO H 6 -36.10 20.21 10.24
C PRO H 6 -36.11 20.30 8.71
N LEU H 7 -35.00 20.76 8.14
CA LEU H 7 -34.82 20.78 6.68
C LEU H 7 -33.78 19.75 6.22
N HIS H 8 -33.97 19.22 5.01
CA HIS H 8 -33.01 18.30 4.42
C HIS H 8 -32.54 18.89 3.10
N PHE H 9 -31.24 19.18 2.99
CA PHE H 9 -30.71 19.70 1.72
C PHE H 9 -29.90 18.60 1.04
N VAL H 10 -29.91 18.61 -0.29
CA VAL H 10 -29.06 17.70 -1.08
C VAL H 10 -28.06 18.47 -1.94
N THR H 11 -26.89 17.90 -2.18
CA THR H 11 -25.88 18.58 -2.96
C THR H 11 -25.67 17.92 -4.32
N LEU H 12 -25.62 18.75 -5.35
CA LEU H 12 -25.37 18.28 -6.70
C LEU H 12 -24.01 18.82 -7.10
N LEU H 13 -23.12 17.91 -7.50
CA LEU H 13 -21.72 18.26 -7.75
C LEU H 13 -21.41 18.28 -9.25
N GLY H 14 -20.78 19.36 -9.70
CA GLY H 14 -20.55 19.55 -11.13
C GLY H 14 -19.22 19.10 -11.69
N SER H 15 -18.34 18.58 -10.83
CA SER H 15 -17.02 18.11 -11.29
C SER H 15 -16.80 16.62 -10.97
N LEU H 16 -16.15 15.90 -11.88
CA LEU H 16 -15.95 14.46 -11.72
C LEU H 16 -14.58 14.04 -11.18
N ARG H 17 -13.60 14.94 -11.22
CA ARG H 17 -12.23 14.55 -10.83
C ARG H 17 -12.08 14.45 -9.31
N LYS H 18 -11.22 13.54 -8.84
CA LYS H 18 -11.09 13.30 -7.39
C LYS H 18 -10.57 14.50 -6.61
N ALA H 19 -9.59 15.21 -7.15
CA ALA H 19 -9.02 16.35 -6.44
C ALA H 19 -9.82 17.63 -6.70
N SER H 20 -11.09 17.47 -7.08
CA SER H 20 -11.97 18.60 -7.38
C SER H 20 -12.12 19.54 -6.18
N PHE H 21 -11.93 20.83 -6.41
CA PHE H 21 -12.14 21.81 -5.36
C PHE H 21 -13.62 21.94 -4.99
N ASN H 22 -14.49 21.84 -6.00
CA ASN H 22 -15.92 21.92 -5.76
C ASN H 22 -16.42 20.74 -4.92
N ALA H 23 -15.81 19.57 -5.14
CA ALA H 23 -16.09 18.37 -4.34
C ALA H 23 -15.72 18.63 -2.89
N ALA H 24 -14.58 19.28 -2.69
CA ALA H 24 -14.14 19.67 -1.36
C ALA H 24 -15.18 20.57 -0.68
N VAL H 25 -15.67 21.56 -1.41
CA VAL H 25 -16.69 22.47 -0.90
C VAL H 25 -17.98 21.73 -0.57
N ALA H 26 -18.36 20.82 -1.45
CA ALA H 26 -19.59 20.04 -1.27
C ALA H 26 -19.55 19.20 0.01
N ARG H 27 -18.40 18.61 0.31
CA ARG H 27 -18.22 17.78 1.50
C ARG H 27 -18.28 18.59 2.79
N ALA H 28 -17.97 19.88 2.69
CA ALA H 28 -17.95 20.74 3.85
C ALA H 28 -19.36 21.14 4.30
N LEU H 29 -20.31 21.11 3.37
CA LEU H 29 -21.66 21.62 3.64
C LEU H 29 -22.43 20.97 4.82
N PRO H 30 -22.39 19.62 4.93
CA PRO H 30 -23.17 19.05 6.05
C PRO H 30 -22.66 19.39 7.46
N GLU H 31 -21.35 19.59 7.62
CA GLU H 31 -20.82 20.01 8.92
C GLU H 31 -20.97 21.51 9.14
N ILE H 32 -20.91 22.26 8.04
CA ILE H 32 -21.07 23.72 8.07
C ILE H 32 -22.52 24.08 8.35
N ALA H 33 -23.42 23.19 7.98
CA ALA H 33 -24.86 23.45 8.05
C ALA H 33 -25.31 23.92 9.42
N PRO H 34 -26.01 25.07 9.47
CA PRO H 34 -26.56 25.55 10.75
C PRO H 34 -27.59 24.56 11.26
N GLU H 35 -27.86 24.59 12.57
CA GLU H 35 -28.78 23.63 13.16
C GLU H 35 -30.21 23.71 12.62
N GLY H 36 -30.80 22.53 12.48
CA GLY H 36 -32.13 22.37 11.90
C GLY H 36 -32.01 21.96 10.45
N ILE H 37 -30.76 21.87 9.98
CA ILE H 37 -30.49 21.52 8.58
C ILE H 37 -29.50 20.36 8.44
N ALA H 38 -29.92 19.31 7.77
CA ALA H 38 -29.04 18.18 7.45
C ALA H 38 -28.74 18.16 5.96
N ILE H 39 -27.50 17.87 5.60
CA ILE H 39 -27.10 17.91 4.18
C ILE H 39 -26.45 16.61 3.74
N THR H 40 -26.98 16.02 2.67
CA THR H 40 -26.46 14.77 2.13
C THR H 40 -26.16 14.90 0.63
N PRO H 41 -25.13 14.18 0.15
CA PRO H 41 -24.78 14.22 -1.27
C PRO H 41 -25.70 13.39 -2.17
N LEU H 42 -26.00 13.89 -3.35
CA LEU H 42 -26.66 13.09 -4.38
C LEU H 42 -25.63 12.16 -5.02
N GLY H 43 -26.10 11.25 -5.87
CA GLY H 43 -25.21 10.42 -6.65
C GLY H 43 -24.48 11.23 -7.71
N SER H 44 -23.46 10.63 -8.31
CA SER H 44 -22.62 11.32 -9.29
C SER H 44 -23.31 11.51 -10.64
N ILE H 45 -23.07 12.66 -11.27
CA ILE H 45 -23.63 12.92 -12.59
C ILE H 45 -22.94 12.09 -13.67
N GLY H 46 -21.80 11.50 -13.32
CA GLY H 46 -21.03 10.69 -14.25
C GLY H 46 -21.67 9.38 -14.63
N THR H 47 -22.65 8.94 -13.85
CA THR H 47 -23.36 7.69 -14.13
C THR H 47 -24.47 7.87 -15.15
N PHE H 48 -24.81 9.12 -15.47
CA PHE H 48 -25.86 9.38 -16.46
C PHE H 48 -25.27 9.15 -17.85
N PRO H 49 -26.04 8.54 -18.76
CA PRO H 49 -25.57 8.53 -20.14
C PRO H 49 -25.86 9.89 -20.75
N HIS H 50 -25.34 10.16 -21.94
CA HIS H 50 -25.67 11.39 -22.64
C HIS H 50 -27.16 11.41 -22.89
N TYR H 51 -27.80 12.57 -22.76
CA TYR H 51 -29.22 12.62 -23.06
C TYR H 51 -29.53 12.26 -24.51
N SER H 52 -30.56 11.44 -24.69
CA SER H 52 -31.09 11.14 -26.01
C SER H 52 -32.56 10.79 -25.86
N GLN H 53 -33.40 11.38 -26.70
CA GLN H 53 -34.82 11.08 -26.65
C GLN H 53 -35.10 9.63 -27.01
N ASP H 54 -34.31 9.06 -27.92
CA ASP H 54 -34.42 7.64 -28.28
C ASP H 54 -34.14 6.76 -27.06
N VAL H 55 -33.12 7.11 -26.28
CA VAL H 55 -32.81 6.40 -25.04
C VAL H 55 -33.93 6.56 -24.03
N GLN H 56 -34.49 7.76 -23.94
CA GLN H 56 -35.59 8.05 -23.01
C GLN H 56 -36.84 7.20 -23.29
N GLU H 57 -37.15 6.98 -24.57
CA GLU H 57 -38.29 6.14 -24.95
C GLU H 57 -38.21 4.74 -24.34
N GLU H 58 -37.02 4.17 -24.35
CA GLU H 58 -36.79 2.84 -23.80
C GLU H 58 -36.99 2.85 -22.29
N GLY H 59 -36.77 4.01 -21.68
CA GLY H 59 -36.92 4.16 -20.25
C GLY H 59 -35.87 5.07 -19.67
N PHE H 60 -36.25 5.79 -18.63
CA PHE H 60 -35.34 6.68 -17.92
C PHE H 60 -34.26 5.86 -17.23
N PRO H 61 -32.99 6.29 -17.37
CA PRO H 61 -31.89 5.65 -16.66
C PRO H 61 -32.12 5.67 -15.15
N ALA H 62 -31.81 4.56 -14.50
CA ALA H 62 -31.97 4.40 -13.07
C ALA H 62 -31.37 5.49 -12.17
N PRO H 63 -30.12 5.92 -12.44
CA PRO H 63 -29.55 6.96 -11.56
C PRO H 63 -30.32 8.27 -11.64
N VAL H 64 -30.95 8.52 -12.78
CA VAL H 64 -31.77 9.72 -12.97
C VAL H 64 -33.02 9.71 -12.09
N LEU H 65 -33.77 8.61 -12.14
CA LEU H 65 -34.99 8.48 -11.36
C LEU H 65 -34.64 8.53 -9.87
N THR H 66 -33.51 7.93 -9.52
CA THR H 66 -33.01 7.98 -8.15
C THR H 66 -32.70 9.41 -7.72
N MET H 67 -31.99 10.14 -8.57
CA MET H 67 -31.64 11.53 -8.26
C MET H 67 -32.87 12.42 -8.19
N ALA H 68 -33.78 12.25 -9.15
CA ALA H 68 -34.99 13.04 -9.20
C ALA H 68 -35.80 12.90 -7.92
N GLN H 69 -35.87 11.67 -7.41
CA GLN H 69 -36.64 11.38 -6.21
C GLN H 69 -35.99 11.96 -4.97
N GLN H 70 -34.66 11.91 -4.91
CA GLN H 70 -33.92 12.49 -3.80
C GLN H 70 -34.09 14.01 -3.74
N ILE H 71 -34.10 14.63 -4.92
CA ILE H 71 -34.32 16.07 -5.02
C ILE H 71 -35.74 16.43 -4.63
N ALA H 72 -36.69 15.70 -5.18
CA ALA H 72 -38.11 15.90 -4.92
C ALA H 72 -38.43 15.87 -3.42
N THR H 73 -37.80 14.95 -2.70
CA THR H 73 -38.08 14.80 -1.26
C THR H 73 -37.23 15.76 -0.43
N ALA H 74 -36.17 16.29 -1.03
CA ALA H 74 -35.33 17.25 -0.33
C ALA H 74 -36.05 18.59 -0.21
N ASP H 75 -35.70 19.38 0.80
CA ASP H 75 -36.31 20.71 0.96
C ASP H 75 -35.64 21.75 0.05
N ALA H 76 -34.39 21.50 -0.32
CA ALA H 76 -33.64 22.39 -1.19
C ALA H 76 -32.44 21.69 -1.79
N VAL H 77 -31.90 22.27 -2.86
CA VAL H 77 -30.73 21.70 -3.54
C VAL H 77 -29.63 22.75 -3.54
N VAL H 78 -28.41 22.32 -3.25
CA VAL H 78 -27.25 23.18 -3.38
C VAL H 78 -26.43 22.63 -4.53
N ILE H 79 -26.25 23.43 -5.59
CA ILE H 79 -25.44 23.00 -6.72
C ILE H 79 -24.04 23.59 -6.61
N VAL H 80 -23.05 22.72 -6.55
CA VAL H 80 -21.67 23.15 -6.42
C VAL H 80 -20.94 22.73 -7.69
N THR H 81 -20.46 23.69 -8.46
CA THR H 81 -19.92 23.36 -9.78
C THR H 81 -18.85 24.33 -10.21
N PRO H 82 -17.87 23.85 -10.99
CA PRO H 82 -16.91 24.76 -11.59
C PRO H 82 -17.54 25.44 -12.80
N GLU H 83 -16.78 26.34 -13.42
CA GLU H 83 -17.22 26.99 -14.65
C GLU H 83 -16.32 26.50 -15.77
N TYR H 84 -16.92 25.97 -16.84
CA TYR H 84 -16.15 25.58 -18.02
C TYR H 84 -16.47 26.47 -19.23
N ASN H 85 -15.43 27.06 -19.80
CA ASN H 85 -15.55 27.87 -21.01
C ASN H 85 -16.65 28.90 -20.89
N TYR H 86 -16.63 29.65 -19.79
CA TYR H 86 -17.62 30.71 -19.53
C TYR H 86 -19.04 30.18 -19.42
N SER H 87 -19.21 28.93 -19.02
CA SER H 87 -20.56 28.39 -18.91
C SER H 87 -20.62 27.23 -17.93
N VAL H 88 -21.71 26.47 -18.00
CA VAL H 88 -21.88 25.31 -17.13
C VAL H 88 -21.17 24.09 -17.73
N PRO H 89 -20.55 23.27 -16.87
CA PRO H 89 -19.92 22.04 -17.38
C PRO H 89 -20.95 21.20 -18.12
N GLY H 90 -20.59 20.70 -19.30
CA GLY H 90 -21.49 19.90 -20.10
C GLY H 90 -22.10 18.74 -19.35
N VAL H 91 -21.28 18.05 -18.54
CA VAL H 91 -21.75 16.93 -17.74
C VAL H 91 -22.89 17.31 -16.82
N LEU H 92 -22.72 18.45 -16.14
CA LEU H 92 -23.73 18.94 -15.23
C LEU H 92 -24.98 19.37 -15.98
N LYS H 93 -24.78 20.10 -17.07
CA LYS H 93 -25.92 20.48 -17.90
C LYS H 93 -26.63 19.22 -18.38
N ASN H 94 -25.86 18.17 -18.71
CA ASN H 94 -26.46 16.90 -19.12
C ASN H 94 -27.34 16.29 -18.03
N ALA H 95 -26.88 16.36 -16.79
CA ALA H 95 -27.67 15.88 -15.66
C ALA H 95 -28.95 16.70 -15.49
N ILE H 96 -28.84 18.03 -15.66
CA ILE H 96 -30.01 18.90 -15.63
C ILE H 96 -30.99 18.54 -16.73
N ASP H 97 -30.46 18.30 -17.93
CA ASP H 97 -31.28 17.95 -19.08
C ASP H 97 -32.13 16.72 -18.82
N TRP H 98 -31.50 15.69 -18.23
CA TRP H 98 -32.19 14.46 -17.88
C TRP H 98 -33.27 14.68 -16.81
N LEU H 99 -32.92 15.38 -15.73
CA LEU H 99 -33.88 15.68 -14.67
C LEU H 99 -35.10 16.44 -15.18
N SER H 100 -34.89 17.31 -16.16
CA SER H 100 -35.95 18.14 -16.71
C SER H 100 -37.04 17.36 -17.44
N ARG H 101 -36.71 16.13 -17.85
CA ARG H 101 -37.63 15.32 -18.65
C ARG H 101 -38.46 14.34 -17.81
N VAL H 102 -38.13 14.26 -16.52
CA VAL H 102 -38.85 13.40 -15.59
C VAL H 102 -40.23 13.98 -15.25
N SER H 103 -41.23 13.11 -15.11
CA SER H 103 -42.55 13.52 -14.60
C SER H 103 -42.83 12.83 -13.27
N PRO H 104 -43.11 13.61 -12.21
CA PRO H 104 -43.10 15.07 -12.20
C PRO H 104 -41.67 15.62 -12.16
N GLN H 105 -41.47 16.85 -12.61
CA GLN H 105 -40.13 17.42 -12.68
C GLN H 105 -39.67 17.97 -11.32
N PRO H 106 -38.55 17.42 -10.83
CA PRO H 106 -38.13 17.54 -9.42
C PRO H 106 -37.69 18.95 -9.01
N LEU H 107 -37.32 19.78 -9.97
CA LEU H 107 -36.80 21.12 -9.66
C LEU H 107 -37.88 22.20 -9.60
N ALA H 108 -39.08 21.88 -10.08
CA ALA H 108 -40.20 22.82 -10.04
C ALA H 108 -40.58 23.14 -8.59
N GLY H 109 -40.58 24.42 -8.25
CA GLY H 109 -40.92 24.88 -6.91
C GLY H 109 -39.79 24.64 -5.92
N LYS H 110 -38.68 24.08 -6.39
CA LYS H 110 -37.59 23.72 -5.50
C LYS H 110 -36.63 24.90 -5.25
N PRO H 111 -36.36 25.18 -3.97
CA PRO H 111 -35.31 26.16 -3.60
C PRO H 111 -33.91 25.63 -3.95
N VAL H 112 -33.10 26.48 -4.59
CA VAL H 112 -31.77 26.09 -5.03
C VAL H 112 -30.79 27.20 -4.68
N ALA H 113 -29.64 26.82 -4.13
CA ALA H 113 -28.55 27.78 -3.94
C ALA H 113 -27.40 27.33 -4.82
N LEU H 114 -26.67 28.29 -5.37
CA LEU H 114 -25.57 27.99 -6.28
C LEU H 114 -24.24 28.33 -5.62
N VAL H 115 -23.26 27.45 -5.79
CA VAL H 115 -21.93 27.68 -5.27
C VAL H 115 -20.92 27.31 -6.34
N THR H 116 -19.98 28.22 -6.62
CA THR H 116 -18.94 27.89 -7.58
C THR H 116 -17.57 28.21 -6.99
N ALA H 117 -16.63 27.32 -7.26
CA ALA H 117 -15.26 27.52 -6.80
C ALA H 117 -14.32 27.53 -8.00
N SER H 118 -13.36 28.44 -7.97
CA SER H 118 -12.40 28.59 -9.03
C SER H 118 -11.07 29.07 -8.46
N PRO H 119 -9.95 28.64 -9.06
CA PRO H 119 -8.63 29.13 -8.66
C PRO H 119 -8.43 30.59 -9.06
N GLY H 120 -9.25 31.08 -9.98
CA GLY H 120 -9.10 32.41 -10.52
C GLY H 120 -9.73 33.51 -9.68
N MET H 121 -10.25 34.54 -10.35
CA MET H 121 -10.84 35.70 -9.67
C MET H 121 -12.34 35.85 -9.89
N ILE H 122 -12.83 35.43 -11.06
CA ILE H 122 -14.25 35.52 -11.36
C ILE H 122 -15.05 34.55 -10.49
N GLY H 123 -14.48 33.37 -10.28
CA GLY H 123 -15.07 32.40 -9.37
C GLY H 123 -16.40 31.83 -9.82
N GLY H 124 -16.63 31.75 -11.13
CA GLY H 124 -17.83 31.13 -11.67
C GLY H 124 -19.09 31.97 -11.84
N ALA H 125 -18.95 33.28 -11.94
CA ALA H 125 -20.12 34.16 -12.11
C ALA H 125 -20.88 33.85 -13.39
N ARG H 126 -20.14 33.54 -14.45
CA ARG H 126 -20.77 33.26 -15.73
C ARG H 126 -21.53 31.92 -15.72
N ALA H 127 -20.96 30.90 -15.07
CA ALA H 127 -21.64 29.60 -14.95
C ALA H 127 -22.95 29.71 -14.17
N GLN H 128 -22.92 30.46 -13.08
CA GLN H 128 -24.11 30.65 -12.26
C GLN H 128 -25.23 31.35 -13.02
N ASN H 129 -24.85 32.33 -13.84
CA ASN H 129 -25.78 33.02 -14.71
C ASN H 129 -26.53 32.07 -15.64
N HIS H 130 -25.78 31.26 -16.39
CA HIS H 130 -26.37 30.29 -17.33
C HIS H 130 -27.20 29.23 -16.61
N LEU H 131 -26.71 28.78 -15.46
CA LEU H 131 -27.45 27.85 -14.62
C LEU H 131 -28.78 28.44 -14.19
N ARG H 132 -28.76 29.70 -13.73
CA ARG H 132 -29.98 30.40 -13.33
C ARG H 132 -31.01 30.43 -14.44
N GLN H 133 -30.55 30.73 -15.65
CA GLN H 133 -31.44 30.82 -16.81
C GLN H 133 -32.18 29.51 -17.05
N SER H 134 -31.45 28.40 -16.99
CA SER H 134 -32.07 27.09 -17.14
C SER H 134 -33.06 26.79 -16.01
N LEU H 135 -32.66 27.13 -14.79
CA LEU H 135 -33.48 26.86 -13.61
C LEU H 135 -34.77 27.68 -13.60
N VAL H 136 -34.74 28.86 -14.23
CA VAL H 136 -35.96 29.65 -14.42
C VAL H 136 -36.95 28.84 -15.25
N PHE H 137 -36.45 28.28 -16.34
CA PHE H 137 -37.27 27.44 -17.21
C PHE H 137 -37.87 26.25 -16.44
N LEU H 138 -37.09 25.72 -15.50
CA LEU H 138 -37.54 24.59 -14.70
C LEU H 138 -38.32 25.03 -13.46
N ASP H 139 -38.66 26.31 -13.38
CA ASP H 139 -39.49 26.82 -12.29
C ASP H 139 -38.88 26.59 -10.91
N ALA H 140 -37.56 26.55 -10.84
CA ALA H 140 -36.91 26.46 -9.54
C ALA H 140 -36.90 27.84 -8.91
N TYR H 141 -36.76 27.88 -7.60
CA TYR H 141 -36.64 29.14 -6.88
C TYR H 141 -35.19 29.27 -6.47
N VAL H 142 -34.37 29.97 -7.24
CA VAL H 142 -32.96 30.04 -6.88
C VAL H 142 -32.58 31.27 -6.05
N LEU H 143 -31.87 31.02 -4.96
CA LEU H 143 -31.47 32.05 -4.01
C LEU H 143 -30.78 33.20 -4.72
N ASN H 144 -31.30 34.41 -4.53
CA ASN H 144 -30.68 35.63 -5.05
C ASN H 144 -29.42 36.01 -4.27
N ARG H 145 -29.50 35.91 -2.94
CA ARG H 145 -28.47 36.42 -2.02
C ARG H 145 -28.31 35.50 -0.82
N PRO H 146 -27.07 35.33 -0.31
CA PRO H 146 -25.82 35.87 -0.84
C PRO H 146 -25.32 34.97 -1.98
N GLU H 147 -24.59 35.55 -2.92
CA GLU H 147 -24.04 34.79 -4.01
C GLU H 147 -22.71 34.17 -3.57
N ALA H 148 -22.52 32.89 -3.89
CA ALA H 148 -21.34 32.18 -3.42
C ALA H 148 -20.39 31.85 -4.57
N MET H 149 -19.50 32.79 -4.86
CA MET H 149 -18.43 32.57 -5.83
C MET H 149 -17.09 32.61 -5.13
N ILE H 150 -16.49 31.45 -4.97
CA ILE H 150 -15.25 31.33 -4.20
C ILE H 150 -14.05 31.34 -5.13
N GLY H 151 -13.40 32.49 -5.23
CA GLY H 151 -12.23 32.64 -6.08
C GLY H 151 -10.96 32.29 -5.32
N GLN H 152 -9.86 32.14 -6.06
CA GLN H 152 -8.55 31.84 -5.46
C GLN H 152 -8.64 30.70 -4.46
N VAL H 153 -9.35 29.65 -4.88
CA VAL H 153 -9.72 28.54 -4.02
C VAL H 153 -8.50 27.69 -3.63
N THR H 154 -7.43 27.78 -4.41
CA THR H 154 -6.23 26.97 -4.19
C THR H 154 -5.67 27.13 -2.77
N GLY H 155 -5.70 28.35 -2.26
CA GLY H 155 -5.22 28.62 -0.91
C GLY H 155 -6.31 28.55 0.15
N LYS H 156 -7.49 28.11 -0.28
CA LYS H 156 -8.65 28.04 0.60
C LYS H 156 -8.91 26.59 0.98
N VAL H 157 -8.36 25.69 0.18
CA VAL H 157 -8.26 24.29 0.55
C VAL H 157 -6.79 23.94 0.71
N ASP H 158 -6.47 23.17 1.74
CA ASP H 158 -5.09 22.75 1.91
C ASP H 158 -4.95 21.52 1.02
N ALA H 159 -3.91 21.50 0.18
CA ALA H 159 -3.73 20.38 -0.73
C ALA H 159 -3.45 19.11 0.05
N GLN H 160 -3.61 17.97 -0.61
CA GLN H 160 -3.34 16.66 -0.01
C GLN H 160 -4.31 16.22 1.10
N THR H 161 -4.87 17.18 1.84
CA THR H 161 -5.70 16.85 3.00
C THR H 161 -7.21 16.98 2.72
N LEU H 162 -7.53 17.24 1.45
CA LEU H 162 -8.88 17.11 0.91
C LEU H 162 -9.94 18.15 1.29
N GLU H 163 -9.89 18.67 2.50
CA GLU H 163 -11.01 19.45 3.02
C GLU H 163 -10.83 20.98 2.95
N LEU H 164 -11.96 21.68 2.84
CA LEU H 164 -12.03 23.14 2.86
C LEU H 164 -11.70 23.68 4.25
N SER H 165 -10.62 24.46 4.33
CA SER H 165 -10.10 24.93 5.61
C SER H 165 -10.30 26.42 5.89
N ASP H 166 -10.45 27.24 4.84
CA ASP H 166 -10.63 28.68 5.02
C ASP H 166 -11.88 28.97 5.86
N VAL H 167 -11.67 29.46 7.08
CA VAL H 167 -12.76 29.67 8.02
C VAL H 167 -13.76 30.72 7.52
N ALA H 168 -13.26 31.76 6.86
CA ALA H 168 -14.12 32.81 6.33
C ALA H 168 -15.06 32.22 5.29
N THR H 169 -14.53 31.30 4.49
CA THR H 169 -15.33 30.60 3.49
C THR H 169 -16.39 29.73 4.15
N ARG H 170 -16.01 28.99 5.19
CA ARG H 170 -16.98 28.14 5.89
C ARG H 170 -18.13 28.94 6.48
N GLU H 171 -17.81 30.07 7.10
CA GLU H 171 -18.82 30.92 7.71
C GLU H 171 -19.73 31.53 6.63
N PHE H 172 -19.13 31.94 5.52
CA PHE H 172 -19.91 32.47 4.40
C PHE H 172 -20.91 31.45 3.85
N LEU H 173 -20.43 30.23 3.63
CA LEU H 173 -21.30 29.17 3.12
C LEU H 173 -22.42 28.89 4.12
N ALA H 174 -22.07 28.97 5.41
CA ALA H 174 -23.06 28.81 6.48
C ALA H 174 -24.16 29.84 6.36
N ARG H 175 -23.78 31.07 6.07
CA ARG H 175 -24.74 32.15 5.90
C ARG H 175 -25.65 31.93 4.69
N GLN H 176 -25.08 31.44 3.59
CA GLN H 176 -25.86 31.14 2.39
C GLN H 176 -26.86 30.04 2.70
N LEU H 177 -26.41 29.06 3.48
CA LEU H 177 -27.28 27.96 3.89
C LEU H 177 -28.45 28.48 4.74
N ASP H 178 -28.16 29.46 5.61
CA ASP H 178 -29.22 30.09 6.40
C ASP H 178 -30.23 30.77 5.48
N ALA H 179 -29.73 31.51 4.50
CA ALA H 179 -30.63 32.19 3.56
C ALA H 179 -31.42 31.17 2.76
N LEU H 180 -30.80 30.06 2.41
CA LEU H 180 -31.52 29.01 1.66
C LEU H 180 -32.63 28.42 2.53
N ALA H 181 -32.32 28.20 3.81
CA ALA H 181 -33.32 27.72 4.77
C ALA H 181 -34.51 28.68 4.88
N ALA H 182 -34.19 29.97 5.02
CA ALA H 182 -35.22 30.99 5.11
C ALA H 182 -36.09 31.03 3.85
N LEU H 183 -35.46 30.89 2.68
CA LEU H 183 -36.20 30.89 1.41
C LEU H 183 -37.17 29.71 1.29
N ALA H 184 -36.69 28.52 1.62
CA ALA H 184 -37.51 27.32 1.54
C ALA H 184 -38.76 27.38 2.43
N ARG H 185 -38.58 27.86 3.65
CA ARG H 185 -39.70 27.93 4.60
C ARG H 185 -40.74 28.97 4.20
N THR H 186 -40.30 30.06 3.59
CA THR H 186 -41.22 31.10 3.12
C THR H 186 -42.14 30.54 2.02
N LEU H 187 -41.55 29.73 1.16
CA LEU H 187 -42.25 29.17 0.02
C LEU H 187 -43.14 27.99 0.42
N SER H 188 -42.92 27.48 1.63
CA SER H 188 -43.70 26.35 2.15
C SER H 188 -45.15 26.74 2.38
N1 FMN I . 41.52 12.28 -5.76
C2 FMN I . 41.61 13.46 -6.48
O2 FMN I . 41.83 14.52 -5.89
N3 FMN I . 41.46 13.44 -7.86
C4 FMN I . 41.22 12.25 -8.52
O4 FMN I . 41.09 12.26 -9.75
C4A FMN I . 41.14 11.06 -7.80
N5 FMN I . 40.90 9.87 -8.44
C5A FMN I . 40.80 8.68 -7.72
C6 FMN I . 40.56 7.48 -8.40
C7 FMN I . 40.45 6.29 -7.70
C7M FMN I . 40.18 5.01 -8.43
C8 FMN I . 40.61 6.30 -6.31
C8M FMN I . 40.49 5.02 -5.52
C9 FMN I . 40.85 7.49 -5.63
C9A FMN I . 40.95 8.70 -6.34
N10 FMN I . 41.19 9.90 -5.69
C10 FMN I . 41.29 11.08 -6.41
C1' FMN I . 41.39 9.95 -4.20
C2' FMN I . 40.10 9.96 -3.41
O2' FMN I . 39.57 11.27 -3.37
C3' FMN I . 40.43 9.49 -2.00
O3' FMN I . 40.61 8.10 -2.01
C4' FMN I . 39.30 9.84 -1.07
O4' FMN I . 39.69 9.65 0.28
C5' FMN I . 38.14 8.93 -1.41
O5' FMN I . 37.01 9.38 -0.69
P FMN I . 36.58 8.58 0.62
O1P FMN I . 37.64 8.81 1.68
O2P FMN I . 35.24 9.15 1.09
O3P FMN I . 36.44 7.09 0.33
N1 FMN J . 6.60 -20.32 14.21
C2 FMN J . 5.80 -20.19 15.33
O2 FMN J . 4.57 -20.06 15.18
N3 FMN J . 6.37 -20.21 16.58
C4 FMN J . 7.73 -20.36 16.74
O4 FMN J . 8.21 -20.38 17.88
C4A FMN J . 8.55 -20.50 15.61
N5 FMN J . 9.92 -20.67 15.72
C5A FMN J . 10.72 -20.77 14.60
C6 FMN J . 12.10 -20.92 14.70
C7 FMN J . 12.89 -21.03 13.55
C7M FMN J . 14.39 -21.19 13.66
C8 FMN J . 12.28 -21.00 12.30
C8M FMN J . 13.10 -21.13 11.05
C9 FMN J . 10.90 -20.86 12.19
C9A FMN J . 10.12 -20.74 13.33
N10 FMN J . 8.75 -20.58 13.23
C10 FMN J . 7.96 -20.46 14.35
C1' FMN J . 8.09 -20.57 11.88
C2' FMN J . 7.91 -19.18 11.32
O2' FMN J . 6.81 -18.59 11.97
C3' FMN J . 7.64 -19.34 9.83
O3' FMN J . 8.75 -19.97 9.21
C4' FMN J . 7.43 -17.97 9.20
O4' FMN J . 6.86 -18.13 7.92
C5' FMN J . 8.78 -17.27 9.09
O5' FMN J . 8.56 -15.92 8.78
P FMN J . 8.87 -15.43 7.28
O1P FMN J . 7.89 -16.16 6.39
O2P FMN J . 8.64 -13.94 7.21
O3P FMN J . 10.28 -15.78 6.91
N1 FMN K . -12.02 28.36 -15.04
C2 FMN K . -12.50 29.65 -15.16
O2 FMN K . -12.29 30.48 -14.27
N3 FMN K . -13.24 30.03 -16.27
C4 FMN K . -13.50 29.12 -17.26
O4 FMN K . -14.16 29.47 -18.25
C4A FMN K . -12.99 27.82 -17.16
N5 FMN K . -13.24 26.89 -18.16
C5A FMN K . -12.77 25.59 -18.06
C6 FMN K . -13.03 24.67 -19.08
C7 FMN K . -12.55 23.36 -18.97
C7M FMN K . -12.83 22.37 -20.07
C8 FMN K . -11.81 23.00 -17.86
C8M FMN K . -11.28 21.60 -17.72
C9 FMN K . -11.55 23.91 -16.85
C9A FMN K . -12.03 25.21 -16.94
N10 FMN K . -11.78 26.14 -15.93
C10 FMN K . -12.26 27.43 -16.04
C1' FMN K . -10.97 25.72 -14.72
C2' FMN K . -11.86 25.19 -13.60
O2' FMN K . -12.20 26.27 -12.77
C3' FMN K . -11.16 24.08 -12.79
O3' FMN K . -11.70 22.82 -13.12
C4' FMN K . -11.25 24.28 -11.28
O4' FMN K . -10.26 23.54 -10.61
C5' FMN K . -12.61 23.88 -10.71
O5' FMN K . -12.93 22.54 -11.05
P FMN K . -12.79 21.40 -9.93
O1P FMN K . -11.58 21.75 -9.08
O2P FMN K . -13.99 21.34 -9.03
O3P FMN K . -12.61 20.06 -10.63
#